data_7EXK
#
_entry.id   7EXK
#
_cell.length_a   84.063
_cell.length_b   52.428
_cell.length_c   134.625
_cell.angle_alpha   90.000
_cell.angle_beta   90.553
_cell.angle_gamma   90.000
#
_symmetry.space_group_name_H-M   'P 1 21 1'
#
loop_
_entity.id
_entity.type
_entity.pdbx_description
1 polymer 'Glycoside hydrolase family 61 protein'
2 non-polymer 2-acetamido-2-deoxy-beta-D-glucopyranose
3 non-polymer 'COPPER (II) ION'
4 non-polymer 2-AMINO-2-HYDROXYMETHYL-PROPANE-1,3-DIOL
5 non-polymer 1,2-ETHANEDIOL
6 non-polymer alpha-D-xylopyranose
7 non-polymer 'CALCIUM ION'
8 water water
#
_entity_poly.entity_id   1
_entity_poly.type   'polypeptide(L)'
_entity_poly.pdbx_seq_one_letter_code
;HYTLPDLIANGTVAADWQFVRETANHYTNGPVTDVTDEAIRCYELDYSATPGETNIATVSAGSTVGMQGNGAFYHPGYFS
AYLSQASPAANSPDAGTASTWFKIWEDPPVFENGALVFPSQSIDQVTFTIPKNLPSGQYLLRTEQIALHVASTFGGAQFY
IGCAQLNVVDGGSGTPGPTVAFPGAYTGNEPGILINIYDLPAGYTGYQSPGPAVWQG
;
_entity_poly.pdbx_strand_id   A,B,C,D,E,F
#
# COMPACT_ATOMS: atom_id res chain seq x y z
N HIS A 1 4.17 -32.35 16.40
CA HIS A 1 5.16 -31.37 15.97
C HIS A 1 6.05 -31.92 14.86
N TYR A 2 5.78 -31.51 13.62
CA TYR A 2 6.57 -31.98 12.49
C TYR A 2 6.36 -31.04 11.31
N THR A 3 7.35 -31.01 10.43
CA THR A 3 7.24 -30.29 9.17
C THR A 3 6.90 -31.27 8.06
N LEU A 4 6.49 -30.73 6.92
CA LEU A 4 6.20 -31.52 5.72
C LEU A 4 7.10 -31.03 4.59
N PRO A 5 8.39 -31.34 4.63
CA PRO A 5 9.35 -30.71 3.69
C PRO A 5 9.57 -31.38 2.35
N ASP A 6 9.14 -32.63 2.17
CA ASP A 6 9.53 -33.40 0.98
C ASP A 6 8.31 -33.70 0.13
N LEU A 7 8.29 -33.15 -1.08
CA LEU A 7 7.31 -33.59 -2.07
C LEU A 7 7.66 -35.00 -2.54
N ILE A 8 6.64 -35.82 -2.69
CA ILE A 8 6.78 -37.13 -3.32
C ILE A 8 6.20 -37.01 -4.72
N ALA A 9 6.99 -37.42 -5.71
CA ALA A 9 6.59 -37.28 -7.10
C ALA A 9 7.47 -38.22 -7.92
N ASN A 10 6.90 -38.75 -9.01
CA ASN A 10 7.56 -39.74 -9.86
C ASN A 10 8.06 -40.94 -9.08
N GLY A 11 7.35 -41.31 -8.02
CA GLY A 11 7.81 -42.44 -7.23
C GLY A 11 9.06 -42.19 -6.43
N THR A 12 9.53 -40.95 -6.32
CA THR A 12 10.71 -40.64 -5.52
C THR A 12 10.45 -39.45 -4.62
N VAL A 13 11.24 -39.36 -3.55
CA VAL A 13 11.10 -38.31 -2.56
C VAL A 13 12.13 -37.23 -2.85
N ALA A 14 11.67 -35.98 -2.96
CA ALA A 14 12.51 -34.81 -3.19
C ALA A 14 13.26 -34.43 -1.91
N ALA A 15 14.22 -33.51 -2.05
CA ALA A 15 14.98 -33.04 -0.90
C ALA A 15 14.15 -32.06 -0.07
N ASP A 16 14.59 -31.84 1.17
CA ASP A 16 13.90 -30.89 2.04
C ASP A 16 13.78 -29.53 1.35
N TRP A 17 12.55 -29.03 1.24
CA TRP A 17 12.21 -27.72 0.69
C TRP A 17 12.63 -27.57 -0.77
N GLN A 18 12.97 -28.66 -1.46
CA GLN A 18 13.28 -28.54 -2.87
C GLN A 18 12.07 -28.04 -3.66
N PHE A 19 10.90 -28.64 -3.41
CA PHE A 19 9.67 -28.25 -4.07
C PHE A 19 8.64 -27.72 -3.09
N VAL A 20 8.93 -27.75 -1.80
CA VAL A 20 8.00 -27.34 -0.76
C VAL A 20 8.48 -26.03 -0.16
N ARG A 21 7.57 -25.07 -0.03
CA ARG A 21 7.92 -23.77 0.54
C ARG A 21 8.30 -23.93 2.01
N GLU A 22 9.54 -23.56 2.34
CA GLU A 22 10.01 -23.70 3.71
C GLU A 22 9.08 -22.96 4.66
N THR A 23 8.65 -23.67 5.70
CA THR A 23 7.64 -23.16 6.59
C THR A 23 8.28 -22.53 7.83
N ALA A 24 7.51 -21.67 8.49
CA ALA A 24 8.07 -20.86 9.57
C ALA A 24 8.47 -21.69 10.79
N ASN A 25 7.95 -22.91 10.92
CA ASN A 25 8.29 -23.79 12.02
C ASN A 25 9.45 -24.72 11.70
N HIS A 26 10.31 -24.34 10.74
CA HIS A 26 11.35 -25.25 10.29
C HIS A 26 12.24 -25.70 11.44
N TYR A 27 12.44 -24.84 12.45
CA TYR A 27 13.14 -25.21 13.69
CA TYR A 27 13.14 -25.27 13.65
C TYR A 27 12.19 -25.84 14.71
N THR A 28 11.14 -25.09 15.07
CA THR A 28 10.31 -25.48 16.21
C THR A 28 9.38 -26.66 15.90
N ASN A 29 9.04 -26.87 14.63
CA ASN A 29 8.03 -27.85 14.22
C ASN A 29 6.65 -27.59 14.82
N GLY A 30 6.41 -26.41 15.39
CA GLY A 30 5.14 -26.12 16.04
C GLY A 30 4.06 -25.87 15.01
N PRO A 31 2.80 -25.97 15.42
CA PRO A 31 1.68 -25.84 14.48
C PRO A 31 1.20 -24.41 14.28
N VAL A 32 0.51 -24.21 13.15
CA VAL A 32 -0.37 -23.06 13.02
C VAL A 32 -1.62 -23.33 13.84
N THR A 33 -2.08 -22.30 14.58
CA THR A 33 -3.26 -22.41 15.41
C THR A 33 -4.34 -21.36 15.15
N ASP A 34 -4.11 -20.42 14.23
CA ASP A 34 -5.06 -19.35 13.93
C ASP A 34 -5.51 -19.48 12.48
N VAL A 35 -6.74 -19.94 12.26
CA VAL A 35 -7.22 -20.11 10.89
C VAL A 35 -7.51 -18.79 10.19
N THR A 36 -7.56 -17.68 10.94
CA THR A 36 -7.72 -16.37 10.31
C THR A 36 -6.38 -15.79 9.88
N ASP A 37 -5.28 -16.43 10.29
CA ASP A 37 -3.93 -15.97 10.00
C ASP A 37 -3.49 -16.45 8.62
N GLU A 38 -2.80 -15.58 7.89
CA GLU A 38 -2.31 -15.92 6.56
C GLU A 38 -1.48 -17.19 6.56
N ALA A 39 -0.87 -17.53 7.69
CA ALA A 39 -0.05 -18.73 7.79
C ALA A 39 -0.84 -20.00 7.49
N ILE A 40 -2.17 -19.97 7.67
CA ILE A 40 -3.00 -21.15 7.47
C ILE A 40 -2.91 -21.63 6.03
N ARG A 41 -2.45 -20.79 5.12
CA ARG A 41 -2.40 -21.19 3.72
C ARG A 41 -1.19 -22.08 3.45
N CYS A 42 0.01 -21.51 3.57
CA CYS A 42 1.22 -22.24 3.25
C CYS A 42 2.30 -22.17 4.31
N TYR A 43 2.05 -21.46 5.40
CA TYR A 43 2.92 -21.47 6.56
C TYR A 43 4.35 -21.04 6.20
N GLU A 44 4.49 -20.20 5.17
CA GLU A 44 5.82 -19.88 4.66
C GLU A 44 6.66 -19.22 5.74
N LEU A 45 7.96 -19.48 5.67
CA LEU A 45 8.93 -18.78 6.50
C LEU A 45 8.91 -17.29 6.20
N ASP A 46 8.78 -16.92 4.92
CA ASP A 46 8.77 -15.51 4.55
C ASP A 46 7.91 -15.38 3.29
N TYR A 47 6.77 -14.72 3.43
CA TYR A 47 5.80 -14.71 2.34
C TYR A 47 6.38 -14.19 1.04
N SER A 48 7.23 -13.16 1.10
CA SER A 48 7.72 -12.59 -0.15
C SER A 48 8.90 -13.36 -0.73
N ALA A 49 9.73 -13.97 0.12
CA ALA A 49 10.95 -14.61 -0.37
C ALA A 49 10.77 -16.09 -0.66
N THR A 50 10.09 -16.82 0.24
CA THR A 50 10.12 -18.28 0.18
C THR A 50 9.63 -18.86 -1.15
N PRO A 51 8.56 -18.37 -1.79
CA PRO A 51 8.18 -18.97 -3.07
C PRO A 51 9.27 -18.93 -4.11
N GLY A 52 9.95 -17.78 -4.23
CA GLY A 52 11.06 -17.68 -5.16
C GLY A 52 12.24 -18.56 -4.80
N GLU A 53 12.32 -18.99 -3.55
CA GLU A 53 13.35 -19.89 -3.10
C GLU A 53 12.98 -21.35 -3.29
N THR A 54 11.89 -21.63 -4.00
CA THR A 54 11.35 -22.98 -4.11
C THR A 54 11.28 -23.40 -5.57
N ASN A 55 11.76 -24.60 -5.87
CA ASN A 55 11.65 -25.08 -7.23
C ASN A 55 10.22 -25.54 -7.52
N ILE A 56 9.96 -25.85 -8.79
CA ILE A 56 8.63 -26.26 -9.27
C ILE A 56 8.77 -27.64 -9.86
N ALA A 57 7.97 -28.59 -9.35
CA ALA A 57 8.05 -29.97 -9.78
C ALA A 57 7.04 -30.25 -10.89
N THR A 58 7.51 -30.86 -11.99
CA THR A 58 6.63 -31.21 -13.09
C THR A 58 6.11 -32.64 -12.89
N VAL A 59 4.78 -32.77 -12.88
CA VAL A 59 4.14 -34.07 -12.73
C VAL A 59 2.98 -34.18 -13.72
N SER A 60 2.62 -35.41 -14.07
CA SER A 60 1.52 -35.61 -15.00
C SER A 60 0.22 -35.83 -14.25
N ALA A 61 -0.87 -35.30 -14.79
CA ALA A 61 -2.19 -35.58 -14.25
C ALA A 61 -2.41 -37.08 -14.23
N GLY A 62 -3.10 -37.56 -13.19
CA GLY A 62 -3.27 -38.97 -12.97
C GLY A 62 -2.14 -39.63 -12.19
N SER A 63 -1.00 -38.96 -12.07
CA SER A 63 0.10 -39.55 -11.34
C SER A 63 -0.08 -39.37 -9.84
N THR A 64 0.62 -40.23 -9.09
CA THR A 64 0.59 -40.20 -7.64
C THR A 64 1.65 -39.24 -7.13
N VAL A 65 1.24 -38.35 -6.21
CA VAL A 65 2.15 -37.47 -5.51
C VAL A 65 1.86 -37.61 -4.03
N GLY A 66 2.60 -36.87 -3.22
CA GLY A 66 2.39 -36.94 -1.80
C GLY A 66 3.38 -36.07 -1.08
N MET A 67 3.38 -36.19 0.25
CA MET A 67 4.25 -35.40 1.08
C MET A 67 4.84 -36.30 2.15
N GLN A 68 6.12 -36.13 2.43
CA GLN A 68 6.78 -36.81 3.54
C GLN A 68 7.14 -35.80 4.61
N GLY A 69 6.82 -36.13 5.87
CA GLY A 69 7.21 -35.29 6.99
C GLY A 69 8.67 -35.48 7.40
N ASN A 70 9.12 -34.62 8.30
CA ASN A 70 10.44 -34.83 8.90
C ASN A 70 10.38 -35.80 10.06
N GLY A 71 9.26 -36.47 10.22
CA GLY A 71 9.11 -37.50 11.23
C GLY A 71 7.72 -38.09 11.12
N ALA A 72 7.46 -39.10 11.95
CA ALA A 72 6.15 -39.73 11.92
C ALA A 72 5.09 -38.72 12.36
N PHE A 73 3.91 -38.84 11.76
CA PHE A 73 2.77 -37.97 12.06
C PHE A 73 2.07 -38.51 13.30
N TYR A 74 2.68 -38.28 14.47
CA TYR A 74 2.27 -39.02 15.66
C TYR A 74 1.02 -38.45 16.34
N HIS A 75 0.58 -37.24 16.00
CA HIS A 75 -0.70 -36.82 16.56
C HIS A 75 -1.85 -37.44 15.79
N PRO A 76 -2.95 -37.73 16.45
CA PRO A 76 -4.17 -38.16 15.74
C PRO A 76 -4.79 -36.98 15.02
N GLY A 77 -5.16 -37.15 13.77
CA GLY A 77 -5.73 -36.01 13.09
C GLY A 77 -6.40 -36.34 11.78
N TYR A 78 -6.80 -35.28 11.11
CA TYR A 78 -7.46 -35.30 9.81
C TYR A 78 -6.44 -34.78 8.80
N PHE A 79 -6.33 -35.45 7.65
CA PHE A 79 -5.40 -35.04 6.60
C PHE A 79 -6.20 -34.54 5.39
N SER A 80 -5.63 -33.56 4.68
CA SER A 80 -6.26 -33.11 3.44
C SER A 80 -5.20 -32.63 2.47
N ALA A 81 -5.60 -32.53 1.21
CA ALA A 81 -4.76 -31.96 0.17
C ALA A 81 -5.63 -31.10 -0.73
N TYR A 82 -5.18 -29.88 -0.97
CA TYR A 82 -5.86 -28.94 -1.84
C TYR A 82 -4.90 -28.56 -2.95
N LEU A 83 -5.48 -28.31 -4.12
CA LEU A 83 -4.78 -27.74 -5.25
C LEU A 83 -5.35 -26.37 -5.52
N SER A 84 -4.50 -25.49 -6.06
CA SER A 84 -4.93 -24.23 -6.64
C SER A 84 -4.14 -23.99 -7.91
N GLN A 85 -4.82 -23.51 -8.96
CA GLN A 85 -4.10 -22.96 -10.10
C GLN A 85 -3.12 -21.89 -9.62
N ALA A 86 -1.95 -21.86 -10.24
CA ALA A 86 -0.87 -21.00 -9.78
C ALA A 86 -0.48 -20.04 -10.90
N SER A 87 -0.86 -18.76 -10.76
CA SER A 87 -0.55 -17.72 -11.73
C SER A 87 0.22 -16.59 -11.05
N PRO A 88 1.34 -16.12 -11.63
CA PRO A 88 1.89 -16.53 -12.94
C PRO A 88 2.57 -17.89 -13.06
N ALA A 89 2.97 -18.47 -11.92
CA ALA A 89 3.61 -19.79 -11.86
C ALA A 89 3.55 -20.26 -10.41
N ALA A 90 3.86 -21.53 -10.20
CA ALA A 90 3.78 -22.06 -8.84
C ALA A 90 4.77 -21.40 -7.89
N ASN A 91 5.84 -20.78 -8.40
CA ASN A 91 6.84 -20.17 -7.53
C ASN A 91 6.57 -18.71 -7.28
N SER A 92 5.34 -18.28 -7.45
CA SER A 92 5.01 -16.89 -7.18
C SER A 92 4.27 -16.77 -5.86
N PRO A 93 4.57 -15.73 -5.08
CA PRO A 93 3.73 -15.42 -3.90
C PRO A 93 2.32 -15.00 -4.27
N ASP A 94 2.04 -14.74 -5.55
CA ASP A 94 0.68 -14.48 -5.97
C ASP A 94 -0.12 -15.77 -6.14
N ALA A 95 0.55 -16.91 -6.24
CA ALA A 95 -0.16 -18.17 -6.47
C ALA A 95 -1.04 -18.49 -5.27
N GLY A 96 -2.29 -18.85 -5.54
CA GLY A 96 -3.19 -19.26 -4.48
C GLY A 96 -3.65 -18.18 -3.53
N THR A 97 -3.48 -16.90 -3.89
CA THR A 97 -3.98 -15.86 -3.01
C THR A 97 -5.48 -15.67 -3.18
N ALA A 98 -6.06 -16.19 -4.26
CA ALA A 98 -7.47 -16.06 -4.50
C ALA A 98 -8.19 -17.34 -4.09
N SER A 99 -9.52 -17.35 -4.28
CA SER A 99 -10.33 -18.51 -3.90
C SER A 99 -10.30 -19.49 -5.06
N THR A 100 -9.16 -20.12 -5.23
CA THR A 100 -8.95 -21.09 -6.27
C THR A 100 -8.55 -22.43 -5.69
N TRP A 101 -8.60 -22.55 -4.36
CA TRP A 101 -8.22 -23.81 -3.72
C TRP A 101 -9.39 -24.79 -3.77
N PHE A 102 -9.12 -25.98 -4.26
CA PHE A 102 -10.12 -27.03 -4.25
C PHE A 102 -9.52 -28.27 -3.64
N LYS A 103 -10.33 -28.98 -2.86
CA LYS A 103 -9.88 -30.18 -2.18
C LYS A 103 -9.86 -31.34 -3.17
N ILE A 104 -8.75 -32.09 -3.16
CA ILE A 104 -8.62 -33.27 -4.02
C ILE A 104 -8.53 -34.55 -3.22
N TRP A 105 -8.37 -34.47 -1.91
CA TRP A 105 -8.11 -35.69 -1.17
C TRP A 105 -8.23 -35.37 0.31
N GLU A 106 -8.69 -36.35 1.06
CA GLU A 106 -8.70 -36.22 2.50
C GLU A 106 -8.59 -37.60 3.09
N ASP A 107 -8.12 -37.64 4.33
CA ASP A 107 -7.99 -38.90 5.05
C ASP A 107 -8.49 -38.61 6.44
N PRO A 108 -9.79 -38.75 6.66
CA PRO A 108 -10.37 -38.34 7.93
C PRO A 108 -10.39 -39.47 8.94
N PRO A 109 -10.52 -39.16 10.22
CA PRO A 109 -10.88 -40.19 11.19
C PRO A 109 -12.26 -40.72 10.87
N VAL A 110 -12.52 -41.97 11.27
CA VAL A 110 -13.80 -42.62 11.04
C VAL A 110 -14.39 -43.01 12.38
N PHE A 111 -15.69 -42.80 12.51
CA PHE A 111 -16.41 -43.09 13.75
C PHE A 111 -16.85 -44.56 13.71
N GLU A 112 -16.13 -45.41 14.44
CA GLU A 112 -16.49 -46.83 14.50
C GLU A 112 -16.39 -47.32 15.95
N ASN A 113 -17.30 -48.25 16.29
CA ASN A 113 -17.43 -48.75 17.65
C ASN A 113 -17.53 -47.63 18.67
N GLY A 114 -18.24 -46.55 18.30
CA GLY A 114 -18.42 -45.50 19.27
C GLY A 114 -17.20 -44.65 19.56
N ALA A 115 -16.13 -44.78 18.79
CA ALA A 115 -14.92 -43.98 19.01
C ALA A 115 -14.34 -43.58 17.66
N LEU A 116 -13.60 -42.46 17.65
CA LEU A 116 -12.98 -42.05 16.39
C LEU A 116 -11.73 -42.89 16.16
N VAL A 117 -11.61 -43.43 14.95
CA VAL A 117 -10.42 -44.17 14.53
C VAL A 117 -9.68 -43.33 13.52
N PHE A 118 -8.47 -43.00 13.84
CA PHE A 118 -7.65 -42.07 13.11
C PHE A 118 -6.72 -42.79 12.16
N PRO A 119 -6.33 -42.13 11.06
CA PRO A 119 -5.25 -42.67 10.23
C PRO A 119 -4.01 -42.93 11.08
N SER A 120 -3.13 -43.76 10.53
CA SER A 120 -1.97 -44.22 11.27
C SER A 120 -1.15 -43.07 11.82
N GLN A 121 -0.74 -43.22 13.08
CA GLN A 121 0.14 -42.28 13.74
C GLN A 121 1.59 -42.75 13.73
N SER A 122 1.91 -43.76 12.92
CA SER A 122 3.27 -44.19 12.69
C SER A 122 3.78 -43.91 11.27
N ILE A 123 2.90 -43.46 10.36
CA ILE A 123 3.34 -43.10 9.02
C ILE A 123 4.02 -41.73 9.07
N ASP A 124 4.97 -41.53 8.17
CA ASP A 124 5.57 -40.22 7.99
C ASP A 124 5.31 -39.66 6.60
N GLN A 125 4.39 -40.23 5.84
CA GLN A 125 4.07 -39.70 4.52
C GLN A 125 2.60 -39.93 4.21
N VAL A 126 2.10 -39.14 3.27
CA VAL A 126 0.78 -39.32 2.68
C VAL A 126 0.94 -39.23 1.17
N THR A 127 0.13 -39.99 0.45
CA THR A 127 0.11 -39.97 -1.01
C THR A 127 -1.33 -39.91 -1.50
N PHE A 128 -1.51 -39.36 -2.70
CA PHE A 128 -2.83 -39.17 -3.29
C PHE A 128 -2.61 -38.87 -4.76
N THR A 129 -3.71 -38.64 -5.48
CA THR A 129 -3.69 -38.57 -6.93
C THR A 129 -3.99 -37.15 -7.42
N ILE A 130 -3.15 -36.66 -8.33
CA ILE A 130 -3.50 -35.49 -9.13
C ILE A 130 -4.63 -35.95 -10.05
N PRO A 131 -5.79 -35.32 -10.05
CA PRO A 131 -6.92 -35.84 -10.84
C PRO A 131 -6.56 -35.95 -12.33
N LYS A 132 -6.90 -37.09 -12.94
CA LYS A 132 -6.52 -37.31 -14.34
C LYS A 132 -7.11 -36.24 -15.24
N ASN A 133 -8.31 -35.78 -14.92
CA ASN A 133 -9.04 -34.78 -15.69
C ASN A 133 -8.62 -33.38 -15.36
N LEU A 134 -7.61 -33.22 -14.52
CA LEU A 134 -7.11 -31.89 -14.14
C LEU A 134 -6.46 -31.23 -15.35
N PRO A 135 -6.78 -29.97 -15.66
CA PRO A 135 -6.14 -29.31 -16.78
C PRO A 135 -4.63 -29.19 -16.56
N SER A 136 -3.87 -29.32 -17.65
CA SER A 136 -2.44 -29.07 -17.55
C SER A 136 -2.22 -27.62 -17.14
N GLY A 137 -1.16 -27.39 -16.39
CA GLY A 137 -0.82 -26.06 -15.91
C GLY A 137 -0.07 -26.15 -14.60
N GLN A 138 0.23 -24.98 -14.04
CA GLN A 138 0.95 -24.90 -12.78
C GLN A 138 0.02 -24.73 -11.59
N TYR A 139 0.29 -25.46 -10.51
CA TYR A 139 -0.56 -25.43 -9.33
C TYR A 139 0.26 -25.40 -8.05
N LEU A 140 -0.33 -24.81 -7.01
CA LEU A 140 0.10 -25.04 -5.64
C LEU A 140 -0.66 -26.23 -5.07
N LEU A 141 0.07 -27.12 -4.39
CA LEU A 141 -0.49 -28.25 -3.66
C LEU A 141 -0.31 -27.98 -2.17
N ARG A 142 -1.41 -27.85 -1.43
CA ARG A 142 -1.37 -27.66 0.02
C ARG A 142 -1.78 -28.95 0.71
N THR A 143 -0.89 -29.50 1.51
CA THR A 143 -1.14 -30.70 2.29
C THR A 143 -1.10 -30.31 3.76
N GLU A 144 -2.06 -30.83 4.53
CA GLU A 144 -2.14 -30.50 5.94
C GLU A 144 -2.55 -31.73 6.73
N GLN A 145 -2.11 -31.78 7.98
CA GLN A 145 -2.78 -32.54 9.02
C GLN A 145 -3.39 -31.55 10.01
N ILE A 146 -4.68 -31.72 10.32
CA ILE A 146 -5.30 -31.01 11.44
C ILE A 146 -5.24 -31.95 12.63
N ALA A 147 -4.31 -31.70 13.55
CA ALA A 147 -4.18 -32.54 14.74
C ALA A 147 -5.23 -32.14 15.76
N LEU A 148 -5.91 -33.15 16.32
CA LEU A 148 -7.13 -32.93 17.10
C LEU A 148 -7.01 -33.38 18.55
N HIS A 149 -5.80 -33.70 19.02
CA HIS A 149 -5.64 -34.21 20.37
C HIS A 149 -6.00 -33.17 21.42
N VAL A 150 -5.89 -31.89 21.12
CA VAL A 150 -6.31 -30.89 22.10
C VAL A 150 -7.31 -29.94 21.47
N ALA A 151 -8.14 -30.45 20.56
CA ALA A 151 -9.01 -29.61 19.76
C ALA A 151 -10.34 -29.31 20.44
N SER A 152 -10.52 -29.70 21.70
CA SER A 152 -11.81 -29.51 22.33
C SER A 152 -12.10 -28.04 22.68
N THR A 153 -11.11 -27.16 22.59
CA THR A 153 -11.32 -25.73 22.78
C THR A 153 -11.07 -25.01 21.47
N PHE A 154 -11.68 -23.82 21.33
CA PHE A 154 -11.50 -23.02 20.13
C PHE A 154 -10.02 -22.65 19.96
N GLY A 155 -9.51 -22.81 18.75
CA GLY A 155 -8.10 -22.61 18.52
C GLY A 155 -7.22 -23.72 19.04
N GLY A 156 -7.79 -24.80 19.58
CA GLY A 156 -6.99 -25.89 20.07
C GLY A 156 -6.49 -26.82 18.98
N ALA A 157 -7.24 -26.92 17.87
CA ALA A 157 -6.78 -27.72 16.75
C ALA A 157 -5.44 -27.20 16.25
N GLN A 158 -4.61 -28.12 15.78
CA GLN A 158 -3.26 -27.79 15.33
C GLN A 158 -3.13 -28.14 13.86
N PHE A 159 -2.56 -27.22 13.08
CA PHE A 159 -2.41 -27.39 11.65
C PHE A 159 -0.92 -27.52 11.32
N TYR A 160 -0.54 -28.65 10.73
CA TYR A 160 0.81 -28.88 10.21
C TYR A 160 0.68 -28.91 8.69
N ILE A 161 1.43 -28.04 8.02
CA ILE A 161 1.13 -27.63 6.65
C ILE A 161 2.39 -27.62 5.80
N GLY A 162 2.25 -28.06 4.55
CA GLY A 162 3.28 -27.83 3.54
C GLY A 162 2.70 -27.59 2.15
N CYS A 163 3.21 -26.61 1.41
CA CYS A 163 2.74 -26.29 0.06
C CYS A 163 3.85 -26.61 -0.95
N ALA A 164 3.55 -27.52 -1.88
CA ALA A 164 4.43 -27.90 -2.98
C ALA A 164 4.06 -27.14 -4.25
N GLN A 165 5.08 -26.87 -5.06
CA GLN A 165 4.92 -26.12 -6.31
C GLN A 165 4.97 -27.08 -7.48
N LEU A 166 3.88 -27.12 -8.26
CA LEU A 166 3.72 -28.16 -9.30
C LEU A 166 3.56 -27.56 -10.69
N ASN A 167 4.05 -28.31 -11.67
CA ASN A 167 3.77 -28.10 -13.09
C ASN A 167 3.08 -29.37 -13.57
N VAL A 168 1.76 -29.31 -13.77
CA VAL A 168 1.00 -30.49 -14.16
C VAL A 168 0.94 -30.57 -15.67
N VAL A 169 1.34 -31.70 -16.23
CA VAL A 169 1.35 -31.88 -17.68
C VAL A 169 0.46 -33.06 -18.06
N ASP A 170 0.11 -33.11 -19.35
CA ASP A 170 -0.65 -34.23 -19.90
C ASP A 170 -1.98 -34.39 -19.16
N GLY A 171 -2.65 -33.26 -18.97
CA GLY A 171 -3.86 -33.21 -18.18
C GLY A 171 -5.13 -33.39 -18.99
N GLY A 172 -6.26 -33.10 -18.35
CA GLY A 172 -7.54 -33.23 -19.02
C GLY A 172 -8.21 -31.89 -19.23
N SER A 173 -9.55 -31.88 -19.22
CA SER A 173 -10.32 -30.67 -19.49
C SER A 173 -11.38 -30.40 -18.43
N GLY A 174 -11.27 -31.02 -17.26
CA GLY A 174 -12.23 -30.78 -16.19
C GLY A 174 -12.22 -29.32 -15.74
N THR A 175 -13.24 -28.98 -14.95
CA THR A 175 -13.40 -27.65 -14.35
C THR A 175 -13.45 -27.79 -12.83
N PRO A 176 -12.32 -27.60 -12.13
CA PRO A 176 -12.29 -27.92 -10.69
C PRO A 176 -13.11 -26.96 -9.85
N GLY A 177 -13.73 -27.53 -8.81
CA GLY A 177 -14.53 -26.80 -7.85
C GLY A 177 -15.22 -27.76 -6.88
N PRO A 178 -15.84 -27.24 -5.82
CA PRO A 178 -15.93 -25.84 -5.42
C PRO A 178 -14.59 -25.30 -4.93
N THR A 179 -14.39 -24.00 -5.04
CA THR A 179 -13.15 -23.37 -4.66
C THR A 179 -13.37 -22.56 -3.38
N VAL A 180 -12.32 -22.44 -2.58
CA VAL A 180 -12.33 -21.67 -1.34
C VAL A 180 -11.00 -20.95 -1.22
N ALA A 181 -10.90 -20.09 -0.22
CA ALA A 181 -9.67 -19.36 0.04
C ALA A 181 -9.04 -19.81 1.35
N PHE A 182 -7.73 -19.60 1.42
CA PHE A 182 -6.96 -19.78 2.66
C PHE A 182 -6.20 -18.48 2.89
N PRO A 183 -6.46 -17.78 4.00
CA PRO A 183 -7.53 -18.06 4.97
C PRO A 183 -8.92 -17.83 4.40
N GLY A 184 -9.93 -18.41 5.07
CA GLY A 184 -11.31 -18.33 4.63
C GLY A 184 -12.06 -19.65 4.76
N ALA A 185 -11.44 -20.74 4.31
CA ALA A 185 -12.13 -22.04 4.25
C ALA A 185 -12.53 -22.55 5.62
N TYR A 186 -11.76 -22.25 6.66
CA TYR A 186 -12.03 -22.70 8.02
C TYR A 186 -12.35 -21.52 8.91
N THR A 187 -13.31 -21.70 9.83
CA THR A 187 -13.63 -20.71 10.86
C THR A 187 -13.08 -21.08 12.22
N GLY A 188 -12.86 -22.36 12.49
CA GLY A 188 -12.50 -22.80 13.82
C GLY A 188 -13.66 -23.37 14.60
N ASN A 189 -14.88 -23.21 14.11
CA ASN A 189 -16.09 -23.70 14.75
C ASN A 189 -16.62 -24.98 14.11
N GLU A 190 -15.96 -25.47 13.07
CA GLU A 190 -16.44 -26.65 12.39
C GLU A 190 -16.48 -27.83 13.36
N PRO A 191 -17.52 -28.66 13.29
CA PRO A 191 -17.59 -29.84 14.17
C PRO A 191 -16.48 -30.85 13.92
N GLY A 192 -15.74 -30.73 12.82
CA GLY A 192 -14.58 -31.57 12.64
C GLY A 192 -13.28 -30.98 13.15
N ILE A 193 -13.32 -29.72 13.58
CA ILE A 193 -12.13 -28.99 14.03
C ILE A 193 -12.24 -28.59 15.50
N LEU A 194 -13.38 -28.06 15.89
CA LEU A 194 -13.68 -27.79 17.29
C LEU A 194 -14.37 -29.04 17.82
N ILE A 195 -13.58 -29.93 18.40
CA ILE A 195 -14.09 -31.27 18.66
C ILE A 195 -13.31 -31.89 19.82
N ASN A 196 -14.06 -32.52 20.70
CA ASN A 196 -13.52 -33.32 21.80
C ASN A 196 -13.51 -34.77 21.35
N ILE A 197 -12.36 -35.23 20.88
CA ILE A 197 -12.25 -36.57 20.32
C ILE A 197 -12.34 -37.67 21.36
N TYR A 198 -12.28 -37.30 22.65
CA TYR A 198 -12.30 -38.27 23.74
C TYR A 198 -13.67 -38.42 24.38
N ASP A 199 -14.47 -37.35 24.38
CA ASP A 199 -15.82 -37.34 24.95
C ASP A 199 -16.72 -36.84 23.85
N LEU A 200 -17.12 -37.76 22.99
CA LEU A 200 -17.97 -37.32 21.90
C LEU A 200 -19.39 -37.09 22.42
N PRO A 201 -20.09 -36.10 21.90
CA PRO A 201 -21.48 -35.88 22.33
C PRO A 201 -22.36 -37.11 22.13
N ALA A 202 -23.43 -37.16 22.91
CA ALA A 202 -24.24 -38.38 23.01
C ALA A 202 -24.85 -38.77 21.68
N GLY A 203 -25.38 -37.80 20.94
CA GLY A 203 -25.99 -38.07 19.64
C GLY A 203 -25.04 -37.89 18.47
N TYR A 204 -23.74 -38.16 18.67
CA TYR A 204 -22.74 -37.93 17.64
C TYR A 204 -22.97 -38.82 16.43
N THR A 205 -23.15 -38.19 15.27
CA THR A 205 -23.48 -38.97 14.08
C THR A 205 -22.24 -39.55 13.44
N GLY A 206 -21.14 -38.81 13.44
CA GLY A 206 -19.93 -39.26 12.80
C GLY A 206 -19.04 -38.06 12.57
N TYR A 207 -17.81 -38.33 12.17
CA TYR A 207 -16.90 -37.22 11.95
C TYR A 207 -17.32 -36.48 10.68
N GLN A 208 -17.44 -35.17 10.80
CA GLN A 208 -17.72 -34.32 9.65
C GLN A 208 -16.40 -33.66 9.25
N SER A 209 -15.89 -34.03 8.07
CA SER A 209 -14.69 -33.40 7.55
C SER A 209 -14.95 -31.92 7.29
N PRO A 210 -14.03 -31.04 7.65
CA PRO A 210 -14.19 -29.62 7.32
C PRO A 210 -13.85 -29.36 5.86
N GLY A 211 -14.21 -28.16 5.41
CA GLY A 211 -13.88 -27.71 4.07
C GLY A 211 -14.81 -28.20 2.98
N PRO A 212 -14.54 -27.79 1.75
CA PRO A 212 -15.42 -28.12 0.63
C PRO A 212 -15.33 -29.59 0.25
N ALA A 213 -16.26 -29.98 -0.62
CA ALA A 213 -16.29 -31.33 -1.16
C ALA A 213 -15.08 -31.55 -2.07
N VAL A 214 -14.62 -32.81 -2.11
CA VAL A 214 -13.53 -33.19 -2.99
C VAL A 214 -13.92 -33.04 -4.44
N TRP A 215 -12.98 -32.60 -5.27
CA TRP A 215 -13.10 -32.67 -6.72
C TRP A 215 -12.10 -33.69 -7.24
N GLN A 216 -12.58 -34.73 -7.93
CA GLN A 216 -11.70 -35.77 -8.45
C GLN A 216 -11.81 -35.95 -9.97
N GLY A 217 -12.36 -34.96 -10.68
CA GLY A 217 -12.45 -35.04 -12.13
C GLY A 217 -13.69 -34.43 -12.77
N HIS B 1 23.43 9.07 5.64
CA HIS B 1 23.11 10.05 4.62
C HIS B 1 21.60 10.35 4.49
N TYR B 2 21.16 11.49 5.02
CA TYR B 2 19.76 11.86 4.97
C TYR B 2 19.64 13.34 5.26
N THR B 3 18.56 13.93 4.75
CA THR B 3 18.18 15.28 5.09
C THR B 3 17.09 15.25 6.15
N LEU B 4 16.82 16.40 6.72
CA LEU B 4 15.76 16.57 7.70
C LEU B 4 14.86 17.68 7.18
N PRO B 5 14.08 17.41 6.13
CA PRO B 5 13.38 18.50 5.44
C PRO B 5 12.01 18.85 5.97
N ASP B 6 11.39 18.01 6.80
CA ASP B 6 9.98 18.16 7.15
C ASP B 6 9.85 18.51 8.62
N LEU B 7 9.36 19.72 8.90
CA LEU B 7 8.98 20.06 10.27
C LEU B 7 7.74 19.27 10.66
N ILE B 8 7.73 18.73 11.88
CA ILE B 8 6.54 18.12 12.47
C ILE B 8 5.95 19.12 13.45
N ALA B 9 4.66 19.39 13.30
CA ALA B 9 4.00 20.42 14.10
C ALA B 9 2.49 20.21 14.01
N ASN B 10 1.79 20.58 15.08
CA ASN B 10 0.35 20.37 15.15
C ASN B 10 -0.01 18.91 14.87
N GLY B 11 0.87 17.99 15.24
CA GLY B 11 0.63 16.58 14.98
C GLY B 11 0.69 16.13 13.54
N THR B 12 1.13 16.99 12.61
CA THR B 12 1.24 16.60 11.20
C THR B 12 2.61 16.97 10.64
N VAL B 13 2.95 16.33 9.52
CA VAL B 13 4.26 16.45 8.89
C VAL B 13 4.17 17.48 7.76
N ALA B 14 5.02 18.51 7.83
CA ALA B 14 5.02 19.51 6.78
C ALA B 14 5.69 18.97 5.50
N ALA B 15 5.54 19.70 4.41
CA ALA B 15 6.19 19.31 3.17
C ALA B 15 7.67 19.64 3.23
N ASP B 16 8.43 19.04 2.30
CA ASP B 16 9.87 19.25 2.23
C ASP B 16 10.21 20.74 2.13
N TRP B 17 11.07 21.21 3.04
CA TRP B 17 11.60 22.58 3.03
C TRP B 17 10.54 23.65 3.17
N GLN B 18 9.31 23.28 3.54
CA GLN B 18 8.26 24.28 3.72
C GLN B 18 8.60 25.23 4.87
N PHE B 19 9.02 24.68 6.01
CA PHE B 19 9.39 25.46 7.17
C PHE B 19 10.86 25.26 7.55
N VAL B 20 11.56 24.42 6.82
CA VAL B 20 12.95 24.07 7.10
C VAL B 20 13.82 24.67 6.02
N ARG B 21 14.91 25.32 6.44
CA ARG B 21 15.84 25.90 5.49
C ARG B 21 16.50 24.80 4.67
N GLU B 22 16.27 24.86 3.36
CA GLU B 22 16.83 23.85 2.47
C GLU B 22 18.34 23.79 2.63
N THR B 23 18.85 22.58 2.84
CA THR B 23 20.26 22.41 3.20
C THR B 23 21.13 22.13 1.96
N ALA B 24 22.43 22.35 2.11
CA ALA B 24 23.33 22.24 0.95
C ALA B 24 23.45 20.81 0.42
N ASN B 25 23.07 19.80 1.21
CA ASN B 25 23.10 18.42 0.78
C ASN B 25 21.75 17.97 0.20
N HIS B 26 20.92 18.91 -0.26
CA HIS B 26 19.57 18.54 -0.70
C HIS B 26 19.58 17.56 -1.87
N TYR B 27 20.71 17.39 -2.55
CA TYR B 27 20.88 16.29 -3.51
C TYR B 27 21.78 15.19 -2.98
N THR B 28 22.87 15.52 -2.27
CA THR B 28 23.84 14.51 -1.89
C THR B 28 23.47 13.74 -0.62
N ASN B 29 22.65 14.32 0.25
CA ASN B 29 22.36 13.79 1.57
C ASN B 29 23.59 13.66 2.44
N GLY B 30 24.72 14.22 2.04
CA GLY B 30 25.95 14.08 2.80
C GLY B 30 25.98 14.94 4.05
N PRO B 31 26.83 14.57 5.01
CA PRO B 31 26.87 15.29 6.29
C PRO B 31 27.78 16.51 6.28
N VAL B 32 27.54 17.38 7.25
CA VAL B 32 28.57 18.31 7.66
C VAL B 32 29.63 17.52 8.42
N THR B 33 30.89 17.79 8.12
CA THR B 33 31.99 17.12 8.79
C THR B 33 32.95 18.09 9.48
N ASP B 34 32.73 19.39 9.35
CA ASP B 34 33.60 20.40 9.95
C ASP B 34 32.80 21.30 10.88
N VAL B 35 33.01 21.15 12.19
CA VAL B 35 32.25 21.95 13.16
C VAL B 35 32.65 23.42 13.20
N THR B 36 33.79 23.80 12.59
CA THR B 36 34.18 25.20 12.53
C THR B 36 33.55 25.92 11.33
N ASP B 37 32.89 25.18 10.45
CA ASP B 37 32.30 25.76 9.25
C ASP B 37 30.93 26.33 9.58
N GLU B 38 30.59 27.42 8.89
CA GLU B 38 29.27 28.03 9.12
CA GLU B 38 29.27 28.05 9.03
C GLU B 38 28.15 27.04 8.86
N ALA B 39 28.38 25.99 8.07
CA ALA B 39 27.36 24.98 7.81
C ALA B 39 26.89 24.27 9.07
N ILE B 40 27.70 24.23 10.12
CA ILE B 40 27.36 23.49 11.32
C ILE B 40 26.10 24.05 11.97
N ARG B 41 25.74 25.29 11.65
CA ARG B 41 24.55 25.88 12.27
C ARG B 41 23.28 25.36 11.62
N CYS B 42 23.03 25.75 10.38
CA CYS B 42 21.81 25.34 9.68
C CYS B 42 22.06 24.69 8.32
N TYR B 43 23.32 24.54 7.91
CA TYR B 43 23.65 23.77 6.71
C TYR B 43 22.95 24.33 5.46
N GLU B 44 22.69 25.64 5.42
CA GLU B 44 21.86 26.19 4.35
C GLU B 44 22.49 25.97 2.99
N LEU B 45 21.62 25.80 2.00
CA LEU B 45 22.07 25.79 0.63
C LEU B 45 22.71 27.12 0.25
N ASP B 46 22.13 28.21 0.73
CA ASP B 46 22.61 29.54 0.36
C ASP B 46 22.33 30.43 1.56
N TYR B 47 23.39 30.86 2.25
CA TYR B 47 23.24 31.52 3.55
C TYR B 47 22.39 32.78 3.46
N SER B 48 22.58 33.57 2.41
CA SER B 48 21.83 34.82 2.31
C SER B 48 20.47 34.63 1.67
N ALA B 49 20.29 33.63 0.83
CA ALA B 49 19.03 33.46 0.13
C ALA B 49 18.07 32.51 0.84
N THR B 50 18.55 31.37 1.31
CA THR B 50 17.64 30.32 1.76
C THR B 50 16.69 30.75 2.88
N PRO B 51 17.09 31.54 3.90
CA PRO B 51 16.10 31.92 4.93
C PRO B 51 14.89 32.64 4.38
N GLY B 52 15.09 33.59 3.46
CA GLY B 52 13.97 34.29 2.87
C GLY B 52 13.08 33.43 2.00
N GLU B 53 13.59 32.29 1.55
CA GLU B 53 12.80 31.32 0.79
C GLU B 53 12.16 30.23 1.63
N THR B 54 12.14 30.42 2.94
CA THR B 54 11.59 29.45 3.87
C THR B 54 10.44 30.11 4.62
N ASN B 55 9.31 29.42 4.69
CA ASN B 55 8.16 29.93 5.42
C ASN B 55 8.41 29.82 6.93
N ILE B 56 7.51 30.41 7.72
CA ILE B 56 7.63 30.44 9.16
C ILE B 56 6.40 29.74 9.75
N ALA B 57 6.64 28.74 10.61
CA ALA B 57 5.58 27.93 11.19
C ALA B 57 5.13 28.50 12.55
N THR B 58 3.83 28.69 12.72
CA THR B 58 3.30 29.16 13.99
C THR B 58 2.96 27.97 14.86
N VAL B 59 3.55 27.92 16.06
CA VAL B 59 3.31 26.85 17.02
C VAL B 59 3.18 27.45 18.40
N SER B 60 2.52 26.71 19.28
CA SER B 60 2.31 27.14 20.66
C SER B 60 3.44 26.63 21.53
N ALA B 61 3.88 27.45 22.47
CA ALA B 61 4.78 26.94 23.49
C ALA B 61 4.09 25.78 24.22
N GLY B 62 4.87 24.78 24.60
CA GLY B 62 4.30 23.59 25.20
C GLY B 62 3.88 22.53 24.23
N SER B 63 3.77 22.83 22.94
CA SER B 63 3.33 21.81 22.00
C SER B 63 4.49 20.92 21.61
N THR B 64 4.15 19.77 21.05
CA THR B 64 5.12 18.82 20.52
C THR B 64 5.45 19.21 19.08
N VAL B 65 6.73 19.28 18.77
CA VAL B 65 7.20 19.49 17.41
C VAL B 65 8.25 18.43 17.11
N GLY B 66 8.79 18.49 15.90
CA GLY B 66 9.82 17.53 15.55
C GLY B 66 10.23 17.70 14.11
N MET B 67 11.00 16.71 13.65
CA MET B 67 11.53 16.67 12.30
C MET B 67 11.43 15.25 11.77
N GLN B 68 11.03 15.13 10.50
CA GLN B 68 11.06 13.87 9.79
C GLN B 68 12.14 13.97 8.74
N GLY B 69 12.98 12.94 8.63
CA GLY B 69 13.98 12.88 7.60
C GLY B 69 13.42 12.41 6.27
N ASN B 70 14.26 12.49 5.22
CA ASN B 70 13.86 11.93 3.94
C ASN B 70 14.10 10.43 3.86
N GLY B 71 14.41 9.82 5.00
CA GLY B 71 14.61 8.38 5.11
C GLY B 71 14.92 8.07 6.57
N ALA B 72 15.11 6.79 6.84
CA ALA B 72 15.43 6.37 8.20
C ALA B 72 16.80 6.90 8.64
N PHE B 73 16.90 7.21 9.93
CA PHE B 73 18.16 7.70 10.52
C PHE B 73 19.05 6.50 10.85
N TYR B 74 19.61 5.91 9.80
CA TYR B 74 20.18 4.57 9.94
C TYR B 74 21.58 4.55 10.51
N HIS B 75 22.28 5.68 10.59
CA HIS B 75 23.55 5.67 11.29
C HIS B 75 23.34 5.69 12.79
N PRO B 76 24.22 5.03 13.56
CA PRO B 76 24.17 5.17 15.02
C PRO B 76 24.70 6.54 15.44
N GLY B 77 23.97 7.23 16.30
CA GLY B 77 24.42 8.55 16.66
C GLY B 77 23.64 9.18 17.80
N TYR B 78 23.96 10.45 18.04
CA TYR B 78 23.37 11.28 19.08
C TYR B 78 22.48 12.34 18.42
N PHE B 79 21.30 12.57 18.99
CA PHE B 79 20.34 13.54 18.48
C PHE B 79 20.21 14.72 19.44
N SER B 80 19.99 15.91 18.89
CA SER B 80 19.73 17.06 19.77
C SER B 80 18.83 18.06 19.04
N ALA B 81 18.21 18.93 19.82
CA ALA B 81 17.44 20.04 19.28
C ALA B 81 17.77 21.27 20.10
N TYR B 82 18.05 22.37 19.40
CA TYR B 82 18.37 23.66 19.97
C TYR B 82 17.41 24.70 19.42
N LEU B 83 17.10 25.68 20.25
CA LEU B 83 16.36 26.87 19.85
C LEU B 83 17.25 28.09 19.95
N SER B 84 16.98 29.08 19.09
CA SER B 84 17.56 30.41 19.22
C SER B 84 16.47 31.42 18.91
N GLN B 85 16.33 32.43 19.76
CA GLN B 85 15.55 33.58 19.37
C GLN B 85 16.06 34.05 18.03
N ALA B 86 15.16 34.50 17.16
CA ALA B 86 15.51 34.83 15.78
C ALA B 86 15.27 36.31 15.54
N SER B 87 16.36 37.06 15.47
CA SER B 87 16.36 38.50 15.21
C SER B 87 17.17 38.75 13.95
N PRO B 88 16.68 39.57 13.01
CA PRO B 88 15.42 40.30 13.10
C PRO B 88 14.17 39.45 12.91
N ALA B 89 14.31 38.25 12.34
CA ALA B 89 13.17 37.37 12.13
C ALA B 89 13.68 35.96 11.84
N ALA B 90 12.76 34.99 11.96
CA ALA B 90 13.13 33.59 11.71
C ALA B 90 13.52 33.35 10.26
N ASN B 91 13.10 34.19 9.32
CA ASN B 91 13.47 34.04 7.93
C ASN B 91 14.64 34.93 7.54
N SER B 92 15.45 35.34 8.51
CA SER B 92 16.59 36.19 8.22
C SER B 92 17.90 35.43 8.33
N PRO B 93 18.86 35.71 7.43
CA PRO B 93 20.20 35.11 7.58
C PRO B 93 20.96 35.58 8.82
N ASP B 94 20.50 36.63 9.49
CA ASP B 94 21.12 37.10 10.73
C ASP B 94 20.68 36.29 11.94
N ALA B 95 19.58 35.55 11.84
CA ALA B 95 19.07 34.78 12.97
C ALA B 95 20.08 33.73 13.43
N GLY B 96 20.29 33.66 14.74
CA GLY B 96 21.17 32.65 15.31
C GLY B 96 22.63 32.84 14.99
N THR B 97 23.04 34.02 14.51
CA THR B 97 24.46 34.24 14.26
C THR B 97 25.25 34.62 15.51
N ALA B 98 24.58 34.95 16.62
CA ALA B 98 25.24 35.25 17.88
C ALA B 98 25.10 34.05 18.83
N SER B 99 25.56 34.22 20.07
CA SER B 99 25.53 33.14 21.04
C SER B 99 24.18 33.14 21.77
N THR B 100 23.16 32.67 21.03
CA THR B 100 21.78 32.65 21.51
C THR B 100 21.15 31.26 21.44
N TRP B 101 21.91 30.23 21.11
CA TRP B 101 21.38 28.87 20.99
C TRP B 101 21.35 28.16 22.34
N PHE B 102 20.20 27.56 22.67
CA PHE B 102 20.09 26.75 23.88
C PHE B 102 19.46 25.41 23.54
N LYS B 103 19.95 24.36 24.19
CA LYS B 103 19.45 23.01 23.95
C LYS B 103 18.13 22.80 24.67
N ILE B 104 17.14 22.22 23.97
CA ILE B 104 15.86 21.90 24.59
C ILE B 104 15.62 20.40 24.67
N TRP B 105 16.44 19.58 24.05
CA TRP B 105 16.18 18.15 23.97
C TRP B 105 17.42 17.48 23.40
N GLU B 106 17.65 16.25 23.82
CA GLU B 106 18.68 15.42 23.25
C GLU B 106 18.25 13.97 23.46
N ASP B 107 18.79 13.09 22.61
CA ASP B 107 18.54 11.65 22.68
C ASP B 107 19.88 10.95 22.48
N PRO B 108 20.64 10.72 23.55
CA PRO B 108 22.02 10.24 23.41
C PRO B 108 22.11 8.73 23.41
N PRO B 109 23.23 8.17 22.96
CA PRO B 109 23.53 6.77 23.25
C PRO B 109 23.73 6.56 24.74
N VAL B 110 23.46 5.33 25.19
CA VAL B 110 23.56 5.01 26.61
C VAL B 110 24.61 3.93 26.79
N PHE B 111 25.48 4.11 27.79
CA PHE B 111 26.53 3.13 28.05
C PHE B 111 25.94 2.02 28.91
N GLU B 112 26.26 0.78 28.55
CA GLU B 112 25.56 -0.35 29.13
C GLU B 112 26.29 -1.64 28.76
N ASN B 113 26.70 -2.42 29.77
CA ASN B 113 27.35 -3.72 29.55
C ASN B 113 28.63 -3.55 28.74
N GLY B 114 29.37 -2.47 29.00
CA GLY B 114 30.62 -2.22 28.32
C GLY B 114 30.50 -1.74 26.88
N ALA B 115 29.30 -1.42 26.40
CA ALA B 115 29.06 -0.96 25.03
C ALA B 115 27.97 0.11 25.02
N LEU B 116 27.97 0.92 23.95
CA LEU B 116 26.93 1.93 23.76
C LEU B 116 25.68 1.33 23.16
N VAL B 117 24.54 1.73 23.71
CA VAL B 117 23.21 1.41 23.17
C VAL B 117 22.67 2.69 22.54
N PHE B 118 22.35 2.63 21.25
CA PHE B 118 21.99 3.83 20.49
C PHE B 118 20.48 3.94 20.32
N PRO B 119 19.99 5.17 20.10
CA PRO B 119 18.59 5.32 19.69
C PRO B 119 18.33 4.52 18.42
N SER B 120 17.05 4.25 18.17
CA SER B 120 16.65 3.39 17.05
C SER B 120 17.19 3.93 15.72
N GLN B 121 17.74 3.03 14.90
CA GLN B 121 18.23 3.39 13.58
C GLN B 121 17.26 3.05 12.47
N SER B 122 16.02 2.73 12.79
CA SER B 122 15.01 2.49 11.77
C SER B 122 13.91 3.55 11.76
N ILE B 123 13.91 4.49 12.72
CA ILE B 123 12.97 5.60 12.75
C ILE B 123 13.37 6.68 11.74
N ASP B 124 12.38 7.38 11.21
CA ASP B 124 12.64 8.53 10.35
C ASP B 124 12.10 9.84 10.94
N GLN B 125 11.81 9.88 12.23
CA GLN B 125 11.33 11.11 12.86
C GLN B 125 11.88 11.21 14.28
N VAL B 126 11.96 12.44 14.76
CA VAL B 126 12.20 12.73 16.18
C VAL B 126 11.18 13.78 16.57
N THR B 127 10.66 13.67 17.80
CA THR B 127 9.72 14.64 18.34
C THR B 127 10.16 15.02 19.76
N PHE B 128 9.75 16.20 20.18
CA PHE B 128 10.14 16.80 21.45
C PHE B 128 9.20 17.97 21.70
N THR B 129 9.35 18.61 22.85
CA THR B 129 8.39 19.61 23.31
C THR B 129 8.99 21.01 23.27
N ILE B 130 8.26 21.95 22.66
CA ILE B 130 8.61 23.35 22.87
C ILE B 130 8.34 23.68 24.32
N PRO B 131 9.31 24.15 25.09
CA PRO B 131 9.05 24.40 26.52
C PRO B 131 7.90 25.37 26.70
N LYS B 132 7.01 25.03 27.65
CA LYS B 132 5.83 25.84 27.90
C LYS B 132 6.20 27.25 28.33
N ASN B 133 7.29 27.39 29.09
CA ASN B 133 7.71 28.70 29.61
C ASN B 133 8.52 29.51 28.63
N LEU B 134 8.68 29.05 27.39
CA LEU B 134 9.44 29.81 26.40
C LEU B 134 8.72 31.12 26.07
N PRO B 135 9.41 32.26 26.04
CA PRO B 135 8.75 33.51 25.66
C PRO B 135 8.24 33.45 24.22
N SER B 136 7.08 34.07 23.99
CA SER B 136 6.54 34.16 22.64
C SER B 136 7.51 34.92 21.74
N GLY B 137 7.54 34.55 20.46
CA GLY B 137 8.41 35.24 19.52
C GLY B 137 8.90 34.32 18.41
N GLN B 138 9.82 34.86 17.62
CA GLN B 138 10.39 34.18 16.47
C GLN B 138 11.63 33.41 16.92
N TYR B 139 11.73 32.17 16.47
CA TYR B 139 12.84 31.31 16.83
C TYR B 139 13.31 30.51 15.64
N LEU B 140 14.60 30.16 15.68
CA LEU B 140 15.16 29.08 14.89
C LEU B 140 15.21 27.81 15.74
N LEU B 141 14.77 26.69 15.15
CA LEU B 141 14.88 25.37 15.74
C LEU B 141 15.90 24.57 14.94
N ARG B 142 17.01 24.19 15.57
CA ARG B 142 18.05 23.40 14.92
C ARG B 142 17.97 21.96 15.44
N THR B 143 17.76 21.01 14.53
CA THR B 143 17.75 19.59 14.90
C THR B 143 18.90 18.90 14.18
N GLU B 144 19.64 18.07 14.91
CA GLU B 144 20.80 17.41 14.36
C GLU B 144 20.86 15.97 14.85
N GLN B 145 21.41 15.11 14.02
CA GLN B 145 22.00 13.87 14.48
C GLN B 145 23.50 13.97 14.30
N ILE B 146 24.23 13.68 15.36
CA ILE B 146 25.68 13.48 15.28
C ILE B 146 25.86 11.97 15.14
N ALA B 147 26.14 11.52 13.91
CA ALA B 147 26.37 10.09 13.64
C ALA B 147 27.81 9.73 14.00
N LEU B 148 27.99 8.61 14.73
CA LEU B 148 29.28 8.33 15.36
C LEU B 148 29.97 7.08 14.82
N HIS B 149 29.46 6.51 13.72
CA HIS B 149 29.98 5.24 13.21
C HIS B 149 31.43 5.33 12.74
N VAL B 150 31.90 6.50 12.31
CA VAL B 150 33.30 6.65 11.94
C VAL B 150 33.92 7.82 12.70
N ALA B 151 33.47 8.02 13.93
CA ALA B 151 33.86 9.19 14.71
C ALA B 151 35.14 8.97 15.51
N SER B 152 35.88 7.87 15.29
CA SER B 152 37.06 7.59 16.10
C SER B 152 38.24 8.48 15.76
N THR B 153 38.20 9.20 14.64
CA THR B 153 39.23 10.15 14.28
C THR B 153 38.67 11.57 14.26
N PHE B 154 39.58 12.55 14.44
CA PHE B 154 39.18 13.95 14.43
C PHE B 154 38.57 14.32 13.09
N GLY B 155 37.40 14.94 13.11
CA GLY B 155 36.65 15.20 11.89
C GLY B 155 35.87 14.01 11.36
N GLY B 156 35.85 12.89 12.09
CA GLY B 156 35.09 11.72 11.64
C GLY B 156 33.61 11.75 11.94
N ALA B 157 33.20 12.44 13.00
CA ALA B 157 31.78 12.58 13.31
C ALA B 157 31.04 13.27 12.16
N GLN B 158 29.80 12.86 11.94
CA GLN B 158 29.01 13.35 10.82
C GLN B 158 27.77 14.02 11.35
N PHE B 159 27.47 15.21 10.85
CA PHE B 159 26.35 16.01 11.34
C PHE B 159 25.29 16.13 10.27
N TYR B 160 24.08 15.64 10.58
CA TYR B 160 22.91 15.76 9.73
C TYR B 160 21.96 16.72 10.42
N ILE B 161 21.62 17.80 9.73
CA ILE B 161 21.06 19.01 10.35
C ILE B 161 19.88 19.51 9.53
N GLY B 162 18.85 19.97 10.21
CA GLY B 162 17.82 20.77 9.58
C GLY B 162 17.36 21.88 10.53
N CYS B 163 17.19 23.09 10.02
CA CYS B 163 16.73 24.22 10.83
C CYS B 163 15.35 24.64 10.39
N ALA B 164 14.41 24.59 11.34
CA ALA B 164 13.04 25.04 11.14
C ALA B 164 12.90 26.47 11.65
N GLN B 165 12.03 27.22 10.98
CA GLN B 165 11.72 28.61 11.32
C GLN B 165 10.38 28.66 12.04
N LEU B 166 10.37 29.17 13.28
CA LEU B 166 9.20 29.11 14.13
C LEU B 166 8.72 30.48 14.57
N ASN B 167 7.39 30.59 14.69
CA ASN B 167 6.74 31.71 15.36
C ASN B 167 6.03 31.12 16.57
N VAL B 168 6.61 31.28 17.76
CA VAL B 168 6.05 30.65 18.96
C VAL B 168 5.08 31.61 19.62
N VAL B 169 3.86 31.14 19.84
CA VAL B 169 2.81 31.97 20.41
C VAL B 169 2.39 31.33 21.73
N ASP B 170 1.65 32.10 22.53
CA ASP B 170 1.13 31.65 23.82
C ASP B 170 2.27 31.19 24.72
N GLY B 171 3.35 31.96 24.75
CA GLY B 171 4.54 31.59 25.49
C GLY B 171 4.53 32.10 26.91
N GLY B 172 5.67 31.91 27.58
CA GLY B 172 5.80 32.29 28.98
C GLY B 172 6.81 33.39 29.24
N SER B 173 7.46 33.32 30.40
CA SER B 173 8.39 34.34 30.85
C SER B 173 9.74 33.75 31.20
N GLY B 174 10.05 32.56 30.73
CA GLY B 174 11.33 31.92 31.03
C GLY B 174 12.51 32.70 30.53
N THR B 175 13.69 32.32 31.04
CA THR B 175 14.97 32.87 30.61
C THR B 175 15.85 31.72 30.16
N PRO B 176 15.87 31.40 28.87
CA PRO B 176 16.55 30.19 28.41
C PRO B 176 18.06 30.31 28.53
N GLY B 177 18.70 29.19 28.86
CA GLY B 177 20.13 29.13 28.96
C GLY B 177 20.59 27.82 29.58
N PRO B 178 21.89 27.54 29.53
CA PRO B 178 22.96 28.32 28.93
C PRO B 178 22.87 28.41 27.41
N THR B 179 23.42 29.48 26.84
CA THR B 179 23.39 29.69 25.40
C THR B 179 24.79 29.55 24.80
N VAL B 180 24.84 29.13 23.55
CA VAL B 180 26.09 28.95 22.80
C VAL B 180 25.87 29.45 21.38
N ALA B 181 26.96 29.49 20.63
CA ALA B 181 26.95 29.88 19.23
C ALA B 181 27.21 28.65 18.36
N PHE B 182 26.71 28.71 17.12
CA PHE B 182 27.05 27.74 16.07
C PHE B 182 27.54 28.51 14.86
N PRO B 183 28.79 28.35 14.44
CA PRO B 183 29.85 27.57 15.11
C PRO B 183 30.32 28.19 16.42
N GLY B 184 30.95 27.35 17.25
CA GLY B 184 31.41 27.74 18.56
C GLY B 184 31.18 26.66 19.60
N ALA B 185 29.98 26.06 19.56
CA ALA B 185 29.56 25.12 20.59
C ALA B 185 30.37 23.82 20.58
N TYR B 186 30.84 23.38 19.42
CA TYR B 186 31.59 22.14 19.28
C TYR B 186 33.01 22.46 18.79
N THR B 187 34.00 21.74 19.33
CA THR B 187 35.36 21.79 18.81
C THR B 187 35.73 20.56 17.98
N GLY B 188 35.09 19.43 18.18
CA GLY B 188 35.49 18.20 17.53
C GLY B 188 36.30 17.27 18.40
N ASN B 189 36.71 17.73 19.59
CA ASN B 189 37.47 16.95 20.55
C ASN B 189 36.63 16.45 21.72
N GLU B 190 35.34 16.78 21.74
CA GLU B 190 34.48 16.38 22.83
C GLU B 190 34.44 14.86 22.96
N PRO B 191 34.37 14.31 24.18
CA PRO B 191 34.28 12.84 24.33
C PRO B 191 33.01 12.25 23.76
N GLY B 192 31.99 13.07 23.48
CA GLY B 192 30.82 12.58 22.79
C GLY B 192 30.89 12.69 21.27
N ILE B 193 31.96 13.26 20.73
CA ILE B 193 32.09 13.50 19.30
C ILE B 193 33.32 12.82 18.71
N LEU B 194 34.45 12.92 19.39
CA LEU B 194 35.66 12.20 19.03
C LEU B 194 35.65 10.93 19.87
N ILE B 195 35.12 9.84 19.32
CA ILE B 195 34.81 8.66 20.13
C ILE B 195 34.81 7.42 19.24
N ASN B 196 35.44 6.36 19.74
CA ASN B 196 35.45 5.06 19.08
C ASN B 196 34.33 4.27 19.72
N ILE B 197 33.17 4.22 19.05
CA ILE B 197 32.03 3.57 19.67
C ILE B 197 32.17 2.06 19.75
N TYR B 198 33.18 1.50 19.07
CA TYR B 198 33.41 0.06 19.02
C TYR B 198 34.48 -0.44 19.99
N ASP B 199 35.46 0.40 20.34
CA ASP B 199 36.48 0.09 21.34
C ASP B 199 36.61 1.30 22.28
N LEU B 200 35.78 1.34 23.31
CA LEU B 200 35.71 2.51 24.19
C LEU B 200 36.96 2.64 25.07
N PRO B 201 37.33 3.87 25.44
CA PRO B 201 38.48 4.08 26.34
C PRO B 201 38.33 3.33 27.66
N ALA B 202 39.47 3.04 28.28
CA ALA B 202 39.49 2.13 29.42
C ALA B 202 38.63 2.63 30.58
N GLY B 203 38.74 3.91 30.91
CA GLY B 203 37.98 4.38 32.07
C GLY B 203 36.62 4.96 31.75
N TYR B 204 35.98 4.50 30.68
CA TYR B 204 34.73 5.06 30.20
C TYR B 204 33.59 4.78 31.19
N THR B 205 33.04 5.85 31.78
CA THR B 205 31.95 5.72 32.75
C THR B 205 30.58 5.75 32.09
N GLY B 206 30.45 6.48 31.00
CA GLY B 206 29.18 6.67 30.32
C GLY B 206 29.36 7.73 29.26
N TYR B 207 28.31 7.85 28.43
CA TYR B 207 28.35 8.79 27.32
C TYR B 207 28.19 10.23 27.82
N GLN B 208 29.05 11.12 27.35
CA GLN B 208 28.95 12.55 27.68
C GLN B 208 28.38 13.31 26.48
N SER B 209 27.12 13.71 26.58
CA SER B 209 26.49 14.49 25.51
C SER B 209 27.25 15.79 25.29
N PRO B 210 27.49 16.21 24.05
CA PRO B 210 28.17 17.48 23.81
C PRO B 210 27.24 18.67 23.99
N GLY B 211 27.85 19.84 24.09
CA GLY B 211 27.06 21.05 24.16
C GLY B 211 26.54 21.30 25.56
N PRO B 212 25.81 22.40 25.71
CA PRO B 212 25.35 22.81 27.04
C PRO B 212 24.18 21.97 27.53
N ALA B 213 23.84 22.19 28.79
CA ALA B 213 22.75 21.50 29.45
C ALA B 213 21.39 21.87 28.85
N VAL B 214 20.46 20.92 28.94
CA VAL B 214 19.09 21.16 28.48
C VAL B 214 18.48 22.31 29.27
N TRP B 215 17.68 23.13 28.60
CA TRP B 215 16.87 24.14 29.28
C TRP B 215 15.44 23.61 29.30
N GLN B 216 14.96 23.33 30.50
CA GLN B 216 13.71 22.63 30.72
CA GLN B 216 13.70 22.63 30.71
C GLN B 216 12.50 23.56 30.72
N GLY B 217 12.67 24.79 31.19
CA GLY B 217 11.57 25.72 31.31
C GLY B 217 11.89 26.71 32.41
N HIS C 1 -6.62 0.57 42.82
CA HIS C 1 -7.21 -0.16 43.93
C HIS C 1 -8.69 0.14 44.09
N TYR C 2 -9.53 -0.76 43.57
CA TYR C 2 -10.96 -0.57 43.64
C TYR C 2 -11.64 -1.89 43.33
N THR C 3 -12.84 -2.04 43.86
CA THR C 3 -13.68 -3.18 43.55
C THR C 3 -14.72 -2.77 42.55
N LEU C 4 -15.41 -3.76 41.99
CA LEU C 4 -16.51 -3.53 41.06
C LEU C 4 -17.75 -4.25 41.58
N PRO C 5 -18.36 -3.74 42.66
CA PRO C 5 -19.40 -4.50 43.36
C PRO C 5 -20.82 -4.37 42.85
N ASP C 6 -21.14 -3.39 42.01
CA ASP C 6 -22.52 -3.05 41.66
C ASP C 6 -22.77 -3.31 40.18
N LEU C 7 -23.67 -4.24 39.89
CA LEU C 7 -24.20 -4.41 38.55
C LEU C 7 -25.12 -3.24 38.19
N ILE C 8 -24.98 -2.72 36.97
CA ILE C 8 -25.89 -1.71 36.43
C ILE C 8 -26.87 -2.40 35.49
N ALA C 9 -28.17 -2.21 35.71
CA ALA C 9 -29.19 -2.91 34.93
C ALA C 9 -30.53 -2.22 35.14
N ASN C 10 -31.39 -2.29 34.12
CA ASN C 10 -32.70 -1.60 34.14
C ASN C 10 -32.53 -0.12 34.47
N GLY C 11 -31.39 0.45 34.07
CA GLY C 11 -31.08 1.85 34.30
C GLY C 11 -30.78 2.25 35.74
N THR C 12 -30.60 1.30 36.64
CA THR C 12 -30.31 1.60 38.05
C THR C 12 -29.08 0.81 38.50
N VAL C 13 -28.49 1.28 39.60
CA VAL C 13 -27.28 0.68 40.16
C VAL C 13 -27.70 -0.27 41.29
N ALA C 14 -27.30 -1.53 41.19
CA ALA C 14 -27.60 -2.49 42.24
C ALA C 14 -26.76 -2.21 43.49
N ALA C 15 -27.12 -2.88 44.58
CA ALA C 15 -26.36 -2.74 45.82
C ALA C 15 -25.07 -3.56 45.74
N ASP C 16 -24.14 -3.25 46.65
CA ASP C 16 -22.85 -3.93 46.67
C ASP C 16 -23.03 -5.44 46.79
N TRP C 17 -22.43 -6.18 45.85
CA TRP C 17 -22.37 -7.64 45.84
C TRP C 17 -23.75 -8.28 45.76
N GLN C 18 -24.78 -7.49 45.46
CA GLN C 18 -26.13 -8.04 45.29
C GLN C 18 -26.17 -9.01 44.12
N PHE C 19 -25.63 -8.60 42.98
CA PHE C 19 -25.57 -9.43 41.79
C PHE C 19 -24.14 -9.72 41.36
N VAL C 20 -23.15 -9.16 42.05
CA VAL C 20 -21.74 -9.35 41.71
C VAL C 20 -21.15 -10.27 42.77
N ARG C 21 -20.41 -11.29 42.33
CA ARG C 21 -19.77 -12.21 43.26
C ARG C 21 -18.76 -11.46 44.10
N GLU C 22 -18.96 -11.47 45.42
CA GLU C 22 -18.09 -10.73 46.31
C GLU C 22 -16.64 -11.19 46.13
N THR C 23 -15.74 -10.25 45.89
CA THR C 23 -14.37 -10.59 45.51
C THR C 23 -13.44 -10.61 46.73
N ALA C 24 -12.30 -11.28 46.56
CA ALA C 24 -11.38 -11.50 47.68
C ALA C 24 -10.76 -10.22 48.20
N ASN C 25 -10.76 -9.16 47.39
CA ASN C 25 -10.25 -7.87 47.81
C ASN C 25 -11.35 -6.98 48.39
N HIS C 26 -12.48 -7.54 48.82
CA HIS C 26 -13.60 -6.72 49.26
C HIS C 26 -13.26 -5.88 50.48
N TYR C 27 -12.09 -6.09 51.08
CA TYR C 27 -11.54 -5.18 52.07
C TYR C 27 -10.30 -4.47 51.57
N THR C 28 -9.39 -5.16 50.86
CA THR C 28 -8.12 -4.53 50.47
C THR C 28 -8.21 -3.70 49.19
N ASN C 29 -9.19 -3.96 48.31
CA ASN C 29 -9.26 -3.32 46.98
C ASN C 29 -8.05 -3.62 46.10
N GLY C 30 -7.21 -4.60 46.45
CA GLY C 30 -6.03 -4.89 45.68
C GLY C 30 -6.34 -5.68 44.41
N PRO C 31 -5.41 -5.66 43.46
CA PRO C 31 -5.62 -6.29 42.16
C PRO C 31 -5.23 -7.76 42.14
N VAL C 32 -5.75 -8.46 41.13
CA VAL C 32 -5.14 -9.71 40.71
C VAL C 32 -3.88 -9.39 39.94
N THR C 33 -2.81 -10.13 40.22
CA THR C 33 -1.53 -9.92 39.55
C THR C 33 -1.01 -11.13 38.81
N ASP C 34 -1.65 -12.30 38.93
CA ASP C 34 -1.23 -13.54 38.26
C ASP C 34 -2.35 -14.03 37.35
N VAL C 35 -2.17 -13.95 36.03
CA VAL C 35 -3.20 -14.39 35.10
C VAL C 35 -3.35 -15.89 35.04
N THR C 36 -2.39 -16.63 35.59
CA THR C 36 -2.51 -18.08 35.65
C THR C 36 -3.27 -18.51 36.90
N ASP C 37 -3.57 -17.57 37.78
CA ASP C 37 -4.30 -17.87 39.01
C ASP C 37 -5.80 -17.92 38.75
N GLU C 38 -6.48 -18.82 39.48
CA GLU C 38 -7.92 -18.96 39.36
C GLU C 38 -8.67 -17.64 39.60
N ALA C 39 -8.10 -16.76 40.44
CA ALA C 39 -8.72 -15.47 40.70
C ALA C 39 -8.93 -14.63 39.43
N ILE C 40 -8.16 -14.88 38.36
CA ILE C 40 -8.25 -14.05 37.17
C ILE C 40 -9.65 -14.10 36.56
N ARG C 41 -10.42 -15.12 36.89
CA ARG C 41 -11.75 -15.28 36.30
C ARG C 41 -12.75 -14.36 36.98
N CYS C 42 -13.08 -14.65 38.25
CA CYS C 42 -14.08 -13.88 38.96
C CYS C 42 -13.62 -13.36 40.32
N TYR C 43 -12.40 -13.65 40.74
CA TYR C 43 -11.80 -13.04 41.92
C TYR C 43 -12.63 -13.28 43.19
N GLU C 44 -13.36 -14.39 43.27
CA GLU C 44 -14.29 -14.57 44.38
C GLU C 44 -13.57 -14.62 45.72
N LEU C 45 -14.28 -14.15 46.74
CA LEU C 45 -13.80 -14.31 48.10
C LEU C 45 -13.64 -15.78 48.47
N ASP C 46 -14.57 -16.61 48.02
CA ASP C 46 -14.61 -18.02 48.38
C ASP C 46 -15.22 -18.77 47.20
N TYR C 47 -14.41 -19.55 46.48
CA TYR C 47 -14.85 -20.11 45.20
C TYR C 47 -16.10 -20.97 45.36
N SER C 48 -16.18 -21.74 46.45
CA SER C 48 -17.30 -22.64 46.63
C SER C 48 -18.50 -21.94 47.27
N ALA C 49 -18.26 -20.91 48.07
CA ALA C 49 -19.36 -20.27 48.78
C ALA C 49 -19.95 -19.08 48.04
N THR C 50 -19.09 -18.20 47.52
CA THR C 50 -19.57 -16.90 47.04
C THR C 50 -20.64 -17.00 45.95
N PRO C 51 -20.55 -17.88 44.95
CA PRO C 51 -21.64 -17.92 43.95
C PRO C 51 -23.00 -18.16 44.57
N GLY C 52 -23.10 -19.08 45.53
CA GLY C 52 -24.37 -19.35 46.20
C GLY C 52 -24.87 -18.19 47.06
N GLU C 53 -23.99 -17.28 47.48
CA GLU C 53 -24.44 -16.09 48.20
C GLU C 53 -24.70 -14.90 47.31
N THR C 54 -24.79 -15.11 46.01
CA THR C 54 -24.94 -14.01 45.06
C THR C 54 -26.28 -14.19 44.36
N ASN C 55 -27.04 -13.11 44.28
CA ASN C 55 -28.32 -13.19 43.59
C ASN C 55 -28.11 -13.21 42.07
N ILE C 56 -29.19 -13.44 41.34
CA ILE C 56 -29.17 -13.52 39.88
C ILE C 56 -30.08 -12.44 39.34
N ALA C 57 -29.53 -11.59 38.48
CA ALA C 57 -30.23 -10.45 37.92
C ALA C 57 -30.82 -10.81 36.55
N THR C 58 -32.09 -10.50 36.36
CA THR C 58 -32.75 -10.70 35.08
C THR C 58 -32.63 -9.42 34.26
N VAL C 59 -32.10 -9.56 33.05
CA VAL C 59 -31.96 -8.47 32.08
C VAL C 59 -32.39 -9.02 30.73
N SER C 60 -32.82 -8.13 29.84
CA SER C 60 -33.26 -8.53 28.49
C SER C 60 -32.11 -8.38 27.50
N ALA C 61 -32.03 -9.31 26.55
CA ALA C 61 -31.09 -9.15 25.46
C ALA C 61 -31.33 -7.83 24.74
N GLY C 62 -30.24 -7.20 24.32
CA GLY C 62 -30.30 -5.89 23.74
C GLY C 62 -30.24 -4.75 24.74
N SER C 63 -30.48 -5.03 26.02
CA SER C 63 -30.50 -3.94 26.98
C SER C 63 -29.09 -3.53 27.40
N THR C 64 -29.00 -2.33 27.96
CA THR C 64 -27.76 -1.79 28.46
C THR C 64 -27.56 -2.25 29.90
N VAL C 65 -26.37 -2.79 30.20
CA VAL C 65 -25.93 -3.13 31.54
C VAL C 65 -24.56 -2.51 31.76
N GLY C 66 -24.01 -2.74 32.95
CA GLY C 66 -22.70 -2.20 33.28
C GLY C 66 -22.30 -2.55 34.69
N MET C 67 -21.22 -1.91 35.15
CA MET C 67 -20.68 -2.12 36.48
C MET C 67 -20.26 -0.79 37.06
N GLN C 68 -20.57 -0.60 38.34
CA GLN C 68 -20.09 0.57 39.06
C GLN C 68 -19.06 0.14 40.09
N GLY C 69 -17.94 0.83 40.13
CA GLY C 69 -16.94 0.53 41.13
C GLY C 69 -17.29 1.16 42.46
N ASN C 70 -16.50 0.80 43.49
CA ASN C 70 -16.57 1.48 44.77
C ASN C 70 -15.76 2.78 44.78
N GLY C 71 -15.30 3.19 43.61
CA GLY C 71 -14.59 4.45 43.44
C GLY C 71 -14.24 4.63 41.97
N ALA C 72 -13.62 5.77 41.68
CA ALA C 72 -13.19 6.04 40.32
C ALA C 72 -12.09 5.07 39.88
N PHE C 73 -12.09 4.74 38.60
CA PHE C 73 -11.08 3.83 38.03
C PHE C 73 -9.81 4.63 37.71
N TYR C 74 -9.08 5.00 38.77
CA TYR C 74 -8.04 6.01 38.61
C TYR C 74 -6.74 5.48 38.01
N HIS C 75 -6.56 4.17 37.89
CA HIS C 75 -5.41 3.73 37.13
C HIS C 75 -5.68 3.81 35.62
N PRO C 76 -4.65 4.10 34.82
CA PRO C 76 -4.84 4.02 33.37
C PRO C 76 -4.90 2.56 32.93
N GLY C 77 -5.92 2.23 32.13
CA GLY C 77 -5.99 0.83 31.78
C GLY C 77 -6.96 0.52 30.65
N TYR C 78 -7.09 -0.77 30.39
CA TYR C 78 -7.93 -1.34 29.35
C TYR C 78 -9.11 -2.02 30.01
N PHE C 79 -10.30 -1.78 29.49
CA PHE C 79 -11.51 -2.37 30.03
C PHE C 79 -12.04 -3.41 29.07
N SER C 80 -12.63 -4.47 29.62
CA SER C 80 -13.25 -5.49 28.79
C SER C 80 -14.45 -6.06 29.53
N ALA C 81 -15.33 -6.70 28.77
CA ALA C 81 -16.48 -7.40 29.33
C ALA C 81 -16.66 -8.69 28.55
N TYR C 82 -16.79 -9.78 29.28
CA TYR C 82 -17.01 -11.09 28.70
C TYR C 82 -18.28 -11.68 29.29
N LEU C 83 -18.92 -12.51 28.51
CA LEU C 83 -20.03 -13.34 28.94
C LEU C 83 -19.59 -14.79 28.83
N SER C 84 -20.13 -15.62 29.72
CA SER C 84 -20.04 -17.06 29.56
C SER C 84 -21.40 -17.65 29.91
N GLN C 85 -21.89 -18.56 29.05
CA GLN C 85 -23.05 -19.34 29.41
C GLN C 85 -22.80 -19.99 30.76
N ALA C 86 -23.82 -20.02 31.61
CA ALA C 86 -23.66 -20.37 33.02
C ALA C 86 -24.43 -21.66 33.30
N SER C 87 -23.68 -22.76 33.40
CA SER C 87 -24.19 -24.06 33.71
C SER C 87 -23.47 -24.57 34.95
N PRO C 88 -24.18 -25.15 35.93
CA PRO C 88 -25.63 -25.37 35.92
C PRO C 88 -26.50 -24.13 36.15
N ALA C 89 -25.91 -23.04 36.67
CA ALA C 89 -26.66 -21.81 36.91
C ALA C 89 -25.67 -20.67 37.09
N ALA C 90 -26.18 -19.44 36.99
CA ALA C 90 -25.31 -18.29 37.18
C ALA C 90 -24.74 -18.21 38.60
N ASN C 91 -25.40 -18.84 39.57
CA ASN C 91 -24.89 -18.86 40.93
C ASN C 91 -24.18 -20.17 41.25
N SER C 92 -23.69 -20.87 40.23
CA SER C 92 -22.97 -22.08 40.58
C SER C 92 -21.47 -21.86 40.45
N PRO C 93 -20.65 -22.43 41.35
CA PRO C 93 -19.20 -22.31 41.17
C PRO C 93 -18.66 -23.02 39.94
N ASP C 94 -19.44 -23.89 39.29
CA ASP C 94 -18.98 -24.55 38.07
C ASP C 94 -19.13 -23.67 36.84
N ALA C 95 -19.93 -22.60 36.93
CA ALA C 95 -20.18 -21.75 35.77
C ALA C 95 -18.90 -21.09 35.28
N GLY C 96 -18.71 -21.12 33.96
CA GLY C 96 -17.58 -20.43 33.37
C GLY C 96 -16.24 -21.04 33.66
N THR C 97 -16.20 -22.29 34.15
CA THR C 97 -14.96 -23.00 34.39
C THR C 97 -14.41 -23.66 33.13
N ALA C 98 -15.18 -23.71 32.05
CA ALA C 98 -14.73 -24.26 30.78
C ALA C 98 -14.37 -23.11 29.83
N SER C 99 -14.02 -23.46 28.59
CA SER C 99 -13.64 -22.45 27.60
C SER C 99 -14.88 -21.96 26.85
N THR C 100 -15.72 -21.20 27.58
CA THR C 100 -16.99 -20.70 27.05
C THR C 100 -17.11 -19.18 27.13
N TRP C 101 -16.04 -18.49 27.49
CA TRP C 101 -16.08 -17.04 27.65
C TRP C 101 -15.88 -16.37 26.30
N PHE C 102 -16.72 -15.41 25.96
CA PHE C 102 -16.54 -14.62 24.76
C PHE C 102 -16.66 -13.14 25.10
N LYS C 103 -15.85 -12.33 24.42
CA LYS C 103 -15.81 -10.89 24.67
C LYS C 103 -16.98 -10.21 23.98
N ILE C 104 -17.65 -9.30 24.69
CA ILE C 104 -18.73 -8.52 24.09
C ILE C 104 -18.42 -7.04 24.01
N TRP C 105 -17.35 -6.57 24.65
CA TRP C 105 -17.11 -5.13 24.73
C TRP C 105 -15.70 -4.92 25.25
N GLU C 106 -15.08 -3.85 24.78
CA GLU C 106 -13.80 -3.46 25.33
C GLU C 106 -13.66 -1.96 25.13
N ASP C 107 -12.80 -1.36 25.95
CA ASP C 107 -12.48 0.05 25.84
C ASP C 107 -10.98 0.18 26.00
N PRO C 108 -10.24 0.13 24.90
CA PRO C 108 -8.78 0.12 24.98
C PRO C 108 -8.23 1.53 24.93
N PRO C 109 -6.99 1.71 25.39
CA PRO C 109 -6.27 2.93 25.03
C PRO C 109 -6.06 2.96 23.52
N VAL C 110 -5.93 4.16 22.97
CA VAL C 110 -5.74 4.31 21.54
C VAL C 110 -4.43 5.04 21.32
N PHE C 111 -3.66 4.57 20.34
CA PHE C 111 -2.39 5.19 19.99
C PHE C 111 -2.68 6.33 19.02
N GLU C 112 -2.44 7.57 19.44
CA GLU C 112 -2.57 8.72 18.56
CA GLU C 112 -2.61 8.73 18.59
C GLU C 112 -1.60 9.80 19.02
N ASN C 113 -0.95 10.43 18.04
CA ASN C 113 -0.04 11.56 18.27
C ASN C 113 1.18 11.16 19.09
N GLY C 114 1.68 9.95 18.84
CA GLY C 114 2.86 9.41 19.47
C GLY C 114 2.70 8.96 20.90
N ALA C 115 1.48 8.93 21.45
CA ALA C 115 1.23 8.53 22.82
C ALA C 115 -0.09 7.77 22.92
N LEU C 116 -0.19 6.93 23.95
CA LEU C 116 -1.44 6.22 24.20
C LEU C 116 -2.43 7.15 24.89
N VAL C 117 -3.65 7.16 24.39
CA VAL C 117 -4.75 7.89 25.01
C VAL C 117 -5.67 6.86 25.62
N PHE C 118 -5.88 6.96 27.01
CA PHE C 118 -6.58 5.96 27.81
C PHE C 118 -8.04 6.36 28.05
N PRO C 119 -8.91 5.39 28.28
CA PRO C 119 -10.26 5.72 28.74
C PRO C 119 -10.19 6.57 30.01
N SER C 120 -11.31 7.24 30.29
CA SER C 120 -11.38 8.19 31.38
C SER C 120 -10.96 7.53 32.70
N GLN C 121 -10.13 8.24 33.46
CA GLN C 121 -9.70 7.78 34.77
C GLN C 121 -10.46 8.48 35.91
N SER C 122 -11.55 9.19 35.58
CA SER C 122 -12.42 9.77 36.59
C SER C 122 -13.78 9.10 36.62
N ILE C 123 -14.07 8.20 35.67
CA ILE C 123 -15.33 7.48 35.67
C ILE C 123 -15.31 6.41 36.77
N ASP C 124 -16.48 6.11 37.32
CA ASP C 124 -16.65 4.97 38.21
C ASP C 124 -17.65 3.97 37.65
N GLN C 125 -17.98 4.08 36.36
CA GLN C 125 -18.90 3.14 35.73
C GLN C 125 -18.45 2.84 34.31
N VAL C 126 -18.88 1.68 33.83
CA VAL C 126 -18.79 1.32 32.43
C VAL C 126 -20.13 0.72 32.05
N THR C 127 -20.54 0.97 30.82
CA THR C 127 -21.77 0.41 30.29
C THR C 127 -21.53 -0.16 28.91
N PHE C 128 -22.34 -1.14 28.56
CA PHE C 128 -22.24 -1.87 27.29
C PHE C 128 -23.53 -2.64 27.13
N THR C 129 -23.66 -3.34 26.01
CA THR C 129 -24.93 -3.93 25.59
C THR C 129 -24.85 -5.45 25.65
N ILE C 130 -25.85 -6.08 26.27
CA ILE C 130 -26.05 -7.51 26.09
C ILE C 130 -26.48 -7.69 24.63
N PRO C 131 -25.75 -8.44 23.81
CA PRO C 131 -26.12 -8.52 22.38
C PRO C 131 -27.53 -9.06 22.19
N LYS C 132 -28.28 -8.40 21.30
CA LYS C 132 -29.67 -8.80 21.06
C LYS C 132 -29.79 -10.22 20.56
N ASN C 133 -28.83 -10.68 19.75
CA ASN C 133 -28.95 -12.02 19.19
C ASN C 133 -28.42 -13.11 20.14
N LEU C 134 -28.05 -12.75 21.36
CA LEU C 134 -27.60 -13.75 22.34
C LEU C 134 -28.77 -14.65 22.76
N PRO C 135 -28.59 -15.97 22.80
CA PRO C 135 -29.68 -16.83 23.28
C PRO C 135 -30.04 -16.54 24.73
N SER C 136 -31.33 -16.68 25.04
CA SER C 136 -31.77 -16.56 26.42
C SER C 136 -31.15 -17.66 27.28
N GLY C 137 -30.91 -17.33 28.54
CA GLY C 137 -30.32 -18.29 29.46
C GLY C 137 -29.52 -17.59 30.55
N GLN C 138 -28.86 -18.39 31.37
CA GLN C 138 -28.09 -17.86 32.49
C GLN C 138 -26.66 -17.63 32.05
N TYR C 139 -26.11 -16.48 32.41
CA TYR C 139 -24.75 -16.12 32.03
C TYR C 139 -24.00 -15.51 33.20
N LEU C 140 -22.68 -15.71 33.21
CA LEU C 140 -21.78 -14.90 33.99
C LEU C 140 -21.30 -13.75 33.12
N LEU C 141 -21.32 -12.55 33.70
CA LEU C 141 -20.77 -11.35 33.08
C LEU C 141 -19.52 -10.97 33.84
N ARG C 142 -18.38 -11.03 33.17
CA ARG C 142 -17.10 -10.70 33.77
C ARG C 142 -16.66 -9.34 33.26
N THR C 143 -16.45 -8.40 34.18
CA THR C 143 -15.94 -7.07 33.83
C THR C 143 -14.58 -6.87 34.45
N GLU C 144 -13.65 -6.32 33.68
CA GLU C 144 -12.31 -6.08 34.20
C GLU C 144 -11.79 -4.75 33.69
N GLN C 145 -10.94 -4.13 34.49
CA GLN C 145 -9.96 -3.17 34.00
C GLN C 145 -8.61 -3.84 34.14
N ILE C 146 -7.81 -3.82 33.07
CA ILE C 146 -6.40 -4.17 33.15
C ILE C 146 -5.64 -2.87 33.32
N ALA C 147 -5.22 -2.59 34.55
CA ALA C 147 -4.46 -1.36 34.80
C ALA C 147 -3.01 -1.56 34.41
N LEU C 148 -2.46 -0.60 33.66
CA LEU C 148 -1.18 -0.76 32.98
C LEU C 148 -0.13 0.22 33.46
N HIS C 149 -0.37 0.93 34.55
CA HIS C 149 0.57 1.94 34.99
C HIS C 149 1.93 1.37 35.34
N VAL C 150 2.00 0.09 35.73
CA VAL C 150 3.31 -0.51 36.00
C VAL C 150 3.49 -1.82 35.23
N ALA C 151 2.96 -1.89 34.01
CA ALA C 151 2.91 -3.12 33.24
C ALA C 151 4.15 -3.37 32.37
N SER C 152 5.21 -2.58 32.51
CA SER C 152 6.34 -2.76 31.60
C SER C 152 7.17 -4.00 31.94
N THR C 153 6.95 -4.64 33.10
CA THR C 153 7.58 -5.91 33.42
C THR C 153 6.53 -7.01 33.53
N PHE C 154 7.00 -8.24 33.33
CA PHE C 154 6.11 -9.39 33.43
C PHE C 154 5.51 -9.46 34.83
N GLY C 155 4.20 -9.67 34.90
CA GLY C 155 3.48 -9.62 36.15
C GLY C 155 3.15 -8.23 36.64
N GLY C 156 3.51 -7.19 35.89
CA GLY C 156 3.22 -5.83 36.34
C GLY C 156 1.77 -5.41 36.13
N ALA C 157 1.10 -5.99 35.13
CA ALA C 157 -0.30 -5.69 34.90
C ALA C 157 -1.14 -6.02 36.13
N GLN C 158 -2.16 -5.20 36.37
CA GLN C 158 -3.05 -5.35 37.50
C GLN C 158 -4.47 -5.50 36.99
N PHE C 159 -5.19 -6.47 37.54
CA PHE C 159 -6.54 -6.80 37.09
C PHE C 159 -7.52 -6.49 38.22
N TYR C 160 -8.49 -5.64 37.93
CA TYR C 160 -9.61 -5.36 38.82
C TYR C 160 -10.84 -5.93 38.16
N ILE C 161 -11.50 -6.86 38.85
CA ILE C 161 -12.46 -7.76 38.24
C ILE C 161 -13.73 -7.80 39.07
N GLY C 162 -14.89 -7.85 38.40
CA GLY C 162 -16.14 -8.20 39.05
C GLY C 162 -16.99 -9.07 38.14
N CYS C 163 -17.59 -10.14 38.68
CA CYS C 163 -18.44 -11.04 37.90
C CYS C 163 -19.89 -10.92 38.36
N ALA C 164 -20.75 -10.53 37.45
CA ALA C 164 -22.18 -10.45 37.68
C ALA C 164 -22.86 -11.72 37.21
N GLN C 165 -23.91 -12.11 37.93
CA GLN C 165 -24.69 -13.31 37.61
C GLN C 165 -26.00 -12.88 36.94
N LEU C 166 -26.20 -13.33 35.70
CA LEU C 166 -27.31 -12.86 34.88
C LEU C 166 -28.22 -13.99 34.46
N ASN C 167 -29.50 -13.65 34.33
CA ASN C 167 -30.48 -14.48 33.62
C ASN C 167 -30.98 -13.60 32.48
N VAL C 168 -30.51 -13.87 31.27
CA VAL C 168 -30.86 -13.03 30.13
C VAL C 168 -32.13 -13.61 29.51
N VAL C 169 -33.13 -12.76 29.30
CA VAL C 169 -34.40 -13.21 28.75
C VAL C 169 -34.66 -12.50 27.43
N ASP C 170 -35.63 -13.03 26.67
CA ASP C 170 -36.07 -12.47 25.39
C ASP C 170 -34.91 -12.34 24.41
N GLY C 171 -34.10 -13.39 24.32
CA GLY C 171 -32.92 -13.41 23.49
C GLY C 171 -33.18 -13.98 22.10
N GLY C 172 -32.08 -14.14 21.37
CA GLY C 172 -32.14 -14.60 20.00
C GLY C 172 -31.58 -15.99 19.76
N SER C 173 -30.95 -16.19 18.59
CA SER C 173 -30.47 -17.50 18.19
C SER C 173 -29.00 -17.50 17.80
N GLY C 174 -28.26 -16.46 18.16
CA GLY C 174 -26.86 -16.38 17.83
C GLY C 174 -26.06 -17.52 18.44
N THR C 175 -24.85 -17.66 17.92
CA THR C 175 -23.88 -18.63 18.43
C THR C 175 -22.61 -17.86 18.78
N PRO C 176 -22.39 -17.52 20.05
CA PRO C 176 -21.30 -16.59 20.38
C PRO C 176 -19.91 -17.20 20.24
N GLY C 177 -18.95 -16.36 19.85
CA GLY C 177 -17.59 -16.80 19.72
C GLY C 177 -16.68 -15.75 19.09
N PRO C 178 -15.37 -16.02 19.07
CA PRO C 178 -14.66 -17.19 19.61
C PRO C 178 -14.60 -17.25 21.15
N THR C 179 -14.45 -18.45 21.70
CA THR C 179 -14.47 -18.64 23.14
C THR C 179 -13.08 -18.94 23.67
N VAL C 180 -12.85 -18.55 24.93
CA VAL C 180 -11.61 -18.75 25.67
C VAL C 180 -11.99 -19.16 27.08
N ALA C 181 -10.98 -19.56 27.85
CA ALA C 181 -11.14 -19.92 29.25
C ALA C 181 -10.47 -18.87 30.14
N PHE C 182 -10.93 -18.79 31.38
CA PHE C 182 -10.29 -18.00 32.43
C PHE C 182 -10.06 -18.89 33.64
N PRO C 183 -8.79 -19.14 34.04
CA PRO C 183 -7.55 -18.73 33.37
C PRO C 183 -7.33 -19.42 32.02
N GLY C 184 -6.48 -18.83 31.17
CA GLY C 184 -6.24 -19.35 29.85
C GLY C 184 -6.15 -18.27 28.79
N ALA C 185 -7.06 -17.30 28.83
CA ALA C 185 -7.12 -16.30 27.78
C ALA C 185 -5.89 -15.41 27.73
N TYR C 186 -5.24 -15.16 28.88
CA TYR C 186 -4.07 -14.30 28.98
C TYR C 186 -2.86 -15.10 29.43
N THR C 187 -1.69 -14.80 28.86
CA THR C 187 -0.45 -15.39 29.34
C THR C 187 0.39 -14.43 30.18
N GLY C 188 0.21 -13.12 30.00
CA GLY C 188 1.06 -12.11 30.61
C GLY C 188 2.12 -11.52 29.70
N ASN C 189 2.29 -12.10 28.51
CA ASN C 189 3.26 -11.63 27.53
C ASN C 189 2.63 -10.87 26.38
N GLU C 190 1.30 -10.74 26.37
CA GLU C 190 0.60 -10.08 25.28
C GLU C 190 1.10 -8.63 25.15
N PRO C 191 1.23 -8.12 23.92
CA PRO C 191 1.70 -6.74 23.75
C PRO C 191 0.74 -5.71 24.33
N GLY C 192 -0.49 -6.09 24.66
CA GLY C 192 -1.39 -5.21 25.36
C GLY C 192 -1.33 -5.33 26.87
N ILE C 193 -0.56 -6.29 27.38
CA ILE C 193 -0.49 -6.55 28.82
C ILE C 193 0.92 -6.34 29.35
N LEU C 194 1.92 -6.84 28.64
CA LEU C 194 3.30 -6.54 28.96
C LEU C 194 3.73 -5.36 28.08
N ILE C 195 3.64 -4.15 28.62
CA ILE C 195 3.76 -2.95 27.78
C ILE C 195 4.22 -1.78 28.63
N ASN C 196 5.13 -0.99 28.06
CA ASN C 196 5.57 0.26 28.68
C ASN C 196 4.75 1.39 28.06
N ILE C 197 3.72 1.84 28.79
CA ILE C 197 2.79 2.83 28.25
C ILE C 197 3.38 4.23 28.17
N TYR C 198 4.57 4.45 28.72
CA TYR C 198 5.18 5.78 28.72
C TYR C 198 6.25 5.93 27.66
N ASP C 199 6.94 4.83 27.33
CA ASP C 199 8.01 4.82 26.32
C ASP C 199 7.74 3.66 25.37
N LEU C 200 6.93 3.92 24.34
CA LEU C 200 6.54 2.88 23.41
C LEU C 200 7.67 2.54 22.44
N PRO C 201 7.74 1.28 21.99
CA PRO C 201 8.76 0.91 20.99
C PRO C 201 8.64 1.76 19.73
N ALA C 202 9.76 1.85 19.00
CA ALA C 202 9.90 2.83 17.93
C ALA C 202 8.87 2.65 16.81
N GLY C 203 8.66 1.41 16.38
CA GLY C 203 7.74 1.17 15.27
C GLY C 203 6.35 0.84 15.74
N TYR C 204 5.92 1.41 16.87
CA TYR C 204 4.64 1.05 17.47
C TYR C 204 3.50 1.47 16.56
N THR C 205 2.71 0.49 16.13
CA THR C 205 1.60 0.75 15.22
C THR C 205 0.32 1.12 15.95
N GLY C 206 0.11 0.57 17.13
CA GLY C 206 -1.10 0.84 17.87
C GLY C 206 -1.26 -0.17 18.99
N TYR C 207 -2.23 0.11 19.85
CA TYR C 207 -2.51 -0.77 20.96
C TYR C 207 -3.19 -2.05 20.46
N GLN C 208 -2.66 -3.20 20.88
CA GLN C 208 -3.24 -4.50 20.55
C GLN C 208 -4.00 -5.01 21.77
N SER C 209 -5.33 -5.01 21.68
CA SER C 209 -6.14 -5.50 22.77
C SER C 209 -5.89 -6.99 22.97
N PRO C 210 -5.77 -7.44 24.22
CA PRO C 210 -5.61 -8.88 24.47
C PRO C 210 -6.93 -9.61 24.37
N GLY C 211 -6.84 -10.92 24.28
CA GLY C 211 -8.01 -11.75 24.25
C GLY C 211 -8.63 -11.78 22.87
N PRO C 212 -9.71 -12.57 22.73
CA PRO C 212 -10.30 -12.80 21.41
C PRO C 212 -11.05 -11.59 20.90
N ALA C 213 -11.45 -11.67 19.63
CA ALA C 213 -12.20 -10.60 18.98
C ALA C 213 -13.60 -10.44 19.59
N VAL C 214 -14.11 -9.20 19.54
CA VAL C 214 -15.46 -8.92 20.03
C VAL C 214 -16.48 -9.75 19.28
N TRP C 215 -17.52 -10.20 20.01
CA TRP C 215 -18.72 -10.79 19.43
C TRP C 215 -19.90 -9.83 19.71
N GLN C 216 -20.45 -9.22 18.65
CA GLN C 216 -21.54 -8.25 18.79
C GLN C 216 -22.93 -8.88 18.74
N GLY C 217 -23.05 -10.09 18.20
CA GLY C 217 -24.34 -10.69 17.92
C GLY C 217 -24.26 -11.79 16.88
N HIS D 1 -32.89 -6.44 2.21
CA HIS D 1 -33.09 -5.03 2.54
C HIS D 1 -32.31 -4.61 3.79
N TYR D 2 -31.17 -3.97 3.56
CA TYR D 2 -30.30 -3.56 4.66
C TYR D 2 -29.33 -2.51 4.16
N THR D 3 -28.88 -1.67 5.08
CA THR D 3 -27.79 -0.73 4.87
C THR D 3 -26.51 -1.29 5.46
N LEU D 4 -25.39 -0.67 5.09
CA LEU D 4 -24.06 -1.00 5.57
C LEU D 4 -23.46 0.26 6.18
N PRO D 5 -23.96 0.68 7.35
CA PRO D 5 -23.63 2.01 7.86
C PRO D 5 -22.38 2.09 8.72
N ASP D 6 -21.81 0.97 9.16
CA ASP D 6 -20.75 0.97 10.18
C ASP D 6 -19.44 0.45 9.62
N LEU D 7 -18.43 1.32 9.57
CA LEU D 7 -17.10 0.83 9.26
C LEU D 7 -16.57 -0.01 10.42
N ILE D 8 -15.95 -1.12 10.10
CA ILE D 8 -15.20 -1.91 11.07
C ILE D 8 -13.74 -1.61 10.85
N ALA D 9 -13.04 -1.22 11.91
CA ALA D 9 -11.63 -0.85 11.83
C ALA D 9 -11.07 -0.90 13.23
N ASN D 10 -9.79 -1.25 13.34
CA ASN D 10 -9.11 -1.42 14.63
C ASN D 10 -9.85 -2.39 15.54
N GLY D 11 -10.47 -3.41 14.96
CA GLY D 11 -11.18 -4.35 15.79
C GLY D 11 -12.43 -3.78 16.45
N THR D 12 -12.86 -2.59 16.03
CA THR D 12 -14.03 -1.95 16.61
C THR D 12 -15.04 -1.57 15.53
N VAL D 13 -16.29 -1.48 15.92
CA VAL D 13 -17.36 -1.14 14.99
C VAL D 13 -17.65 0.35 15.16
N ALA D 14 -17.53 1.11 14.07
CA ALA D 14 -17.82 2.53 14.14
C ALA D 14 -19.33 2.76 14.26
N ALA D 15 -19.70 4.00 14.57
CA ALA D 15 -21.09 4.37 14.66
C ALA D 15 -21.68 4.57 13.27
N ASP D 16 -23.02 4.54 13.20
CA ASP D 16 -23.75 4.67 11.93
C ASP D 16 -23.33 5.92 11.17
N TRP D 17 -22.90 5.73 9.93
CA TRP D 17 -22.54 6.78 8.97
C TRP D 17 -21.39 7.66 9.43
N GLN D 18 -20.66 7.26 10.48
CA GLN D 18 -19.50 8.04 10.94
C GLN D 18 -18.41 8.10 9.87
N PHE D 19 -18.07 6.96 9.28
CA PHE D 19 -17.04 6.87 8.26
C PHE D 19 -17.58 6.38 6.92
N VAL D 20 -18.86 6.05 6.87
CA VAL D 20 -19.54 5.51 5.71
C VAL D 20 -20.46 6.59 5.18
N ARG D 21 -20.39 6.86 3.87
CA ARG D 21 -21.28 7.84 3.28
C ARG D 21 -22.73 7.41 3.42
N GLU D 22 -23.53 8.24 4.09
CA GLU D 22 -24.94 7.90 4.30
C GLU D 22 -25.61 7.62 2.96
N THR D 23 -26.30 6.48 2.88
CA THR D 23 -26.82 6.03 1.60
C THR D 23 -28.27 6.45 1.42
N ALA D 24 -28.71 6.45 0.15
CA ALA D 24 -30.02 7.00 -0.15
C ALA D 24 -31.15 6.16 0.44
N ASN D 25 -30.87 4.89 0.76
CA ASN D 25 -31.86 3.99 1.33
C ASN D 25 -31.81 3.95 2.85
N HIS D 26 -31.28 4.99 3.49
CA HIS D 26 -31.08 4.96 4.93
C HIS D 26 -32.38 4.73 5.69
N TYR D 27 -33.54 5.04 5.09
CA TYR D 27 -34.83 4.68 5.66
C TYR D 27 -35.45 3.44 5.02
N THR D 28 -35.40 3.33 3.69
CA THR D 28 -36.10 2.25 3.02
C THR D 28 -35.35 0.93 3.08
N ASN D 29 -34.03 0.96 3.25
CA ASN D 29 -33.15 -0.20 3.17
C ASN D 29 -33.23 -0.89 1.80
N GLY D 30 -33.82 -0.24 0.80
CA GLY D 30 -33.99 -0.88 -0.48
C GLY D 30 -32.71 -0.90 -1.30
N PRO D 31 -32.64 -1.82 -2.26
CA PRO D 31 -31.42 -2.00 -3.05
C PRO D 31 -31.36 -1.08 -4.25
N VAL D 32 -30.13 -0.90 -4.76
CA VAL D 32 -29.95 -0.42 -6.12
C VAL D 32 -30.21 -1.58 -7.08
N THR D 33 -30.95 -1.32 -8.15
CA THR D 33 -31.24 -2.39 -9.11
C THR D 33 -30.79 -2.07 -10.54
N ASP D 34 -30.26 -0.87 -10.78
CA ASP D 34 -29.81 -0.47 -12.11
C ASP D 34 -28.30 -0.24 -12.04
N VAL D 35 -27.54 -1.16 -12.66
CA VAL D 35 -26.09 -1.07 -12.62
C VAL D 35 -25.56 0.07 -13.45
N THR D 36 -26.39 0.70 -14.27
CA THR D 36 -25.95 1.87 -15.03
C THR D 36 -26.12 3.16 -14.26
N ASP D 37 -26.81 3.14 -13.13
CA ASP D 37 -27.03 4.35 -12.37
C ASP D 37 -25.83 4.69 -11.48
N GLU D 38 -25.66 5.98 -11.23
CA GLU D 38 -24.59 6.48 -10.37
C GLU D 38 -24.69 5.93 -8.95
N ALA D 39 -25.89 5.56 -8.50
CA ALA D 39 -26.05 4.98 -7.16
C ALA D 39 -25.27 3.69 -6.98
N ILE D 40 -24.98 2.95 -8.06
CA ILE D 40 -24.28 1.68 -7.94
C ILE D 40 -22.89 1.85 -7.34
N ARG D 41 -22.35 3.07 -7.34
CA ARG D 41 -21.00 3.28 -6.82
C ARG D 41 -20.99 3.35 -5.30
N CYS D 42 -21.58 4.39 -4.73
CA CYS D 42 -21.60 4.57 -3.28
C CYS D 42 -22.98 4.84 -2.72
N TYR D 43 -24.02 4.86 -3.58
CA TYR D 43 -25.42 4.91 -3.13
C TYR D 43 -25.70 6.11 -2.23
N GLU D 44 -24.98 7.20 -2.40
CA GLU D 44 -25.07 8.31 -1.47
C GLU D 44 -26.47 8.90 -1.41
N LEU D 45 -26.83 9.38 -0.22
CA LEU D 45 -28.05 10.18 -0.07
C LEU D 45 -28.00 11.42 -0.95
N ASP D 46 -26.83 12.05 -1.06
CA ASP D 46 -26.70 13.27 -1.87
C ASP D 46 -25.29 13.29 -2.42
N TYR D 47 -25.15 13.16 -3.74
CA TYR D 47 -23.81 12.98 -4.32
C TYR D 47 -22.90 14.15 -4.00
N SER D 48 -23.43 15.38 -4.04
CA SER D 48 -22.55 16.53 -3.82
C SER D 48 -22.33 16.84 -2.34
N ALA D 49 -23.29 16.52 -1.47
CA ALA D 49 -23.24 16.86 -0.05
C ALA D 49 -22.67 15.75 0.83
N THR D 50 -23.12 14.51 0.63
CA THR D 50 -22.82 13.46 1.60
C THR D 50 -21.33 13.24 1.84
N PRO D 51 -20.44 13.29 0.83
CA PRO D 51 -19.01 13.09 1.11
C PRO D 51 -18.45 14.06 2.15
N GLY D 52 -18.76 15.34 2.03
CA GLY D 52 -18.30 16.31 3.02
C GLY D 52 -18.88 16.14 4.40
N GLU D 53 -20.02 15.44 4.52
CA GLU D 53 -20.60 15.14 5.83
C GLU D 53 -20.13 13.82 6.41
N THR D 54 -19.08 13.26 5.84
CA THR D 54 -18.60 11.95 6.24
C THR D 54 -17.18 12.14 6.73
N ASN D 55 -16.88 11.57 7.89
CA ASN D 55 -15.54 11.62 8.44
C ASN D 55 -14.64 10.65 7.68
N ILE D 56 -13.35 10.73 7.97
CA ILE D 56 -12.33 9.91 7.32
C ILE D 56 -11.62 9.08 8.39
N ALA D 57 -11.60 7.77 8.18
CA ALA D 57 -11.02 6.84 9.14
C ALA D 57 -9.57 6.54 8.78
N THR D 58 -8.69 6.65 9.76
CA THR D 58 -7.29 6.32 9.56
C THR D 58 -7.07 4.86 9.91
N VAL D 59 -6.52 4.10 8.96
CA VAL D 59 -6.24 2.68 9.15
C VAL D 59 -4.88 2.39 8.55
N SER D 60 -4.27 1.31 9.01
CA SER D 60 -2.96 0.91 8.52
C SER D 60 -3.07 -0.09 7.38
N ALA D 61 -2.21 0.05 6.38
CA ALA D 61 -2.14 -0.97 5.35
C ALA D 61 -1.79 -2.29 6.01
N GLY D 62 -2.38 -3.38 5.50
CA GLY D 62 -2.26 -4.68 6.12
C GLY D 62 -3.27 -4.98 7.21
N SER D 63 -3.97 -3.98 7.73
CA SER D 63 -4.91 -4.22 8.82
C SER D 63 -6.24 -4.78 8.31
N THR D 64 -6.98 -5.38 9.23
CA THR D 64 -8.31 -5.90 8.96
C THR D 64 -9.32 -4.79 9.12
N VAL D 65 -10.17 -4.63 8.11
CA VAL D 65 -11.29 -3.71 8.17
C VAL D 65 -12.53 -4.47 7.73
N GLY D 66 -13.66 -3.79 7.72
CA GLY D 66 -14.89 -4.42 7.29
C GLY D 66 -16.06 -3.47 7.41
N MET D 67 -17.25 -4.03 7.24
CA MET D 67 -18.49 -3.28 7.28
C MET D 67 -19.53 -4.08 8.04
N GLN D 68 -20.27 -3.41 8.91
CA GLN D 68 -21.40 -4.05 9.58
C GLN D 68 -22.69 -3.47 9.04
N GLY D 69 -23.66 -4.34 8.74
CA GLY D 69 -24.96 -3.87 8.30
C GLY D 69 -25.84 -3.42 9.45
N ASN D 70 -26.98 -2.84 9.12
CA ASN D 70 -27.97 -2.55 10.17
C ASN D 70 -28.83 -3.77 10.47
N GLY D 71 -28.45 -4.92 9.93
CA GLY D 71 -29.13 -6.16 10.21
C GLY D 71 -28.40 -7.27 9.50
N ALA D 72 -28.93 -8.48 9.67
CA ALA D 72 -28.33 -9.64 9.03
C ALA D 72 -28.47 -9.54 7.52
N PHE D 73 -27.45 -10.01 6.80
CA PHE D 73 -27.43 -10.00 5.33
C PHE D 73 -28.20 -11.23 4.86
N TYR D 74 -29.53 -11.14 5.00
CA TYR D 74 -30.36 -12.33 4.93
C TYR D 74 -30.69 -12.77 3.51
N HIS D 75 -30.45 -11.91 2.50
CA HIS D 75 -30.56 -12.43 1.15
C HIS D 75 -29.32 -13.25 0.79
N PRO D 76 -29.47 -14.30 0.00
CA PRO D 76 -28.30 -15.00 -0.54
C PRO D 76 -27.64 -14.15 -1.62
N GLY D 77 -26.31 -14.07 -1.56
CA GLY D 77 -25.68 -13.22 -2.54
C GLY D 77 -24.18 -13.35 -2.55
N TYR D 78 -23.58 -12.48 -3.35
CA TYR D 78 -22.14 -12.36 -3.56
C TYR D 78 -21.64 -11.11 -2.86
N PHE D 79 -20.51 -11.21 -2.17
CA PHE D 79 -19.91 -10.05 -1.50
C PHE D 79 -18.62 -9.64 -2.19
N SER D 80 -18.34 -8.33 -2.20
CA SER D 80 -17.08 -7.83 -2.74
C SER D 80 -16.68 -6.56 -2.00
N ALA D 81 -15.41 -6.22 -2.13
CA ALA D 81 -14.86 -4.97 -1.62
C ALA D 81 -13.90 -4.43 -2.65
N TYR D 82 -14.05 -3.15 -2.96
CA TYR D 82 -13.20 -2.42 -3.89
C TYR D 82 -12.62 -1.20 -3.18
N LEU D 83 -11.40 -0.85 -3.57
CA LEU D 83 -10.77 0.39 -3.15
C LEU D 83 -10.57 1.27 -4.38
N SER D 84 -10.61 2.58 -4.16
CA SER D 84 -10.15 3.52 -5.16
C SER D 84 -9.35 4.61 -4.48
N GLN D 85 -8.17 4.91 -5.00
CA GLN D 85 -7.49 6.13 -4.61
CA GLN D 85 -7.49 6.13 -4.59
C GLN D 85 -8.47 7.29 -4.73
N ALA D 86 -8.55 8.10 -3.68
CA ALA D 86 -9.57 9.13 -3.53
C ALA D 86 -8.92 10.49 -3.74
N SER D 87 -9.22 11.12 -4.87
CA SER D 87 -8.69 12.42 -5.20
C SER D 87 -9.84 13.39 -5.41
N PRO D 88 -9.77 14.61 -4.85
CA PRO D 88 -8.63 15.13 -4.08
C PRO D 88 -8.52 14.54 -2.67
N ALA D 89 -9.61 13.97 -2.17
CA ALA D 89 -9.61 13.43 -0.81
C ALA D 89 -10.74 12.43 -0.67
N ALA D 90 -10.68 11.64 0.41
CA ALA D 90 -11.70 10.63 0.64
C ALA D 90 -13.08 11.23 0.90
N ASN D 91 -13.15 12.48 1.36
CA ASN D 91 -14.45 13.10 1.62
C ASN D 91 -14.90 14.00 0.48
N SER D 92 -14.38 13.78 -0.74
CA SER D 92 -14.77 14.58 -1.89
C SER D 92 -15.71 13.80 -2.80
N PRO D 93 -16.74 14.45 -3.34
CA PRO D 93 -17.59 13.76 -4.33
C PRO D 93 -16.85 13.37 -5.60
N ASP D 94 -15.64 13.88 -5.85
CA ASP D 94 -14.95 13.51 -7.08
C ASP D 94 -14.30 12.15 -6.99
N ALA D 95 -14.07 11.66 -5.78
CA ALA D 95 -13.30 10.45 -5.59
C ALA D 95 -13.96 9.26 -6.27
N GLY D 96 -13.17 8.49 -7.00
CA GLY D 96 -13.71 7.28 -7.60
C GLY D 96 -14.67 7.50 -8.74
N THR D 97 -14.71 8.70 -9.34
CA THR D 97 -15.62 8.93 -10.46
C THR D 97 -15.05 8.49 -11.80
N ALA D 98 -13.76 8.19 -11.88
CA ALA D 98 -13.11 7.69 -13.07
C ALA D 98 -12.84 6.19 -12.91
N SER D 99 -12.09 5.61 -13.86
CA SER D 99 -11.79 4.19 -13.86
C SER D 99 -10.58 3.87 -12.99
N THR D 100 -10.79 3.96 -11.66
CA THR D 100 -9.72 3.77 -10.68
C THR D 100 -10.05 2.72 -9.61
N TRP D 101 -11.16 2.00 -9.73
CA TRP D 101 -11.54 1.02 -8.71
C TRP D 101 -10.85 -0.32 -8.95
N PHE D 102 -10.32 -0.92 -7.89
CA PHE D 102 -9.77 -2.26 -7.99
C PHE D 102 -10.32 -3.12 -6.86
N LYS D 103 -10.54 -4.39 -7.17
CA LYS D 103 -11.09 -5.33 -6.20
C LYS D 103 -10.01 -5.83 -5.25
N ILE D 104 -10.28 -5.81 -3.95
CA ILE D 104 -9.35 -6.37 -2.98
C ILE D 104 -9.89 -7.60 -2.29
N TRP D 105 -11.18 -7.93 -2.49
CA TRP D 105 -11.75 -9.05 -1.76
C TRP D 105 -13.11 -9.37 -2.34
N GLU D 106 -13.47 -10.66 -2.29
CA GLU D 106 -14.81 -11.08 -2.62
C GLU D 106 -15.12 -12.36 -1.87
N ASP D 107 -16.40 -12.63 -1.71
CA ASP D 107 -16.88 -13.83 -1.06
C ASP D 107 -18.02 -14.33 -1.92
N PRO D 108 -17.73 -15.16 -2.91
CA PRO D 108 -18.76 -15.55 -3.87
C PRO D 108 -19.51 -16.78 -3.40
N PRO D 109 -20.70 -17.02 -3.93
CA PRO D 109 -21.30 -18.35 -3.79
C PRO D 109 -20.46 -19.38 -4.54
N VAL D 110 -20.53 -20.63 -4.09
CA VAL D 110 -19.74 -21.72 -4.67
C VAL D 110 -20.67 -22.84 -5.12
N PHE D 111 -20.37 -23.40 -6.28
CA PHE D 111 -21.14 -24.49 -6.90
C PHE D 111 -20.60 -25.82 -6.39
N GLU D 112 -21.39 -26.52 -5.58
CA GLU D 112 -20.98 -27.76 -4.94
C GLU D 112 -22.10 -28.77 -5.07
N ASN D 113 -21.81 -29.94 -5.65
CA ASN D 113 -22.77 -31.03 -5.74
C ASN D 113 -24.06 -30.61 -6.44
N GLY D 114 -23.91 -29.86 -7.54
CA GLY D 114 -24.99 -29.43 -8.40
C GLY D 114 -25.84 -28.26 -7.93
N ALA D 115 -25.43 -27.57 -6.86
CA ALA D 115 -26.20 -26.44 -6.33
C ALA D 115 -25.24 -25.37 -5.80
N LEU D 116 -25.72 -24.12 -5.77
CA LEU D 116 -24.94 -23.03 -5.22
C LEU D 116 -25.02 -23.01 -3.70
N VAL D 117 -23.86 -22.86 -3.06
CA VAL D 117 -23.75 -22.65 -1.61
C VAL D 117 -23.32 -21.20 -1.37
N PHE D 118 -24.10 -20.49 -0.62
CA PHE D 118 -23.91 -19.07 -0.40
C PHE D 118 -23.26 -18.81 0.95
N PRO D 119 -22.56 -17.69 1.09
CA PRO D 119 -22.11 -17.28 2.42
C PRO D 119 -23.28 -17.17 3.37
N SER D 120 -22.97 -17.16 4.66
CA SER D 120 -24.01 -17.17 5.69
C SER D 120 -24.97 -16.01 5.51
N GLN D 121 -26.25 -16.29 5.67
CA GLN D 121 -27.30 -15.28 5.66
C GLN D 121 -27.73 -14.87 7.06
N SER D 122 -26.98 -15.27 8.08
CA SER D 122 -27.24 -14.83 9.44
C SER D 122 -26.18 -13.88 9.95
N ILE D 123 -25.10 -13.67 9.21
CA ILE D 123 -24.07 -12.71 9.60
C ILE D 123 -24.56 -11.29 9.34
N ASP D 124 -24.07 -10.34 10.12
CA ASP D 124 -24.34 -8.94 9.85
C ASP D 124 -23.08 -8.14 9.55
N GLN D 125 -21.96 -8.81 9.26
CA GLN D 125 -20.76 -8.08 8.94
C GLN D 125 -19.88 -8.91 8.01
N VAL D 126 -18.98 -8.21 7.34
CA VAL D 126 -17.90 -8.83 6.57
C VAL D 126 -16.62 -8.12 6.96
N THR D 127 -15.52 -8.88 6.98
CA THR D 127 -14.20 -8.30 7.26
C THR D 127 -13.18 -8.82 6.26
N PHE D 128 -12.15 -8.00 6.04
CA PHE D 128 -11.12 -8.30 5.07
C PHE D 128 -9.93 -7.39 5.33
N THR D 129 -8.90 -7.56 4.53
CA THR D 129 -7.59 -6.99 4.75
C THR D 129 -7.31 -5.90 3.73
N ILE D 130 -6.91 -4.72 4.20
CA ILE D 130 -6.30 -3.73 3.32
C ILE D 130 -4.93 -4.30 2.93
N PRO D 131 -4.62 -4.46 1.64
CA PRO D 131 -3.34 -5.08 1.27
C PRO D 131 -2.17 -4.35 1.90
N LYS D 132 -1.21 -5.14 2.42
CA LYS D 132 -0.05 -4.56 3.09
C LYS D 132 0.74 -3.65 2.15
N ASN D 133 0.84 -4.02 0.86
CA ASN D 133 1.61 -3.27 -0.12
C ASN D 133 0.83 -2.10 -0.75
N LEU D 134 -0.37 -1.81 -0.26
CA LEU D 134 -1.12 -0.69 -0.82
C LEU D 134 -0.40 0.61 -0.49
N PRO D 135 -0.19 1.50 -1.45
CA PRO D 135 0.46 2.78 -1.15
C PRO D 135 -0.37 3.63 -0.19
N SER D 136 0.34 4.36 0.68
CA SER D 136 -0.29 5.25 1.63
C SER D 136 -1.09 6.32 0.90
N GLY D 137 -2.18 6.75 1.50
CA GLY D 137 -2.99 7.79 0.91
C GLY D 137 -4.44 7.60 1.29
N GLN D 138 -5.28 8.45 0.71
CA GLN D 138 -6.71 8.43 0.95
C GLN D 138 -7.40 7.54 -0.07
N TYR D 139 -8.33 6.72 0.42
CA TYR D 139 -9.06 5.79 -0.43
C TYR D 139 -10.54 5.77 -0.06
N LEU D 140 -11.36 5.49 -1.07
CA LEU D 140 -12.73 5.05 -0.86
C LEU D 140 -12.76 3.54 -0.86
N LEU D 141 -13.48 2.97 0.11
CA LEU D 141 -13.70 1.54 0.19
C LEU D 141 -15.15 1.26 -0.14
N ARG D 142 -15.40 0.53 -1.22
CA ARG D 142 -16.76 0.18 -1.60
C ARG D 142 -17.01 -1.28 -1.26
N THR D 143 -17.98 -1.52 -0.39
CA THR D 143 -18.37 -2.86 0.00
C THR D 143 -19.80 -3.09 -0.44
N GLU D 144 -20.06 -4.26 -1.03
CA GLU D 144 -21.37 -4.57 -1.55
C GLU D 144 -21.70 -6.02 -1.29
N GLN D 145 -22.99 -6.26 -1.11
CA GLN D 145 -23.58 -7.57 -1.39
C GLN D 145 -24.43 -7.43 -2.64
N ILE D 146 -24.21 -8.32 -3.60
CA ILE D 146 -25.10 -8.49 -4.74
C ILE D 146 -26.04 -9.64 -4.36
N ALA D 147 -27.28 -9.31 -4.00
CA ALA D 147 -28.25 -10.34 -3.65
C ALA D 147 -28.85 -10.94 -4.92
N LEU D 148 -28.90 -12.27 -4.96
CA LEU D 148 -29.17 -12.99 -6.19
C LEU D 148 -30.46 -13.82 -6.15
N HIS D 149 -31.30 -13.63 -5.13
CA HIS D 149 -32.48 -14.47 -4.95
C HIS D 149 -33.52 -14.24 -6.06
N VAL D 150 -33.53 -13.07 -6.70
CA VAL D 150 -34.43 -12.87 -7.83
C VAL D 150 -33.64 -12.39 -9.04
N ALA D 151 -32.42 -12.92 -9.23
CA ALA D 151 -31.53 -12.43 -10.28
C ALA D 151 -31.77 -13.10 -11.64
N SER D 152 -32.80 -13.93 -11.77
CA SER D 152 -33.00 -14.68 -13.01
C SER D 152 -33.50 -13.81 -14.16
N THR D 153 -33.95 -12.58 -13.89
CA THR D 153 -34.29 -11.65 -14.95
C THR D 153 -33.36 -10.44 -14.88
N PHE D 154 -33.21 -9.77 -16.02
CA PHE D 154 -32.34 -8.62 -16.12
C PHE D 154 -32.79 -7.53 -15.15
N GLY D 155 -31.83 -6.98 -14.40
CA GLY D 155 -32.19 -6.01 -13.38
C GLY D 155 -32.75 -6.61 -12.11
N GLY D 156 -32.81 -7.94 -12.01
CA GLY D 156 -33.31 -8.59 -10.81
C GLY D 156 -32.29 -8.65 -9.69
N ALA D 157 -31.00 -8.63 -10.04
CA ALA D 157 -29.95 -8.56 -9.03
C ALA D 157 -30.12 -7.31 -8.20
N GLN D 158 -29.84 -7.41 -6.91
CA GLN D 158 -30.05 -6.32 -5.97
C GLN D 158 -28.73 -5.96 -5.31
N PHE D 159 -28.41 -4.66 -5.27
CA PHE D 159 -27.13 -4.17 -4.76
C PHE D 159 -27.32 -3.38 -3.47
N TYR D 160 -26.71 -3.87 -2.39
CA TYR D 160 -26.65 -3.22 -1.09
C TYR D 160 -25.20 -2.78 -0.88
N ILE D 161 -24.99 -1.47 -0.70
CA ILE D 161 -23.69 -0.84 -0.88
C ILE D 161 -23.40 0.09 0.29
N GLY D 162 -22.14 0.13 0.72
CA GLY D 162 -21.65 1.17 1.60
C GLY D 162 -20.21 1.55 1.27
N CYS D 163 -19.92 2.86 1.25
CA CYS D 163 -18.58 3.36 0.94
C CYS D 163 -17.98 4.01 2.18
N ALA D 164 -16.86 3.48 2.65
CA ALA D 164 -16.14 4.09 3.76
C ALA D 164 -15.00 4.93 3.23
N GLN D 165 -14.72 6.02 3.94
CA GLN D 165 -13.66 6.96 3.60
C GLN D 165 -12.45 6.67 4.47
N LEU D 166 -11.33 6.34 3.84
CA LEU D 166 -10.16 5.85 4.54
C LEU D 166 -8.96 6.76 4.31
N ASN D 167 -8.11 6.84 5.32
CA ASN D 167 -6.77 7.40 5.20
C ASN D 167 -5.83 6.25 5.56
N VAL D 168 -5.20 5.68 4.54
CA VAL D 168 -4.36 4.51 4.70
C VAL D 168 -2.93 4.98 4.94
N VAL D 169 -2.33 4.53 6.04
CA VAL D 169 -0.98 4.95 6.41
C VAL D 169 -0.07 3.73 6.48
N ASP D 170 1.24 4.00 6.48
CA ASP D 170 2.27 2.96 6.59
C ASP D 170 2.11 1.92 5.50
N GLY D 171 1.92 2.39 4.27
CA GLY D 171 1.65 1.53 3.14
C GLY D 171 2.92 1.11 2.42
N GLY D 172 2.72 0.48 1.27
CA GLY D 172 3.84 0.00 0.47
C GLY D 172 3.95 0.72 -0.84
N SER D 173 4.41 0.00 -1.88
CA SER D 173 4.64 0.58 -3.19
C SER D 173 3.93 -0.22 -4.29
N GLY D 174 2.92 -1.01 -3.93
CA GLY D 174 2.21 -1.78 -4.94
C GLY D 174 1.53 -0.88 -5.95
N THR D 175 1.13 -1.50 -7.07
CA THR D 175 0.41 -0.81 -8.15
C THR D 175 -0.90 -1.55 -8.42
N PRO D 176 -2.02 -1.05 -7.88
CA PRO D 176 -3.27 -1.82 -7.93
C PRO D 176 -3.87 -1.90 -9.33
N GLY D 177 -4.52 -3.03 -9.59
CA GLY D 177 -5.18 -3.23 -10.87
C GLY D 177 -5.63 -4.67 -11.01
N PRO D 178 -6.37 -4.98 -12.09
CA PRO D 178 -6.86 -4.00 -13.09
C PRO D 178 -8.00 -3.13 -12.52
N THR D 179 -8.20 -1.94 -13.09
CA THR D 179 -9.13 -0.96 -12.56
C THR D 179 -10.38 -0.86 -13.42
N VAL D 180 -11.48 -0.47 -12.79
CA VAL D 180 -12.78 -0.32 -13.44
C VAL D 180 -13.46 0.94 -12.91
N ALA D 181 -14.56 1.30 -13.54
CA ALA D 181 -15.39 2.40 -13.10
C ALA D 181 -16.66 1.86 -12.49
N PHE D 182 -17.26 2.67 -11.60
CA PHE D 182 -18.59 2.43 -11.07
C PHE D 182 -19.33 3.73 -11.27
N PRO D 183 -20.45 3.75 -12.02
CA PRO D 183 -20.94 2.60 -12.78
C PRO D 183 -20.00 2.31 -13.93
N GLY D 184 -20.10 1.13 -14.54
CA GLY D 184 -19.20 0.75 -15.61
C GLY D 184 -18.76 -0.70 -15.53
N ALA D 185 -18.42 -1.14 -14.31
CA ALA D 185 -17.83 -2.46 -14.11
C ALA D 185 -18.81 -3.57 -14.42
N TYR D 186 -20.11 -3.33 -14.25
CA TYR D 186 -21.18 -4.28 -14.45
C TYR D 186 -22.07 -3.88 -15.62
N THR D 187 -22.48 -4.86 -16.41
CA THR D 187 -23.46 -4.63 -17.46
C THR D 187 -24.87 -5.09 -17.08
N GLY D 188 -24.99 -6.06 -16.19
CA GLY D 188 -26.29 -6.65 -15.90
C GLY D 188 -26.52 -7.98 -16.58
N ASN D 189 -25.64 -8.35 -17.52
CA ASN D 189 -25.70 -9.63 -18.21
C ASN D 189 -24.65 -10.62 -17.75
N GLU D 190 -23.78 -10.25 -16.81
CA GLU D 190 -22.72 -11.15 -16.37
C GLU D 190 -23.33 -12.44 -15.84
N PRO D 191 -22.71 -13.59 -16.07
CA PRO D 191 -23.26 -14.86 -15.56
C PRO D 191 -23.30 -14.94 -14.04
N GLY D 192 -22.61 -14.05 -13.32
CA GLY D 192 -22.72 -13.97 -11.88
C GLY D 192 -23.77 -13.02 -11.37
N ILE D 193 -24.41 -12.29 -12.26
CA ILE D 193 -25.39 -11.27 -11.90
C ILE D 193 -26.76 -11.60 -12.48
N LEU D 194 -26.80 -11.99 -13.75
CA LEU D 194 -28.02 -12.49 -14.39
C LEU D 194 -27.98 -14.01 -14.24
N ILE D 195 -28.65 -14.54 -13.23
CA ILE D 195 -28.45 -15.93 -12.87
C ILE D 195 -29.69 -16.43 -12.13
N ASN D 196 -30.15 -17.61 -12.50
CA ASN D 196 -31.21 -18.31 -11.79
C ASN D 196 -30.49 -19.28 -10.85
N ILE D 197 -30.35 -18.89 -9.58
CA ILE D 197 -29.62 -19.70 -8.62
C ILE D 197 -30.36 -20.95 -8.21
N TYR D 198 -31.64 -21.06 -8.56
CA TYR D 198 -32.42 -22.23 -8.18
C TYR D 198 -32.50 -23.27 -9.27
N ASP D 199 -32.45 -22.84 -10.53
CA ASP D 199 -32.44 -23.73 -11.69
C ASP D 199 -31.29 -23.26 -12.59
N LEU D 200 -30.09 -23.79 -12.33
CA LEU D 200 -28.91 -23.36 -13.07
C LEU D 200 -28.92 -23.93 -14.48
N PRO D 201 -28.31 -23.22 -15.44
CA PRO D 201 -28.20 -23.75 -16.79
C PRO D 201 -27.52 -25.12 -16.79
N ALA D 202 -27.82 -25.90 -17.83
CA ALA D 202 -27.45 -27.32 -17.83
C ALA D 202 -25.95 -27.53 -17.75
N GLY D 203 -25.18 -26.76 -18.51
CA GLY D 203 -23.75 -27.00 -18.49
C GLY D 203 -22.97 -26.15 -17.50
N TYR D 204 -23.62 -25.77 -16.40
CA TYR D 204 -23.02 -24.86 -15.43
C TYR D 204 -21.83 -25.54 -14.76
N THR D 205 -20.64 -24.96 -14.94
CA THR D 205 -19.40 -25.48 -14.37
C THR D 205 -19.08 -24.89 -12.99
N GLY D 206 -19.52 -23.66 -12.75
CA GLY D 206 -19.24 -22.99 -11.49
C GLY D 206 -19.62 -21.53 -11.60
N TYR D 207 -19.63 -20.88 -10.43
CA TYR D 207 -20.00 -19.47 -10.35
C TYR D 207 -18.87 -18.58 -10.85
N GLN D 208 -19.21 -17.59 -11.66
CA GLN D 208 -18.24 -16.64 -12.23
C GLN D 208 -18.47 -15.26 -11.60
N SER D 209 -17.58 -14.88 -10.67
CA SER D 209 -17.69 -13.59 -10.00
C SER D 209 -17.65 -12.47 -11.04
N PRO D 210 -18.47 -11.43 -10.89
CA PRO D 210 -18.38 -10.29 -11.79
C PRO D 210 -17.17 -9.44 -11.42
N GLY D 211 -16.81 -8.53 -12.34
CA GLY D 211 -15.77 -7.56 -12.07
C GLY D 211 -14.36 -8.09 -12.26
N PRO D 212 -13.34 -7.26 -12.02
CA PRO D 212 -11.96 -7.69 -12.27
C PRO D 212 -11.43 -8.63 -11.21
N ALA D 213 -10.26 -9.17 -11.51
CA ALA D 213 -9.59 -10.07 -10.58
C ALA D 213 -9.15 -9.32 -9.32
N VAL D 214 -9.10 -10.06 -8.21
CA VAL D 214 -8.65 -9.49 -6.95
C VAL D 214 -7.21 -9.00 -7.12
N TRP D 215 -6.90 -7.86 -6.51
CA TRP D 215 -5.53 -7.39 -6.37
C TRP D 215 -5.13 -7.51 -4.90
N GLN D 216 -4.16 -8.36 -4.61
CA GLN D 216 -3.77 -8.66 -3.23
C GLN D 216 -2.44 -8.03 -2.82
N GLY D 217 -1.72 -7.41 -3.74
CA GLY D 217 -0.44 -6.79 -3.45
C GLY D 217 0.54 -6.84 -4.61
N HIS E 1 -6.42 -3.61 -31.79
CA HIS E 1 -7.09 -4.87 -32.11
C HIS E 1 -6.70 -5.45 -33.46
N TYR E 2 -5.79 -6.43 -33.45
CA TYR E 2 -5.30 -7.08 -34.65
C TYR E 2 -4.67 -8.42 -34.29
N THR E 3 -4.67 -9.33 -35.25
CA THR E 3 -3.95 -10.59 -35.12
C THR E 3 -2.62 -10.47 -35.82
N LEU E 4 -1.73 -11.43 -35.57
CA LEU E 4 -0.44 -11.52 -36.25
C LEU E 4 -0.38 -12.89 -36.92
N PRO E 5 -1.15 -13.08 -38.00
CA PRO E 5 -1.29 -14.42 -38.58
C PRO E 5 -0.28 -14.81 -39.65
N ASP E 6 0.53 -13.88 -40.19
CA ASP E 6 1.35 -14.16 -41.36
C ASP E 6 2.84 -14.10 -41.02
N LEU E 7 3.50 -15.25 -41.09
CA LEU E 7 4.95 -15.24 -41.01
C LEU E 7 5.53 -14.65 -42.29
N ILE E 8 6.53 -13.79 -42.14
CA ILE E 8 7.32 -13.28 -43.24
C ILE E 8 8.66 -14.01 -43.22
N ALA E 9 9.02 -14.61 -44.35
CA ALA E 9 10.23 -15.40 -44.45
C ALA E 9 10.56 -15.59 -45.93
N ASN E 10 11.85 -15.68 -46.23
CA ASN E 10 12.29 -15.83 -47.61
C ASN E 10 11.75 -14.72 -48.49
N GLY E 11 11.64 -13.51 -47.94
CA GLY E 11 11.15 -12.38 -48.69
C GLY E 11 9.69 -12.43 -49.10
N THR E 12 8.93 -13.39 -48.60
CA THR E 12 7.52 -13.53 -48.95
C THR E 12 6.67 -13.62 -47.69
N VAL E 13 5.40 -13.25 -47.83
CA VAL E 13 4.43 -13.26 -46.74
C VAL E 13 3.61 -14.54 -46.82
N ALA E 14 3.64 -15.32 -45.75
CA ALA E 14 2.87 -16.56 -45.72
C ALA E 14 1.39 -16.24 -45.57
N ALA E 15 0.57 -17.26 -45.79
CA ALA E 15 -0.88 -17.16 -45.61
C ALA E 15 -1.24 -17.21 -44.12
N ASP E 16 -2.47 -16.81 -43.83
CA ASP E 16 -2.98 -16.74 -42.46
C ASP E 16 -2.84 -18.09 -41.74
N TRP E 17 -2.18 -18.05 -40.59
CA TRP E 17 -2.01 -19.20 -39.70
C TRP E 17 -1.27 -20.36 -40.34
N GLN E 18 -0.60 -20.14 -41.48
CA GLN E 18 0.15 -21.22 -42.12
C GLN E 18 1.29 -21.69 -41.23
N PHE E 19 2.07 -20.75 -40.70
CA PHE E 19 3.19 -21.06 -39.82
C PHE E 19 3.00 -20.48 -38.43
N VAL E 20 1.92 -19.76 -38.20
CA VAL E 20 1.65 -19.10 -36.94
C VAL E 20 0.51 -19.83 -36.27
N ARG E 21 0.67 -20.13 -34.99
CA ARG E 21 -0.39 -20.79 -34.25
C ARG E 21 -1.62 -19.89 -34.17
N GLU E 22 -2.75 -20.36 -34.71
CA GLU E 22 -3.97 -19.56 -34.69
C GLU E 22 -4.32 -19.16 -33.26
N THR E 23 -4.53 -17.87 -33.06
CA THR E 23 -4.67 -17.33 -31.72
C THR E 23 -6.14 -17.25 -31.32
N ALA E 24 -6.38 -17.14 -30.01
CA ALA E 24 -7.74 -17.20 -29.49
C ALA E 24 -8.58 -16.00 -29.89
N ASN E 25 -7.97 -14.90 -30.29
CA ASN E 25 -8.70 -13.70 -30.70
C ASN E 25 -8.96 -13.66 -32.19
N HIS E 26 -8.97 -14.82 -32.85
CA HIS E 26 -9.11 -14.87 -34.31
C HIS E 26 -10.43 -14.26 -34.79
N TYR E 27 -11.42 -14.04 -33.91
CA TYR E 27 -12.64 -13.33 -34.24
CA TYR E 27 -12.63 -13.31 -34.24
C TYR E 27 -12.66 -11.93 -33.64
N THR E 28 -12.30 -11.79 -32.35
CA THR E 28 -12.41 -10.52 -31.66
C THR E 28 -11.26 -9.56 -31.95
N ASN E 29 -10.09 -10.07 -32.36
CA ASN E 29 -8.85 -9.31 -32.45
C ASN E 29 -8.43 -8.72 -31.12
N GLY E 30 -9.05 -9.09 -30.00
CA GLY E 30 -8.72 -8.45 -28.73
C GLY E 30 -7.40 -8.94 -28.17
N PRO E 31 -6.81 -8.16 -27.27
CA PRO E 31 -5.47 -8.48 -26.75
C PRO E 31 -5.49 -9.45 -25.58
N VAL E 32 -4.32 -10.03 -25.31
CA VAL E 32 -4.08 -10.57 -23.98
C VAL E 32 -3.85 -9.40 -23.04
N THR E 33 -4.47 -9.45 -21.86
CA THR E 33 -4.30 -8.38 -20.87
C THR E 33 -3.76 -8.89 -19.53
N ASP E 34 -3.56 -10.19 -19.38
CA ASP E 34 -3.07 -10.78 -18.13
C ASP E 34 -1.74 -11.49 -18.39
N VAL E 35 -0.63 -10.90 -17.93
CA VAL E 35 0.68 -11.49 -18.16
C VAL E 35 0.90 -12.78 -17.37
N THR E 36 0.05 -13.08 -16.40
CA THR E 36 0.14 -14.32 -15.64
C THR E 36 -0.60 -15.47 -16.30
N ASP E 37 -1.38 -15.19 -17.35
CA ASP E 37 -2.14 -16.22 -18.04
C ASP E 37 -1.29 -16.92 -19.09
N GLU E 38 -1.51 -18.23 -19.23
CA GLU E 38 -0.80 -19.00 -20.25
CA GLU E 38 -0.82 -19.01 -20.26
C GLU E 38 -0.92 -18.35 -21.63
N ALA E 39 -1.98 -17.57 -21.86
CA ALA E 39 -2.18 -16.89 -23.14
C ALA E 39 -1.03 -15.95 -23.49
N ILE E 40 -0.31 -15.42 -22.50
CA ILE E 40 0.75 -14.45 -22.77
C ILE E 40 1.87 -15.05 -23.60
N ARG E 41 1.99 -16.39 -23.66
CA ARG E 41 3.08 -17.01 -24.40
C ARG E 41 2.77 -16.98 -25.90
N CYS E 42 1.78 -17.77 -26.33
CA CYS E 42 1.45 -17.85 -27.74
C CYS E 42 -0.01 -17.62 -28.06
N TYR E 43 -0.85 -17.36 -27.05
CA TYR E 43 -2.22 -16.94 -27.28
C TYR E 43 -3.00 -17.94 -28.13
N GLU E 44 -2.67 -19.24 -28.03
CA GLU E 44 -3.28 -20.22 -28.93
C GLU E 44 -4.79 -20.27 -28.79
N LEU E 45 -5.45 -20.58 -29.90
CA LEU E 45 -6.87 -20.89 -29.89
C LEU E 45 -7.16 -22.10 -29.01
N ASP E 46 -6.28 -23.11 -29.09
CA ASP E 46 -6.45 -24.35 -28.35
C ASP E 46 -5.06 -24.89 -28.06
N TYR E 47 -4.64 -24.89 -26.79
CA TYR E 47 -3.25 -25.19 -26.46
C TYR E 47 -2.82 -26.57 -26.95
N SER E 48 -3.71 -27.56 -26.87
CA SER E 48 -3.32 -28.91 -27.25
C SER E 48 -3.45 -29.17 -28.74
N ALA E 49 -4.41 -28.54 -29.42
CA ALA E 49 -4.63 -28.85 -30.83
C ALA E 49 -3.88 -27.90 -31.75
N THR E 50 -3.87 -26.60 -31.46
CA THR E 50 -3.37 -25.62 -32.43
C THR E 50 -1.94 -25.86 -32.90
N PRO E 51 -0.97 -26.27 -32.08
CA PRO E 51 0.38 -26.50 -32.64
C PRO E 51 0.39 -27.53 -33.74
N GLY E 52 -0.32 -28.65 -33.54
CA GLY E 52 -0.41 -29.68 -34.55
C GLY E 52 -1.14 -29.23 -35.79
N GLU E 53 -1.93 -28.17 -35.70
CA GLU E 53 -2.62 -27.57 -36.82
C GLU E 53 -1.77 -26.54 -37.54
N THR E 54 -0.49 -26.43 -37.21
CA THR E 54 0.37 -25.37 -37.71
C THR E 54 1.61 -25.95 -38.37
N ASN E 55 1.93 -25.47 -39.58
CA ASN E 55 3.09 -25.95 -40.33
C ASN E 55 4.38 -25.34 -39.77
N ILE E 56 5.51 -25.84 -40.26
CA ILE E 56 6.82 -25.41 -39.76
C ILE E 56 7.59 -24.81 -40.91
N ALA E 57 8.06 -23.57 -40.72
CA ALA E 57 8.77 -22.85 -41.76
C ALA E 57 10.27 -23.03 -41.62
N THR E 58 10.92 -23.44 -42.70
CA THR E 58 12.37 -23.62 -42.72
C THR E 58 13.00 -22.32 -43.17
N VAL E 59 13.91 -21.79 -42.34
CA VAL E 59 14.60 -20.54 -42.62
C VAL E 59 16.05 -20.69 -42.22
N SER E 60 16.89 -19.83 -42.80
CA SER E 60 18.32 -19.83 -42.55
C SER E 60 18.68 -18.88 -41.42
N ALA E 61 19.60 -19.30 -40.56
CA ALA E 61 20.15 -18.38 -39.57
C ALA E 61 20.81 -17.20 -40.28
N GLY E 62 20.69 -16.02 -39.68
CA GLY E 62 21.17 -14.80 -40.30
C GLY E 62 20.20 -14.14 -41.24
N SER E 63 19.14 -14.83 -41.66
CA SER E 63 18.18 -14.26 -42.59
C SER E 63 17.15 -13.38 -41.87
N THR E 64 16.46 -12.58 -42.67
CA THR E 64 15.39 -11.72 -42.20
C THR E 64 14.07 -12.48 -42.20
N VAL E 65 13.35 -12.39 -41.07
CA VAL E 65 11.98 -12.89 -40.94
C VAL E 65 11.13 -11.77 -40.35
N GLY E 66 9.84 -12.05 -40.18
CA GLY E 66 8.97 -11.06 -39.59
C GLY E 66 7.54 -11.54 -39.53
N MET E 67 6.65 -10.60 -39.21
CA MET E 67 5.24 -10.90 -39.05
C MET E 67 4.42 -9.79 -39.68
N GLN E 68 3.36 -10.15 -40.39
CA GLN E 68 2.42 -9.19 -40.91
C GLN E 68 1.09 -9.39 -40.18
N GLY E 69 0.49 -8.29 -39.72
CA GLY E 69 -0.80 -8.36 -39.08
C GLY E 69 -1.92 -8.42 -40.09
N ASN E 70 -3.14 -8.67 -39.60
CA ASN E 70 -4.34 -8.58 -40.41
C ASN E 70 -4.82 -7.13 -40.54
N GLY E 71 -3.99 -6.19 -40.10
CA GLY E 71 -4.25 -4.78 -40.28
C GLY E 71 -3.08 -4.02 -39.75
N ALA E 72 -3.13 -2.71 -39.91
CA ALA E 72 -2.04 -1.86 -39.43
C ALA E 72 -1.99 -1.86 -37.91
N PHE E 73 -0.77 -1.77 -37.38
CA PHE E 73 -0.55 -1.78 -35.94
C PHE E 73 -0.79 -0.39 -35.36
N TYR E 74 -2.08 -0.01 -35.32
CA TYR E 74 -2.44 1.39 -35.11
C TYR E 74 -2.38 1.81 -33.66
N HIS E 75 -2.26 0.87 -32.68
CA HIS E 75 -2.01 1.33 -31.33
C HIS E 75 -0.53 1.70 -31.16
N PRO E 76 -0.22 2.71 -30.34
CA PRO E 76 1.18 3.00 -30.01
C PRO E 76 1.73 1.96 -29.05
N GLY E 77 2.90 1.43 -29.36
CA GLY E 77 3.40 0.39 -28.48
C GLY E 77 4.82 -0.01 -28.74
N TYR E 78 5.21 -1.04 -28.00
CA TYR E 78 6.53 -1.65 -28.03
C TYR E 78 6.42 -3.00 -28.72
N PHE E 79 7.37 -3.28 -29.60
CA PHE E 79 7.41 -4.55 -30.30
C PHE E 79 8.61 -5.35 -29.82
N SER E 80 8.47 -6.67 -29.83
CA SER E 80 9.59 -7.53 -29.49
C SER E 80 9.47 -8.83 -30.26
N ALA E 81 10.58 -9.55 -30.33
CA ALA E 81 10.60 -10.87 -30.92
C ALA E 81 11.46 -11.74 -30.02
N TYR E 82 10.94 -12.91 -29.68
CA TYR E 82 11.63 -13.90 -28.87
C TYR E 82 11.71 -15.23 -29.62
N LEU E 83 12.80 -15.95 -29.39
CA LEU E 83 12.95 -17.33 -29.84
C LEU E 83 13.02 -18.25 -28.62
N SER E 84 12.57 -19.47 -28.82
CA SER E 84 12.85 -20.57 -27.90
C SER E 84 13.15 -21.80 -28.75
N GLN E 85 14.21 -22.53 -28.39
CA GLN E 85 14.37 -23.87 -28.94
C GLN E 85 13.04 -24.61 -28.75
N ALA E 86 12.65 -25.40 -29.72
CA ALA E 86 11.34 -26.05 -29.72
C ALA E 86 11.52 -27.56 -29.69
N SER E 87 11.24 -28.17 -28.54
CA SER E 87 11.37 -29.60 -28.35
C SER E 87 10.04 -30.21 -27.93
N PRO E 88 9.67 -31.37 -28.50
CA PRO E 88 10.45 -32.17 -29.46
C PRO E 88 10.50 -31.56 -30.86
N ALA E 89 9.59 -30.63 -31.10
CA ALA E 89 9.47 -29.99 -32.41
C ALA E 89 8.71 -28.67 -32.27
N ALA E 90 8.82 -27.84 -33.30
CA ALA E 90 8.15 -26.54 -33.26
C ALA E 90 6.63 -26.68 -33.29
N ASN E 91 6.10 -27.80 -33.78
CA ASN E 91 4.64 -27.97 -33.81
C ASN E 91 4.13 -28.76 -32.60
N SER E 92 4.89 -28.81 -31.51
CA SER E 92 4.42 -29.49 -30.32
C SER E 92 3.96 -28.48 -29.28
N PRO E 93 2.86 -28.76 -28.57
CA PRO E 93 2.44 -27.89 -27.47
C PRO E 93 3.42 -27.85 -26.30
N ASP E 94 4.40 -28.76 -26.24
CA ASP E 94 5.41 -28.70 -25.19
C ASP E 94 6.49 -27.67 -25.48
N ALA E 95 6.61 -27.23 -26.72
CA ALA E 95 7.69 -26.30 -27.10
C ALA E 95 7.55 -24.98 -26.35
N GLY E 96 8.68 -24.50 -25.85
CA GLY E 96 8.69 -23.22 -25.17
C GLY E 96 7.97 -23.20 -23.84
N THR E 97 7.67 -24.38 -23.25
CA THR E 97 6.99 -24.40 -21.96
C THR E 97 7.95 -24.24 -20.79
N ALA E 98 9.26 -24.33 -21.03
CA ALA E 98 10.26 -24.13 -19.99
C ALA E 98 10.85 -22.72 -20.13
N SER E 99 11.84 -22.42 -19.30
CA SER E 99 12.49 -21.11 -19.30
C SER E 99 13.61 -21.11 -20.33
N THR E 100 13.21 -21.07 -21.61
CA THR E 100 14.14 -21.12 -22.74
C THR E 100 13.96 -19.97 -23.73
N TRP E 101 13.15 -18.97 -23.40
CA TRP E 101 12.90 -17.85 -24.33
C TRP E 101 13.97 -16.78 -24.19
N PHE E 102 14.52 -16.31 -25.32
CA PHE E 102 15.46 -15.20 -25.33
C PHE E 102 15.06 -14.16 -26.37
N LYS E 103 15.27 -12.89 -26.04
CA LYS E 103 14.91 -11.80 -26.94
C LYS E 103 15.96 -11.68 -28.04
N ILE E 104 15.50 -11.54 -29.28
CA ILE E 104 16.38 -11.32 -30.43
C ILE E 104 16.17 -9.96 -31.08
N TRP E 105 15.14 -9.21 -30.70
CA TRP E 105 14.82 -7.98 -31.39
C TRP E 105 13.76 -7.22 -30.60
N GLU E 106 13.87 -5.89 -30.63
CA GLU E 106 12.86 -5.03 -30.05
C GLU E 106 12.86 -3.70 -30.79
N ASP E 107 11.71 -3.03 -30.73
CA ASP E 107 11.53 -1.72 -31.36
C ASP E 107 10.75 -0.88 -30.37
N PRO E 108 11.44 -0.15 -29.49
CA PRO E 108 10.76 0.55 -28.38
C PRO E 108 10.40 1.99 -28.72
N PRO E 109 9.46 2.57 -27.99
CA PRO E 109 9.31 4.03 -27.94
C PRO E 109 10.48 4.70 -27.23
N VAL E 110 10.75 5.96 -27.58
CA VAL E 110 11.86 6.72 -27.02
C VAL E 110 11.36 8.00 -26.33
N PHE E 111 11.93 8.29 -25.15
CA PHE E 111 11.62 9.49 -24.35
C PHE E 111 12.55 10.62 -24.73
N GLU E 112 12.05 11.60 -25.48
CA GLU E 112 12.89 12.69 -25.95
C GLU E 112 12.07 13.97 -26.04
N ASN E 113 12.68 15.09 -25.63
CA ASN E 113 12.04 16.41 -25.68
C ASN E 113 10.72 16.41 -24.92
N GLY E 114 10.70 15.72 -23.77
CA GLY E 114 9.52 15.71 -22.93
C GLY E 114 8.36 14.87 -23.41
N ALA E 115 8.55 14.07 -24.47
CA ALA E 115 7.46 13.24 -24.98
C ALA E 115 8.00 11.90 -25.49
N LEU E 116 7.15 10.87 -25.40
CA LEU E 116 7.48 9.57 -25.97
C LEU E 116 7.19 9.58 -27.45
N VAL E 117 8.12 9.09 -28.24
CA VAL E 117 7.94 8.93 -29.67
C VAL E 117 7.89 7.43 -29.97
N PHE E 118 6.74 6.95 -30.59
CA PHE E 118 6.44 5.55 -30.80
C PHE E 118 6.79 5.12 -32.22
N PRO E 119 7.06 3.81 -32.41
CA PRO E 119 7.20 3.27 -33.78
C PRO E 119 5.99 3.56 -34.63
N SER E 120 6.16 3.43 -35.95
CA SER E 120 5.12 3.81 -36.89
C SER E 120 3.82 3.06 -36.61
N GLN E 121 2.71 3.80 -36.59
CA GLN E 121 1.38 3.23 -36.42
C GLN E 121 0.66 3.06 -37.75
N SER E 122 1.37 3.16 -38.87
CA SER E 122 0.79 2.88 -40.17
C SER E 122 1.30 1.60 -40.78
N ILE E 123 2.34 0.99 -40.17
CA ILE E 123 2.90 -0.27 -40.65
C ILE E 123 2.00 -1.41 -40.23
N ASP E 124 1.96 -2.45 -41.05
CA ASP E 124 1.32 -3.70 -40.67
C ASP E 124 2.34 -4.84 -40.64
N GLN E 125 3.63 -4.53 -40.57
CA GLN E 125 4.65 -5.57 -40.53
C GLN E 125 5.77 -5.17 -39.59
N VAL E 126 6.48 -6.19 -39.13
CA VAL E 126 7.77 -6.02 -38.49
C VAL E 126 8.69 -7.04 -39.13
N THR E 127 9.96 -6.68 -39.29
CA THR E 127 10.95 -7.61 -39.79
C THR E 127 12.21 -7.48 -38.95
N PHE E 128 12.97 -8.56 -38.87
CA PHE E 128 14.16 -8.62 -38.03
C PHE E 128 14.99 -9.82 -38.44
N THR E 129 16.14 -9.99 -37.78
CA THR E 129 17.14 -10.95 -38.18
C THR E 129 17.20 -12.08 -37.18
N ILE E 130 17.11 -13.31 -37.69
CA ILE E 130 17.51 -14.50 -36.94
C ILE E 130 19.01 -14.43 -36.74
N PRO E 131 19.52 -14.47 -35.52
CA PRO E 131 20.99 -14.36 -35.34
C PRO E 131 21.75 -15.44 -36.11
N LYS E 132 22.83 -15.01 -36.76
CA LYS E 132 23.62 -15.94 -37.58
C LYS E 132 24.24 -17.05 -36.73
N ASN E 133 24.65 -16.72 -35.51
CA ASN E 133 25.29 -17.72 -34.68
C ASN E 133 24.28 -18.59 -33.94
N LEU E 134 22.99 -18.48 -34.23
CA LEU E 134 22.00 -19.35 -33.59
C LEU E 134 22.22 -20.79 -34.06
N PRO E 135 22.28 -21.76 -33.14
CA PRO E 135 22.43 -23.17 -33.56
C PRO E 135 21.23 -23.64 -34.35
N SER E 136 21.51 -24.47 -35.35
CA SER E 136 20.45 -25.06 -36.15
C SER E 136 19.50 -25.85 -35.27
N GLY E 137 18.25 -25.91 -35.69
CA GLY E 137 17.24 -26.65 -34.95
C GLY E 137 15.87 -26.01 -35.12
N GLN E 138 14.92 -26.56 -34.37
CA GLN E 138 13.54 -26.08 -34.42
C GLN E 138 13.34 -25.05 -33.31
N TYR E 139 12.65 -23.97 -33.65
CA TYR E 139 12.42 -22.89 -32.71
C TYR E 139 10.96 -22.44 -32.83
N LEU E 140 10.44 -21.93 -31.71
CA LEU E 140 9.25 -21.10 -31.74
C LEU E 140 9.68 -19.63 -31.82
N LEU E 141 9.01 -18.88 -32.68
CA LEU E 141 9.22 -17.44 -32.79
C LEU E 141 7.98 -16.74 -32.24
N ARG E 142 8.16 -15.98 -31.18
CA ARG E 142 7.09 -15.21 -30.57
C ARG E 142 7.29 -13.73 -30.90
N THR E 143 6.31 -13.14 -31.58
CA THR E 143 6.30 -11.71 -31.87
C THR E 143 5.11 -11.05 -31.18
N GLU E 144 5.36 -9.90 -30.59
CA GLU E 144 4.31 -9.19 -29.85
C GLU E 144 4.43 -7.70 -30.07
N GLN E 145 3.29 -7.04 -30.04
CA GLN E 145 3.23 -5.63 -29.70
C GLN E 145 2.60 -5.50 -28.32
N ILE E 146 3.25 -4.76 -27.44
CA ILE E 146 2.65 -4.30 -26.20
C ILE E 146 2.08 -2.92 -26.49
N ALA E 147 0.78 -2.84 -26.70
CA ALA E 147 0.11 -1.57 -26.95
C ALA E 147 -0.10 -0.86 -25.61
N LEU E 148 0.22 0.43 -25.57
CA LEU E 148 0.32 1.15 -24.31
C LEU E 148 -0.68 2.29 -24.16
N HIS E 149 -1.67 2.39 -25.06
CA HIS E 149 -2.60 3.52 -25.04
C HIS E 149 -3.46 3.58 -23.78
N VAL E 150 -3.67 2.45 -23.10
CA VAL E 150 -4.40 2.54 -21.83
C VAL E 150 -3.60 1.83 -20.75
N ALA E 151 -2.27 1.93 -20.81
CA ALA E 151 -1.40 1.16 -19.92
C ALA E 151 -1.07 1.87 -18.62
N SER E 152 -1.71 2.99 -18.31
CA SER E 152 -1.30 3.74 -17.13
C SER E 152 -1.69 3.05 -15.83
N THR E 153 -2.53 2.02 -15.88
CA THR E 153 -2.85 1.23 -14.70
C THR E 153 -2.38 -0.21 -14.88
N PHE E 154 -2.18 -0.87 -13.75
CA PHE E 154 -1.78 -2.27 -13.76
C PHE E 154 -2.81 -3.10 -14.48
N GLY E 155 -2.36 -3.97 -15.38
CA GLY E 155 -3.25 -4.72 -16.24
C GLY E 155 -3.78 -3.95 -17.43
N GLY E 156 -3.35 -2.71 -17.62
CA GLY E 156 -3.85 -1.92 -18.74
C GLY E 156 -3.16 -2.17 -20.06
N ALA E 157 -1.88 -2.58 -20.03
CA ALA E 157 -1.16 -2.91 -21.24
C ALA E 157 -1.88 -4.00 -22.01
N GLN E 158 -1.80 -3.93 -23.33
CA GLN E 158 -2.47 -4.87 -24.22
C GLN E 158 -1.44 -5.60 -25.06
N PHE E 159 -1.57 -6.92 -25.13
CA PHE E 159 -0.58 -7.77 -25.81
C PHE E 159 -1.22 -8.39 -27.03
N TYR E 160 -0.65 -8.09 -28.20
CA TYR E 160 -1.05 -8.70 -29.46
C TYR E 160 0.08 -9.60 -29.91
N ILE E 161 -0.21 -10.89 -30.05
CA ILE E 161 0.82 -11.93 -30.06
C ILE E 161 0.58 -12.88 -31.21
N GLY E 162 1.67 -13.30 -31.86
CA GLY E 162 1.64 -14.43 -32.77
C GLY E 162 2.90 -15.26 -32.63
N CYS E 163 2.79 -16.58 -32.60
CA CYS E 163 3.94 -17.47 -32.51
C CYS E 163 4.11 -18.23 -33.83
N ALA E 164 5.25 -18.07 -34.46
CA ALA E 164 5.57 -18.84 -35.65
C ALA E 164 6.43 -20.05 -35.27
N GLN E 165 6.22 -21.13 -36.02
CA GLN E 165 6.96 -22.37 -35.83
C GLN E 165 8.04 -22.46 -36.88
N LEU E 166 9.30 -22.50 -36.43
CA LEU E 166 10.45 -22.40 -37.30
C LEU E 166 11.33 -23.64 -37.23
N ASN E 167 11.96 -23.94 -38.36
CA ASN E 167 13.09 -24.86 -38.46
C ASN E 167 14.28 -24.09 -38.99
N VAL E 168 15.25 -23.79 -38.12
CA VAL E 168 16.42 -22.99 -38.49
C VAL E 168 17.55 -23.89 -38.99
N VAL E 169 18.06 -23.57 -40.18
CA VAL E 169 19.14 -24.30 -40.83
C VAL E 169 20.35 -23.36 -41.01
N ASP E 170 21.51 -23.95 -41.33
CA ASP E 170 22.75 -23.20 -41.57
C ASP E 170 23.13 -22.37 -40.35
N GLY E 171 23.02 -22.95 -39.17
CA GLY E 171 23.23 -22.21 -37.95
C GLY E 171 24.66 -22.24 -37.46
N GLY E 172 24.87 -21.65 -36.30
CA GLY E 172 26.17 -21.56 -35.70
C GLY E 172 26.27 -22.37 -34.44
N SER E 173 27.08 -21.88 -33.50
CA SER E 173 27.34 -22.58 -32.25
C SER E 173 27.14 -21.67 -31.04
N GLY E 174 26.44 -20.56 -31.20
CA GLY E 174 26.18 -19.67 -30.08
C GLY E 174 25.41 -20.35 -28.98
N THR E 175 25.40 -19.70 -27.82
CA THR E 175 24.63 -20.17 -26.67
C THR E 175 23.67 -19.06 -26.24
N PRO E 176 22.41 -19.10 -26.68
CA PRO E 176 21.52 -17.95 -26.48
C PRO E 176 21.19 -17.69 -25.01
N GLY E 177 21.00 -16.42 -24.70
CA GLY E 177 20.64 -16.01 -23.36
C GLY E 177 20.66 -14.50 -23.23
N PRO E 178 20.18 -13.96 -22.10
CA PRO E 178 19.56 -14.73 -21.01
C PRO E 178 18.18 -15.28 -21.39
N THR E 179 17.79 -16.38 -20.75
CA THR E 179 16.53 -17.04 -21.11
C THR E 179 15.50 -16.80 -20.03
N VAL E 180 14.23 -16.77 -20.44
CA VAL E 180 13.10 -16.53 -19.55
C VAL E 180 11.95 -17.45 -19.95
N ALA E 181 10.90 -17.45 -19.13
CA ALA E 181 9.69 -18.20 -19.39
C ALA E 181 8.53 -17.27 -19.71
N PHE E 182 7.56 -17.80 -20.45
CA PHE E 182 6.28 -17.14 -20.68
C PHE E 182 5.19 -18.14 -20.30
N PRO E 183 4.34 -17.85 -19.30
CA PRO E 183 4.42 -16.64 -18.47
C PRO E 183 5.63 -16.60 -17.54
N GLY E 184 5.96 -15.42 -17.03
CA GLY E 184 7.12 -15.31 -16.17
C GLY E 184 7.97 -14.10 -16.49
N ALA E 185 8.25 -13.88 -17.77
CA ALA E 185 9.16 -12.82 -18.16
C ALA E 185 8.63 -11.44 -17.77
N TYR E 186 7.31 -11.27 -17.77
CA TYR E 186 6.68 -10.00 -17.44
C TYR E 186 5.88 -10.17 -16.16
N THR E 187 5.93 -9.17 -15.29
CA THR E 187 5.10 -9.11 -14.10
C THR E 187 3.92 -8.16 -14.27
N GLY E 188 4.03 -7.19 -15.17
CA GLY E 188 3.03 -6.15 -15.32
C GLY E 188 3.39 -4.84 -14.66
N ASN E 189 4.43 -4.81 -13.82
CA ASN E 189 4.87 -3.61 -13.12
C ASN E 189 6.06 -2.92 -13.77
N GLU E 190 6.57 -3.47 -14.86
CA GLU E 190 7.73 -2.90 -15.52
C GLU E 190 7.43 -1.47 -15.96
N PRO E 191 8.39 -0.54 -15.81
CA PRO E 191 8.13 0.85 -16.23
C PRO E 191 7.90 0.98 -17.73
N GLY E 192 8.22 -0.04 -18.51
CA GLY E 192 7.89 -0.04 -19.92
C GLY E 192 6.54 -0.65 -20.25
N ILE E 193 5.86 -1.20 -19.25
CA ILE E 193 4.57 -1.85 -19.46
C ILE E 193 3.47 -1.18 -18.66
N LEU E 194 3.76 -0.84 -17.40
CA LEU E 194 2.90 -0.04 -16.53
C LEU E 194 3.38 1.41 -16.66
N ILE E 195 2.76 2.16 -17.57
CA ILE E 195 3.31 3.46 -17.92
C ILE E 195 2.19 4.35 -18.44
N ASN E 196 2.14 5.61 -17.96
CA ASN E 196 1.20 6.60 -18.48
C ASN E 196 1.94 7.38 -19.55
N ILE E 197 1.75 6.99 -20.81
CA ILE E 197 2.51 7.54 -21.91
C ILE E 197 2.10 8.96 -22.29
N TYR E 198 1.00 9.46 -21.75
CA TYR E 198 0.55 10.80 -22.09
C TYR E 198 0.93 11.83 -21.04
N ASP E 199 0.99 11.42 -19.77
CA ASP E 199 1.38 12.27 -18.66
C ASP E 199 2.38 11.50 -17.83
N LEU E 200 3.65 11.59 -18.18
CA LEU E 200 4.66 10.83 -17.47
C LEU E 200 4.89 11.42 -16.07
N PRO E 201 5.24 10.58 -15.09
CA PRO E 201 5.55 11.09 -13.75
C PRO E 201 6.69 12.11 -13.78
N ALA E 202 6.72 12.96 -12.75
CA ALA E 202 7.58 14.14 -12.78
C ALA E 202 9.06 13.77 -12.93
N GLY E 203 9.51 12.72 -12.24
CA GLY E 203 10.90 12.32 -12.33
C GLY E 203 11.18 11.29 -13.40
N TYR E 204 10.43 11.34 -14.50
CA TYR E 204 10.58 10.36 -15.58
C TYR E 204 11.92 10.56 -16.30
N THR E 205 12.76 9.53 -16.26
CA THR E 205 14.08 9.60 -16.86
C THR E 205 14.11 9.15 -18.33
N GLY E 206 13.36 8.12 -18.68
CA GLY E 206 13.34 7.58 -20.03
C GLY E 206 12.69 6.21 -20.06
N TYR E 207 12.40 5.75 -21.28
CA TYR E 207 11.73 4.46 -21.48
C TYR E 207 12.69 3.30 -21.26
N GLN E 208 12.26 2.30 -20.50
CA GLN E 208 13.02 1.07 -20.28
CA GLN E 208 13.02 1.08 -20.27
C GLN E 208 12.27 -0.11 -20.86
N SER E 209 12.87 -0.77 -21.84
CA SER E 209 12.24 -1.93 -22.47
C SER E 209 12.04 -3.06 -21.46
N PRO E 210 10.91 -3.75 -21.49
CA PRO E 210 10.71 -4.92 -20.63
C PRO E 210 11.47 -6.13 -21.16
N GLY E 211 11.59 -7.12 -20.30
CA GLY E 211 12.19 -8.39 -20.65
C GLY E 211 13.71 -8.36 -20.62
N PRO E 212 14.33 -9.51 -20.88
CA PRO E 212 15.79 -9.59 -20.79
C PRO E 212 16.46 -8.92 -21.98
N ALA E 213 17.78 -8.80 -21.89
CA ALA E 213 18.55 -8.15 -22.94
C ALA E 213 18.50 -8.95 -24.23
N VAL E 214 18.56 -8.22 -25.35
CA VAL E 214 18.60 -8.86 -26.67
C VAL E 214 19.82 -9.75 -26.73
N TRP E 215 19.68 -10.91 -27.37
CA TRP E 215 20.81 -11.76 -27.68
C TRP E 215 21.05 -11.73 -29.18
N GLN E 216 22.24 -11.25 -29.57
CA GLN E 216 22.55 -11.02 -30.97
C GLN E 216 23.49 -12.05 -31.56
N GLY E 217 24.24 -12.77 -30.73
CA GLY E 217 25.14 -13.81 -31.22
C GLY E 217 26.09 -14.33 -30.16
N HIS F 1 17.07 30.05 -6.78
CA HIS F 1 18.07 31.03 -7.23
C HIS F 1 18.91 30.49 -8.40
N TYR F 2 18.56 30.92 -9.61
CA TYR F 2 19.27 30.46 -10.78
C TYR F 2 18.98 31.40 -11.94
N THR F 3 19.93 31.47 -12.86
CA THR F 3 19.76 32.23 -14.09
C THR F 3 19.33 31.26 -15.18
N LEU F 4 18.87 31.83 -16.30
CA LEU F 4 18.52 31.07 -17.49
C LEU F 4 19.34 31.60 -18.66
N PRO F 5 20.64 31.34 -18.70
CA PRO F 5 21.52 32.01 -19.66
C PRO F 5 21.72 31.32 -20.99
N ASP F 6 21.34 30.06 -21.14
CA ASP F 6 21.74 29.29 -22.32
C ASP F 6 20.52 28.93 -23.15
N LEU F 7 20.45 29.50 -24.35
CA LEU F 7 19.45 29.05 -25.31
C LEU F 7 19.78 27.64 -25.79
N ILE F 8 18.77 26.81 -25.92
CA ILE F 8 18.90 25.52 -26.57
C ILE F 8 18.29 25.65 -27.95
N ALA F 9 19.06 25.29 -28.98
CA ALA F 9 18.62 25.44 -30.36
C ALA F 9 19.50 24.56 -31.24
N ASN F 10 18.92 24.05 -32.32
CA ASN F 10 19.63 23.17 -33.25
C ASN F 10 20.24 21.96 -32.55
N GLY F 11 19.58 21.46 -31.52
CA GLY F 11 20.10 20.31 -30.78
C GLY F 11 21.32 20.57 -29.94
N THR F 12 21.71 21.84 -29.75
CA THR F 12 22.88 22.19 -28.96
C THR F 12 22.51 23.26 -27.94
N VAL F 13 23.34 23.37 -26.91
CA VAL F 13 23.20 24.35 -25.85
C VAL F 13 24.13 25.51 -26.19
N ALA F 14 23.58 26.73 -26.30
CA ALA F 14 24.41 27.91 -26.56
C ALA F 14 25.16 28.31 -25.29
N ALA F 15 26.14 29.19 -25.47
CA ALA F 15 26.93 29.66 -24.34
C ALA F 15 26.16 30.72 -23.53
N ASP F 16 26.63 30.96 -22.30
CA ASP F 16 25.97 31.89 -21.39
C ASP F 16 25.80 33.27 -22.02
N TRP F 17 24.57 33.76 -22.06
CA TRP F 17 24.20 35.09 -22.54
C TRP F 17 24.53 35.32 -24.02
N GLN F 18 24.84 34.26 -24.76
CA GLN F 18 25.12 34.39 -26.19
C GLN F 18 23.89 34.84 -26.97
N PHE F 19 22.74 34.23 -26.69
CA PHE F 19 21.48 34.56 -27.34
C PHE F 19 20.45 35.02 -26.34
N VAL F 20 20.77 35.01 -25.05
CA VAL F 20 19.86 35.37 -23.99
C VAL F 20 20.27 36.73 -23.43
N ARG F 21 19.30 37.64 -23.29
CA ARG F 21 19.66 38.94 -22.74
C ARG F 21 20.15 38.79 -21.30
N GLU F 22 21.40 39.17 -21.06
CA GLU F 22 21.99 38.99 -19.73
C GLU F 22 21.13 39.70 -18.69
N THR F 23 20.78 38.98 -17.62
CA THR F 23 19.79 39.45 -16.67
C THR F 23 20.43 40.13 -15.47
N ALA F 24 19.62 40.94 -14.76
CA ALA F 24 20.19 41.76 -13.70
C ALA F 24 20.70 40.92 -12.52
N ASN F 25 20.26 39.67 -12.40
CA ASN F 25 20.72 38.78 -11.35
C ASN F 25 21.91 37.92 -11.80
N HIS F 26 22.65 38.37 -12.82
CA HIS F 26 23.71 37.52 -13.35
C HIS F 26 24.77 37.16 -12.33
N TYR F 27 24.85 37.87 -11.20
CA TYR F 27 25.69 37.45 -10.08
C TYR F 27 24.88 36.98 -8.87
N THR F 28 23.78 37.65 -8.53
CA THR F 28 23.03 37.26 -7.34
C THR F 28 22.19 36.02 -7.56
N ASN F 29 21.82 35.72 -8.81
CA ASN F 29 20.86 34.67 -9.13
C ASN F 29 19.48 34.89 -8.52
N GLY F 30 19.18 36.08 -7.99
CA GLY F 30 17.92 36.33 -7.33
C GLY F 30 16.74 36.53 -8.27
N PRO F 31 15.53 36.36 -7.76
CA PRO F 31 14.32 36.46 -8.61
C PRO F 31 13.78 37.87 -8.75
N VAL F 32 12.96 38.04 -9.80
CA VAL F 32 12.00 39.14 -9.85
C VAL F 32 10.83 38.79 -8.94
N THR F 33 10.38 39.75 -8.15
CA THR F 33 9.26 39.54 -7.26
C THR F 33 8.15 40.56 -7.46
N ASP F 34 8.33 41.55 -8.33
CA ASP F 34 7.34 42.59 -8.56
C ASP F 34 6.85 42.50 -10.00
N VAL F 35 5.60 42.05 -10.18
CA VAL F 35 5.07 41.88 -11.54
C VAL F 35 4.77 43.20 -12.24
N THR F 36 4.75 44.33 -11.52
CA THR F 36 4.55 45.64 -12.11
C THR F 36 5.85 46.28 -12.57
N ASP F 37 6.98 45.70 -12.22
CA ASP F 37 8.27 46.25 -12.59
C ASP F 37 8.63 45.80 -14.00
N GLU F 38 9.40 46.64 -14.71
CA GLU F 38 9.78 46.31 -16.07
C GLU F 38 10.55 45.01 -16.14
N ALA F 39 11.27 44.68 -15.07
CA ALA F 39 12.06 43.46 -15.00
C ALA F 39 11.26 42.19 -15.28
N ILE F 40 9.95 42.20 -15.05
CA ILE F 40 9.14 41.00 -15.22
C ILE F 40 9.14 40.52 -16.66
N ARG F 41 9.48 41.39 -17.61
CA ARG F 41 9.47 41.00 -19.02
C ARG F 41 10.71 40.18 -19.35
N CYS F 42 11.88 40.81 -19.32
CA CYS F 42 13.11 40.09 -19.69
C CYS F 42 14.22 40.21 -18.65
N TYR F 43 14.00 40.92 -17.55
CA TYR F 43 14.93 40.94 -16.43
C TYR F 43 16.32 41.44 -16.83
N GLU F 44 16.41 42.30 -17.84
CA GLU F 44 17.71 42.67 -18.39
C GLU F 44 18.59 43.34 -17.35
N LEU F 45 19.91 43.11 -17.47
CA LEU F 45 20.90 43.84 -16.68
C LEU F 45 20.85 45.34 -16.99
N ASP F 46 20.68 45.70 -18.25
CA ASP F 46 20.70 47.08 -18.68
C ASP F 46 19.69 47.19 -19.82
N TYR F 47 18.55 47.85 -19.57
CA TYR F 47 17.47 47.82 -20.56
C TYR F 47 17.91 48.40 -21.90
N SER F 48 18.71 49.47 -21.89
CA SER F 48 19.05 50.13 -23.16
C SER F 48 20.23 49.48 -23.84
N ALA F 49 21.15 48.88 -23.09
CA ALA F 49 22.37 48.30 -23.65
C ALA F 49 22.28 46.80 -23.93
N THR F 50 21.72 46.00 -23.02
CA THR F 50 21.84 44.54 -23.14
C THR F 50 21.32 43.96 -24.47
N PRO F 51 20.18 44.37 -25.03
CA PRO F 51 19.75 43.73 -26.29
C PRO F 51 20.76 43.85 -27.39
N GLY F 52 21.36 45.03 -27.58
CA GLY F 52 22.36 45.17 -28.62
C GLY F 52 23.61 44.35 -28.39
N GLU F 53 23.93 43.97 -27.16
CA GLU F 53 25.07 43.09 -26.91
C GLU F 53 24.72 41.62 -26.90
N THR F 54 23.54 41.27 -27.37
CA THR F 54 23.05 39.91 -27.36
C THR F 54 22.90 39.50 -28.82
N ASN F 55 23.45 38.35 -29.17
CA ASN F 55 23.33 37.89 -30.55
C ASN F 55 21.93 37.37 -30.83
N ILE F 56 21.68 37.09 -32.10
CA ILE F 56 20.38 36.66 -32.57
C ILE F 56 20.52 35.27 -33.16
N ALA F 57 19.69 34.35 -32.67
CA ALA F 57 19.76 32.96 -33.06
C ALA F 57 18.78 32.69 -34.18
N THR F 58 19.26 32.12 -35.28
CA THR F 58 18.39 31.75 -36.40
C THR F 58 17.94 30.32 -36.17
N VAL F 59 16.61 30.09 -36.13
CA VAL F 59 16.05 28.76 -35.93
C VAL F 59 14.87 28.57 -36.87
N SER F 60 14.54 27.32 -37.15
CA SER F 60 13.42 27.03 -38.05
C SER F 60 12.14 26.85 -37.25
N ALA F 61 11.04 27.35 -37.80
CA ALA F 61 9.73 27.08 -37.23
C ALA F 61 9.49 25.58 -37.22
N GLY F 62 8.84 25.08 -36.17
CA GLY F 62 8.69 23.66 -35.99
C GLY F 62 9.83 22.99 -35.26
N SER F 63 10.97 23.67 -35.11
CA SER F 63 12.10 23.04 -34.45
C SER F 63 11.92 23.10 -32.93
N THR F 64 12.72 22.29 -32.24
CA THR F 64 12.78 22.29 -30.79
C THR F 64 13.79 23.32 -30.31
N VAL F 65 13.38 24.14 -29.36
CA VAL F 65 14.26 25.08 -28.67
C VAL F 65 14.06 24.88 -27.18
N GLY F 66 14.77 25.67 -26.37
CA GLY F 66 14.62 25.54 -24.94
C GLY F 66 15.58 26.45 -24.22
N MET F 67 15.69 26.24 -22.90
CA MET F 67 16.56 27.03 -22.05
C MET F 67 17.24 26.14 -21.04
N GLN F 68 18.53 26.34 -20.83
CA GLN F 68 19.26 25.66 -19.77
C GLN F 68 19.61 26.69 -18.72
N GLY F 69 19.36 26.37 -17.44
CA GLY F 69 19.73 27.23 -16.34
C GLY F 69 21.18 27.06 -15.97
N ASN F 70 21.67 27.94 -15.09
CA ASN F 70 23.03 27.79 -14.56
C ASN F 70 23.08 26.79 -13.41
N GLY F 71 22.00 26.07 -13.16
CA GLY F 71 21.94 25.01 -12.18
C GLY F 71 20.56 24.39 -12.26
N ALA F 72 20.34 23.35 -11.45
CA ALA F 72 19.02 22.72 -11.46
C ALA F 72 17.96 23.67 -10.90
N PHE F 73 16.75 23.53 -11.43
CA PHE F 73 15.61 24.35 -11.02
C PHE F 73 14.96 23.75 -9.77
N TYR F 74 15.63 23.92 -8.63
CA TYR F 74 15.26 23.15 -7.45
C TYR F 74 14.04 23.70 -6.69
N HIS F 75 13.59 24.95 -6.98
CA HIS F 75 12.32 25.38 -6.38
C HIS F 75 11.14 24.76 -7.13
N PRO F 76 10.06 24.43 -6.41
CA PRO F 76 8.83 23.99 -7.09
C PRO F 76 8.15 25.16 -7.77
N GLY F 77 7.73 24.96 -9.02
CA GLY F 77 7.11 26.08 -9.68
C GLY F 77 6.40 25.70 -10.96
N TYR F 78 5.91 26.74 -11.61
CA TYR F 78 5.23 26.69 -12.88
C TYR F 78 6.20 27.25 -13.91
N PHE F 79 6.30 26.58 -15.06
CA PHE F 79 7.18 27.00 -16.14
C PHE F 79 6.35 27.48 -17.32
N SER F 80 6.84 28.49 -18.04
CA SER F 80 6.15 28.94 -19.25
C SER F 80 7.14 29.48 -20.26
N ALA F 81 6.68 29.57 -21.51
CA ALA F 81 7.41 30.18 -22.60
C ALA F 81 6.44 30.99 -23.44
N TYR F 82 6.82 32.23 -23.70
CA TYR F 82 6.07 33.17 -24.51
C TYR F 82 6.95 33.63 -25.65
N LEU F 83 6.34 33.89 -26.80
CA LEU F 83 7.00 34.57 -27.89
C LEU F 83 6.37 35.94 -28.08
N SER F 84 7.18 36.89 -28.54
CA SER F 84 6.65 38.14 -29.04
C SER F 84 7.41 38.47 -30.33
N GLN F 85 6.68 38.75 -31.40
CA GLN F 85 7.31 39.35 -32.56
C GLN F 85 8.12 40.55 -32.09
N ALA F 86 9.29 40.73 -32.67
CA ALA F 86 10.27 41.66 -32.12
C ALA F 86 10.44 42.80 -33.10
N SER F 87 9.95 43.98 -32.73
CA SER F 87 10.06 45.14 -33.60
C SER F 87 10.85 46.26 -32.90
N PRO F 88 11.80 46.89 -33.59
CA PRO F 88 12.20 46.65 -34.97
C PRO F 88 13.05 45.39 -35.15
N ALA F 89 13.57 44.85 -34.05
CA ALA F 89 14.43 43.67 -34.15
C ALA F 89 14.52 43.01 -32.78
N ALA F 90 14.96 41.75 -32.76
CA ALA F 90 15.09 41.03 -31.50
C ALA F 90 16.19 41.62 -30.60
N ASN F 91 17.17 42.30 -31.18
CA ASN F 91 18.21 42.93 -30.37
C ASN F 91 17.90 44.40 -30.09
N SER F 92 16.64 44.79 -30.17
CA SER F 92 16.22 46.15 -29.85
C SER F 92 15.54 46.18 -28.49
N PRO F 93 15.83 47.22 -27.68
CA PRO F 93 15.08 47.37 -26.41
C PRO F 93 13.62 47.67 -26.62
N ASP F 94 13.18 48.02 -27.83
CA ASP F 94 11.76 48.25 -28.10
C ASP F 94 10.96 46.97 -28.27
N ALA F 95 11.61 45.83 -28.53
CA ALA F 95 10.91 44.57 -28.77
C ALA F 95 10.13 44.14 -27.53
N GLY F 96 8.87 43.74 -27.74
CA GLY F 96 8.03 43.23 -26.68
C GLY F 96 7.53 44.22 -25.65
N THR F 97 7.60 45.51 -25.94
CA THR F 97 7.10 46.56 -25.06
C THR F 97 5.60 46.79 -25.21
N ALA F 98 4.97 46.21 -26.22
CA ALA F 98 3.53 46.31 -26.43
C ALA F 98 2.85 45.01 -26.01
N SER F 99 1.54 44.92 -26.25
CA SER F 99 0.78 43.72 -25.92
C SER F 99 0.86 42.72 -27.07
N THR F 100 2.05 42.15 -27.25
CA THR F 100 2.32 41.25 -28.37
C THR F 100 2.85 39.87 -27.96
N TRP F 101 2.87 39.56 -26.66
CA TRP F 101 3.36 38.29 -26.17
C TRP F 101 2.27 37.24 -26.21
N PHE F 102 2.58 36.07 -26.75
CA PHE F 102 1.65 34.94 -26.70
C PHE F 102 2.36 33.72 -26.11
N LYS F 103 1.60 32.95 -25.35
CA LYS F 103 2.16 31.76 -24.71
C LYS F 103 2.22 30.62 -25.73
N ILE F 104 3.37 29.94 -25.79
CA ILE F 104 3.50 28.78 -26.65
C ILE F 104 3.70 27.48 -25.89
N TRP F 105 3.90 27.54 -24.58
CA TRP F 105 4.21 26.34 -23.83
C TRP F 105 4.13 26.67 -22.34
N GLU F 106 3.70 25.68 -21.57
CA GLU F 106 3.73 25.81 -20.13
C GLU F 106 3.85 24.42 -19.55
N ASP F 107 4.37 24.37 -18.33
CA ASP F 107 4.51 23.11 -17.60
C ASP F 107 4.08 23.41 -16.18
N PRO F 108 2.80 23.22 -15.87
CA PRO F 108 2.25 23.63 -14.57
C PRO F 108 2.34 22.53 -13.53
N PRO F 109 2.25 22.85 -12.25
CA PRO F 109 1.93 21.82 -11.28
C PRO F 109 0.54 21.28 -11.55
N VAL F 110 0.31 20.03 -11.19
CA VAL F 110 -0.99 19.39 -11.38
C VAL F 110 -1.53 18.99 -10.01
N PHE F 111 -2.82 19.26 -9.80
CA PHE F 111 -3.53 18.95 -8.57
C PHE F 111 -4.04 17.51 -8.66
N GLU F 112 -3.44 16.63 -7.89
CA GLU F 112 -3.80 15.22 -7.87
C GLU F 112 -3.58 14.68 -6.46
N ASN F 113 -4.46 13.79 -6.02
CA ASN F 113 -4.39 13.21 -4.68
C ASN F 113 -4.29 14.27 -3.59
N GLY F 114 -5.02 15.37 -3.79
CA GLY F 114 -5.12 16.41 -2.79
C GLY F 114 -3.90 17.29 -2.63
N ALA F 115 -2.89 17.14 -3.49
CA ALA F 115 -1.66 17.89 -3.38
C ALA F 115 -1.16 18.29 -4.76
N LEU F 116 -0.41 19.38 -4.82
CA LEU F 116 0.15 19.82 -6.09
C LEU F 116 1.37 18.97 -6.42
N VAL F 117 1.45 18.49 -7.64
CA VAL F 117 2.62 17.77 -8.11
C VAL F 117 3.35 18.67 -9.10
N PHE F 118 4.61 18.98 -8.80
CA PHE F 118 5.35 19.94 -9.55
C PHE F 118 6.24 19.27 -10.58
N PRO F 119 6.57 19.97 -11.65
CA PRO F 119 7.59 19.47 -12.56
C PRO F 119 8.88 19.19 -11.80
N SER F 120 9.72 18.35 -12.40
CA SER F 120 10.92 17.89 -11.73
C SER F 120 11.75 19.05 -11.22
N GLN F 121 12.23 18.92 -9.99
CA GLN F 121 13.12 19.87 -9.36
C GLN F 121 14.58 19.43 -9.46
N SER F 122 14.86 18.47 -10.31
CA SER F 122 16.22 18.07 -10.59
C SER F 122 16.68 18.42 -11.99
N ILE F 123 15.77 18.85 -12.89
CA ILE F 123 16.17 19.27 -14.25
C ILE F 123 16.82 20.64 -14.20
N ASP F 124 17.75 20.87 -15.12
CA ASP F 124 18.31 22.20 -15.31
C ASP F 124 17.99 22.75 -16.70
N GLN F 125 17.03 22.15 -17.39
CA GLN F 125 16.64 22.68 -18.68
C GLN F 125 15.18 22.42 -18.92
N VAL F 126 14.64 23.21 -19.82
CA VAL F 126 13.28 23.09 -20.32
C VAL F 126 13.36 23.14 -21.84
N THR F 127 12.52 22.34 -22.52
CA THR F 127 12.47 22.37 -23.98
C THR F 127 11.01 22.35 -24.47
N PHE F 128 10.80 22.88 -25.66
CA PHE F 128 9.47 22.99 -26.24
C PHE F 128 9.67 23.32 -27.72
N THR F 129 8.55 23.47 -28.43
CA THR F 129 8.55 23.55 -29.88
C THR F 129 8.17 24.95 -30.32
N ILE F 130 8.97 25.54 -31.20
CA ILE F 130 8.52 26.72 -31.94
C ILE F 130 7.43 26.21 -32.89
N PRO F 131 6.20 26.72 -32.80
CA PRO F 131 5.11 26.17 -33.62
C PRO F 131 5.42 26.25 -35.11
N LYS F 132 5.07 25.18 -35.84
CA LYS F 132 5.37 25.12 -37.27
C LYS F 132 4.68 26.24 -38.03
N ASN F 133 3.46 26.61 -37.62
CA ASN F 133 2.67 27.62 -38.31
C ASN F 133 3.03 29.05 -37.90
N LEU F 134 4.05 29.25 -37.10
CA LEU F 134 4.44 30.62 -36.73
C LEU F 134 4.97 31.37 -37.95
N PRO F 135 4.52 32.59 -38.20
CA PRO F 135 5.09 33.36 -39.31
C PRO F 135 6.57 33.64 -39.11
N SER F 136 7.32 33.59 -40.22
CA SER F 136 8.74 33.90 -40.18
C SER F 136 8.95 35.32 -39.65
N GLY F 137 10.08 35.53 -39.01
CA GLY F 137 10.43 36.84 -38.52
C GLY F 137 11.28 36.72 -37.27
N GLN F 138 11.59 37.88 -36.70
CA GLN F 138 12.36 37.95 -35.48
C GLN F 138 11.42 37.99 -34.28
N TYR F 139 11.77 37.24 -33.25
CA TYR F 139 10.96 37.12 -32.06
C TYR F 139 11.83 37.18 -30.82
N LEU F 140 11.24 37.65 -29.73
CA LEU F 140 11.76 37.44 -28.39
C LEU F 140 11.11 36.18 -27.83
N LEU F 141 11.92 35.32 -27.23
CA LEU F 141 11.44 34.13 -26.53
C LEU F 141 11.65 34.37 -25.05
N ARG F 142 10.57 34.44 -24.27
CA ARG F 142 10.66 34.62 -22.83
C ARG F 142 10.34 33.30 -22.15
N THR F 143 11.28 32.77 -21.40
CA THR F 143 11.06 31.57 -20.60
C THR F 143 11.17 31.94 -19.13
N GLU F 144 10.24 31.43 -18.32
CA GLU F 144 10.21 31.76 -16.91
C GLU F 144 9.89 30.51 -16.11
N GLN F 145 10.41 30.46 -14.88
CA GLN F 145 9.85 29.66 -13.82
C GLN F 145 9.24 30.61 -12.81
N ILE F 146 8.00 30.38 -12.43
CA ILE F 146 7.37 31.05 -11.29
C ILE F 146 7.49 30.08 -10.12
N ALA F 147 8.46 30.31 -9.24
CA ALA F 147 8.65 29.47 -8.08
C ALA F 147 7.64 29.85 -7.00
N LEU F 148 6.99 28.85 -6.41
CA LEU F 148 5.82 29.09 -5.56
C LEU F 148 6.03 28.65 -4.12
N HIS F 149 7.27 28.31 -3.73
CA HIS F 149 7.50 27.76 -2.39
C HIS F 149 7.17 28.77 -1.30
N VAL F 150 7.22 30.07 -1.59
CA VAL F 150 6.82 31.07 -0.60
C VAL F 150 5.81 32.02 -1.21
N ALA F 151 4.93 31.50 -2.06
CA ALA F 151 3.99 32.33 -2.81
C ALA F 151 2.68 32.61 -2.06
N SER F 152 2.58 32.22 -0.78
CA SER F 152 1.34 32.44 -0.05
C SER F 152 1.14 33.89 0.37
N THR F 153 2.15 34.73 0.26
CA THR F 153 2.01 36.16 0.52
C THR F 153 2.14 36.91 -0.80
N PHE F 154 1.55 38.11 -0.84
CA PHE F 154 1.61 38.91 -2.04
C PHE F 154 3.06 39.27 -2.34
N GLY F 155 3.47 39.12 -3.58
CA GLY F 155 4.87 39.33 -3.89
C GLY F 155 5.78 38.20 -3.48
N GLY F 156 5.23 37.08 -2.96
CA GLY F 156 6.07 35.97 -2.55
C GLY F 156 6.47 35.08 -3.71
N ALA F 157 5.66 35.02 -4.76
CA ALA F 157 6.03 34.28 -5.95
C ALA F 157 7.31 34.84 -6.51
N GLN F 158 8.17 33.96 -7.00
CA GLN F 158 9.50 34.31 -7.49
C GLN F 158 9.59 33.99 -8.97
N PHE F 159 10.11 34.94 -9.74
CA PHE F 159 10.18 34.80 -11.19
C PHE F 159 11.65 34.72 -11.58
N TYR F 160 12.00 33.60 -12.20
CA TYR F 160 13.32 33.39 -12.79
C TYR F 160 13.15 33.36 -14.29
N ILE F 161 13.80 34.28 -14.99
CA ILE F 161 13.43 34.67 -16.35
C ILE F 161 14.65 34.71 -17.24
N GLY F 162 14.50 34.26 -18.49
CA GLY F 162 15.48 34.56 -19.51
C GLY F 162 14.81 34.80 -20.85
N CYS F 163 15.24 35.82 -21.60
CA CYS F 163 14.67 36.11 -22.92
C CYS F 163 15.72 35.84 -23.99
N ALA F 164 15.43 34.93 -24.90
CA ALA F 164 16.31 34.68 -26.03
C ALA F 164 15.86 35.48 -27.25
N GLN F 165 16.83 35.89 -28.05
CA GLN F 165 16.56 36.70 -29.25
C GLN F 165 16.60 35.77 -30.46
N LEU F 166 15.49 35.66 -31.17
CA LEU F 166 15.35 34.67 -32.23
C LEU F 166 15.08 35.31 -33.57
N ASN F 167 15.60 34.66 -34.61
CA ASN F 167 15.22 34.90 -36.00
C ASN F 167 14.62 33.59 -36.51
N VAL F 168 13.30 33.54 -36.62
CA VAL F 168 12.59 32.33 -37.02
C VAL F 168 12.45 32.32 -38.55
N VAL F 169 12.89 31.23 -39.18
CA VAL F 169 12.81 31.10 -40.63
C VAL F 169 11.92 29.91 -40.97
N ASP F 170 11.53 29.85 -42.24
CA ASP F 170 10.75 28.74 -42.79
C ASP F 170 9.43 28.57 -42.02
N GLY F 171 8.77 29.69 -41.80
CA GLY F 171 7.57 29.72 -40.98
C GLY F 171 6.31 29.51 -41.78
N GLY F 172 5.18 29.67 -41.08
CA GLY F 172 3.89 29.45 -41.70
C GLY F 172 3.04 30.69 -41.79
N SER F 173 1.72 30.53 -41.68
CA SER F 173 0.81 31.66 -41.85
C SER F 173 -0.17 31.80 -40.70
N GLY F 174 0.11 31.15 -39.56
CA GLY F 174 -0.77 31.28 -38.42
C GLY F 174 -0.79 32.69 -37.90
N THR F 175 -1.77 32.97 -37.06
CA THR F 175 -1.89 34.27 -36.40
C THR F 175 -1.96 34.09 -34.89
N PRO F 176 -0.85 34.30 -34.19
CA PRO F 176 -0.80 33.97 -32.76
C PRO F 176 -1.68 34.87 -31.90
N GLY F 177 -2.22 34.28 -30.85
CA GLY F 177 -3.02 34.99 -29.88
C GLY F 177 -3.62 34.03 -28.88
N PRO F 178 -4.21 34.54 -27.78
CA PRO F 178 -4.30 35.95 -27.40
C PRO F 178 -2.96 36.50 -26.96
N THR F 179 -2.79 37.80 -27.08
CA THR F 179 -1.54 38.43 -26.73
C THR F 179 -1.73 39.19 -25.43
N VAL F 180 -0.63 39.36 -24.70
CA VAL F 180 -0.61 40.10 -23.45
C VAL F 180 0.66 40.93 -23.42
N ALA F 181 0.75 41.80 -22.42
CA ALA F 181 1.91 42.64 -22.19
C ALA F 181 2.66 42.18 -20.94
N PHE F 182 3.96 42.51 -20.92
CA PHE F 182 4.76 42.34 -19.71
C PHE F 182 5.45 43.67 -19.48
N PRO F 183 5.20 44.35 -18.35
CA PRO F 183 4.23 44.01 -17.30
C PRO F 183 2.80 44.12 -17.81
N GLY F 184 1.84 43.51 -17.12
CA GLY F 184 0.46 43.55 -17.58
C GLY F 184 -0.24 42.21 -17.48
N ALA F 185 0.44 41.15 -17.93
CA ALA F 185 -0.17 39.83 -17.96
C ALA F 185 -0.46 39.29 -16.56
N TYR F 186 0.34 39.66 -15.57
CA TYR F 186 0.18 39.19 -14.21
C TYR F 186 -0.17 40.37 -13.31
N THR F 187 -1.07 40.15 -12.34
CA THR F 187 -1.38 41.16 -11.34
C THR F 187 -0.75 40.89 -9.98
N GLY F 188 -0.46 39.63 -9.65
CA GLY F 188 0.01 39.27 -8.33
C GLY F 188 -1.06 38.68 -7.44
N ASN F 189 -2.33 38.82 -7.83
CA ASN F 189 -3.46 38.23 -7.11
C ASN F 189 -3.94 36.96 -7.77
N GLU F 190 -3.36 36.57 -8.90
CA GLU F 190 -3.82 35.38 -9.60
C GLU F 190 -3.76 34.16 -8.68
N PRO F 191 -4.75 33.28 -8.73
CA PRO F 191 -4.72 32.07 -7.91
C PRO F 191 -3.58 31.11 -8.25
N GLY F 192 -2.92 31.31 -9.39
CA GLY F 192 -1.72 30.54 -9.70
C GLY F 192 -0.44 31.20 -9.25
N ILE F 193 -0.52 32.42 -8.73
CA ILE F 193 0.66 33.18 -8.32
C ILE F 193 0.60 33.49 -6.84
N LEU F 194 -0.56 33.95 -6.36
CA LEU F 194 -0.79 34.13 -4.93
C LEU F 194 -1.44 32.85 -4.43
N ILE F 195 -0.63 31.94 -3.92
CA ILE F 195 -1.12 30.58 -3.67
C ILE F 195 -0.28 29.96 -2.58
N ASN F 196 -0.97 29.31 -1.66
CA ASN F 196 -0.35 28.52 -0.59
C ASN F 196 -0.32 27.09 -1.12
N ILE F 197 0.83 26.68 -1.65
CA ILE F 197 0.90 25.37 -2.29
C ILE F 197 0.86 24.22 -1.30
N TYR F 198 0.98 24.50 0.00
CA TYR F 198 1.06 23.42 0.96
C TYR F 198 -0.27 23.13 1.65
N ASP F 199 -1.12 24.15 1.79
CA ASP F 199 -2.43 24.05 2.43
C ASP F 199 -3.44 24.69 1.48
N LEU F 200 -3.96 23.89 0.56
CA LEU F 200 -4.85 24.42 -0.47
C LEU F 200 -6.26 24.65 0.09
N PRO F 201 -6.97 25.66 -0.42
CA PRO F 201 -8.33 25.91 0.05
C PRO F 201 -9.23 24.69 -0.11
N ALA F 202 -10.27 24.65 0.73
CA ALA F 202 -11.09 23.44 0.85
C ALA F 202 -11.73 23.07 -0.48
N GLY F 203 -12.22 24.07 -1.21
CA GLY F 203 -12.85 23.85 -2.50
C GLY F 203 -11.89 24.00 -3.66
N TYR F 204 -10.63 23.59 -3.47
CA TYR F 204 -9.62 23.80 -4.49
C TYR F 204 -9.95 23.03 -5.76
N THR F 205 -10.15 23.77 -6.85
CA THR F 205 -10.58 23.15 -8.09
C THR F 205 -9.41 22.59 -8.89
N GLY F 206 -8.27 23.26 -8.84
CA GLY F 206 -7.09 22.84 -9.57
C GLY F 206 -6.16 24.00 -9.75
N TYR F 207 -4.94 23.72 -10.22
CA TYR F 207 -4.00 24.81 -10.43
C TYR F 207 -4.45 25.62 -11.65
N GLN F 208 -4.58 26.94 -11.49
CA GLN F 208 -5.00 27.84 -12.54
C GLN F 208 -3.74 28.51 -13.10
N SER F 209 -3.25 27.98 -14.23
CA SER F 209 -2.07 28.59 -14.84
C SER F 209 -2.34 30.07 -15.11
N PRO F 210 -1.43 30.96 -14.77
CA PRO F 210 -1.63 32.38 -15.08
C PRO F 210 -1.36 32.64 -16.56
N GLY F 211 -1.83 33.79 -17.02
CA GLY F 211 -1.62 34.22 -18.38
C GLY F 211 -2.59 33.59 -19.35
N PRO F 212 -2.46 33.94 -20.62
CA PRO F 212 -3.41 33.50 -21.64
C PRO F 212 -3.19 32.05 -22.06
N ALA F 213 -4.14 31.56 -22.85
CA ALA F 213 -4.09 30.19 -23.37
C ALA F 213 -2.93 30.02 -24.36
N VAL F 214 -2.43 28.78 -24.43
CA VAL F 214 -1.35 28.42 -25.33
C VAL F 214 -1.78 28.58 -26.79
N TRP F 215 -0.85 29.03 -27.64
CA TRP F 215 -1.03 29.03 -29.10
C TRP F 215 -0.05 27.99 -29.65
N GLN F 216 -0.59 26.88 -30.19
CA GLN F 216 0.21 25.78 -30.69
C GLN F 216 0.33 25.77 -32.22
N GLY F 217 -0.41 26.63 -32.91
CA GLY F 217 -0.39 26.68 -34.36
C GLY F 217 -1.58 27.39 -34.96
#